data_5NET
#
_entry.id   5NET
#
_cell.length_a   1
_cell.length_b   1
_cell.length_c   1
_cell.angle_alpha   90
_cell.angle_beta   90
_cell.angle_gamma   90
#
_symmetry.space_group_name_H-M   'P 1'
#
loop_
_entity.id
_entity.type
_entity.pdbx_description
1 polymer 'O1 Manisa VP1'
2 polymer 'O1 Manisa VP2'
3 polymer 'O1 Manisa VP3'
4 polymer 'O1 Manisa VP4'
5 polymer 'Integrin alpha-V'
6 polymer 'Integrin beta-6'
7 branched alpha-D-mannopyranose-(1-4)-2-acetamido-2-deoxy-beta-D-glucopyranose-(1-4)-2-acetamido-2-deoxy-beta-D-glucopyranose
8 branched alpha-D-mannopyranose-(1-2)-alpha-D-mannopyranose
9 branched alpha-D-mannopyranose-(1-3)-alpha-D-mannopyranose-(1-4)-2-acetamido-2-deoxy-beta-D-glucopyranose-(1-4)-2-acetamido-2-deoxy-beta-D-glucopyranose
10 branched alpha-D-mannopyranose-(1-4)-alpha-D-mannopyranose-(1-4)-2-acetamido-2-deoxy-beta-D-glucopyranose-(1-4)-2-acetamido-2-deoxy-beta-D-glucopyranose
11 non-polymer alpha-D-mannopyranose
12 non-polymer 2-acetamido-2-deoxy-beta-D-glucopyranose
13 non-polymer 'CALCIUM ION'
#
loop_
_entity_poly.entity_id
_entity_poly.type
_entity_poly.pdbx_seq_one_letter_code
_entity_poly.pdbx_strand_id
1 'polypeptide(L)'
;TTSAGESADPVTATVENYGGETQVQRRQHTDVSFILDRFVKVTPKDQINVLDLMQTPAHTLVGALLRTATYYFADLEVAV
KHEGNLTWVPNGAPEAALDNTTNPTAYHKAPLTRLALPYTAPHRVLATVYNGNSKYGDGTVANVRGDLQVLAQKAARALP
TSFNYGAIKATRVTELLYRMKRAETYCPRPLLAIHPDQARHKQKIVAP
;
1
2 'polypeptide(L)'
;DKKTEETTLLEDRILTTRNGHTTSTTQSSVGVTYGYATAEDFVSGPNTSGLETRVAQAERFFKTHLFDWVTSDPFGRCHL
LELPTDHKGVYGYLTDSYAYMRNGWDVEVTAVGNQFNGGCLLVAMVPELCSIQKRELYQLTLFPHQFINPRTNMTAHITV
PFVGVNRYDQYKVHKPWTLVVMVVAPLTVNSEGAPQIKVYANIAPTNVHVAGEFPSKE
;
2
3 'polypeptide(L)'
;GIFPVACSDGYGGLVTTDPKTADPAYGKVFNPPRNMLPGRFTNFLDVAEACPTFLRFEGDVPYVTTKTDSDRVLAQFDLS
LAAKHMSNTFLAGLAQYYTQYSGTINLHFMFTGPTDAKARYMIAYAPPGMEPPKTPEAAAHCIHAEWDTGLNSKFTFSIP
YLSAADYTYTASDVAETTNVQGWVCLFQITHGKADGDALVVLASAGKDFELRLPVDARTQ
;
3
4 'polypeptide(L)'
;GAGQSSPATGSQNQSGNTGSIINNYYMQQYQNSMDTQLGDNATSGGSNEGSTDTTSTHTTNTQNNDWFSKLASSAFSGLF
GALLA
;
4
5 'polypeptide(L)'
;FNLDVDSPAEYSGPEGSYFGFAVDFFVPSASSRMFLLVGAPKANTTQPGIVEGGQVLKCDWSSTRRCQPIEFDATGNRDY
AKDDPLEFKSHQWFGASVRSKQDKILACAPLYHWRTEMKQEREPVGTCFLQDGTKTVEYAPCRSQDIDADGQGFCQGGFS
IDFTKADRVLLGGPGSFYWQGQLISDQVAEIVSKYDPNVYSIKYNNQLATRTAQAIFDDSYLGYSVAVGDFNGDGIDDFV
SGVPRAARTLGMVYIYDGKNMSSLYNFTGEQMAAYFGFSVAATDINGDDYADVFIGAPLFMDRGSDGKLQEVGQVSVSLQ
RASGDFQTTKLNGFEVFARFGSAIAPLGDLDQDGFNDIAIAAPYGGEDKKGIVYIFNGRSTGLNAVPSQILEGQWAARSC
PPSFGYSMKGATDIDKNGYPDLIVGAFGVDRAILYRARPVITVNAGLEVYPSILNQDNKTCSLPGTALKVSCFNVRFCLK
ADGKGVLPRKLNFQVELLLDKLKQKGAIRRALFLYSRSPSHSKNMTISRGGLMQCEELIAYLRDESEFRDKLTPITIFME
YRLDYRTAADTTGLQPILNQFTPANISRQAHILL
;
A
6 'polypeptide(L)'
;GCALGGAETCEDCLLIGPQCAWCAQENFTHPSGVGERCDTPANLLAKGCQLNFIENPVSQVEILKNKPLSVGRQKNSSDI
VQIAPQSLILKLRPGGAQTLQVHVRQTEDYPVDLYYLMDLSASMDDDLNTIKELGSRLSKEMSKLTSNFRLGFGSFVEKP
VSPFVKTTPEEIANPCSSIPYFCLPTFGFKHILPLTNDAERFNEIVKNQKISANIDTPEGGFDAIMQAAVCKEKIGWRND
SLHLLVFVSDADSHFGMDSKLAGIVCPNDGLCHLDSKNEYSMSTVLEYPTIGQLIDKLVQNNVLLIFAVTQEQVHLYENY
AKLIPGATVGLLQKDSGNILQLIISAYEELRSEVELEVLGDTEGLNLSFTAICNNGTLFQHQKKCSHMKVGDTASFSVTV
NIPHCERRSRHIIIKPVGLGDALELLVSPECNCDCQKEVEVNSSKCHNGNGSFQCGVCACHPGHMGPRCE
;
B
#
loop_
_chem_comp.id
_chem_comp.type
_chem_comp.name
_chem_comp.formula
CA non-polymer 'CALCIUM ION' 'Ca 2'
MAN D-saccharide, alpha linking alpha-D-mannopyranose 'C6 H12 O6'
NAG D-saccharide, beta linking 2-acetamido-2-deoxy-beta-D-glucopyranose 'C8 H15 N O6'
#
# COMPACT_ATOMS: atom_id res chain seq x y z
N THR A 1 43.08 17.77 -28.92
CA THR A 1 44.41 17.60 -28.37
C THR A 1 44.60 16.20 -27.82
N THR A 2 45.51 15.45 -28.42
CA THR A 2 45.89 14.15 -27.90
C THR A 2 46.61 14.33 -26.57
N SER A 3 46.29 13.49 -25.59
CA SER A 3 46.82 13.67 -24.26
C SER A 3 47.22 12.33 -23.67
N ALA A 4 47.71 12.37 -22.44
CA ALA A 4 47.84 11.18 -21.61
C ALA A 4 46.50 10.98 -20.93
N GLY A 5 45.81 9.89 -21.28
CA GLY A 5 44.39 9.79 -20.99
C GLY A 5 44.02 9.54 -19.55
N GLU A 6 44.98 9.26 -18.69
CA GLU A 6 44.66 8.81 -17.34
C GLU A 6 45.34 9.62 -16.26
N SER A 7 46.21 10.57 -16.62
CA SER A 7 46.93 11.36 -15.63
C SER A 7 46.03 12.34 -14.90
N ALA A 8 44.86 12.65 -15.47
CA ALA A 8 43.82 13.48 -14.86
C ALA A 8 44.30 14.89 -14.53
N ASP A 9 45.29 15.36 -15.24
CA ASP A 9 45.62 16.77 -15.24
C ASP A 9 44.71 17.51 -16.21
N PRO A 10 44.43 18.80 -16.00
CA PRO A 10 43.47 19.47 -16.87
C PRO A 10 44.01 19.69 -18.26
N VAL A 11 43.19 19.40 -19.26
CA VAL A 11 43.48 19.69 -20.66
C VAL A 11 42.29 20.43 -21.24
N THR A 12 42.56 21.49 -21.99
CA THR A 12 41.53 22.26 -22.67
C THR A 12 41.92 22.41 -24.13
N ALA A 13 41.44 21.50 -24.96
CA ALA A 13 41.65 21.61 -26.40
C ALA A 13 40.76 22.74 -26.89
N THR A 14 41.36 23.90 -27.12
CA THR A 14 40.59 25.08 -27.44
C THR A 14 40.17 25.08 -28.91
N VAL A 15 39.42 26.11 -29.30
CA VAL A 15 38.87 26.15 -30.65
C VAL A 15 39.88 26.65 -31.66
N GLU A 16 41.09 27.02 -31.22
CA GLU A 16 42.12 27.39 -32.18
C GLU A 16 42.76 26.18 -32.84
N ASN A 17 42.48 24.98 -32.36
CA ASN A 17 43.15 23.79 -32.89
C ASN A 17 42.67 23.43 -34.28
N TYR A 18 41.50 23.91 -34.69
CA TYR A 18 41.00 23.72 -36.05
C TYR A 18 40.66 25.04 -36.69
N GLY A 19 41.45 26.06 -36.39
CA GLY A 19 41.21 27.36 -36.98
C GLY A 19 40.25 28.18 -36.14
N GLY A 20 40.52 29.48 -36.09
CA GLY A 20 39.69 30.37 -35.33
C GLY A 20 40.40 30.96 -34.13
N GLU A 21 39.61 31.50 -33.22
CA GLU A 21 40.15 32.23 -32.09
C GLU A 21 39.09 32.28 -31.00
N THR A 22 39.53 32.56 -29.78
CA THR A 22 38.64 32.64 -28.64
C THR A 22 38.35 34.09 -28.28
N GLN A 23 37.22 34.30 -27.63
CA GLN A 23 36.76 35.63 -27.26
C GLN A 23 36.96 35.85 -25.76
N VAL A 24 36.79 37.10 -25.36
CA VAL A 24 36.89 37.44 -23.94
C VAL A 24 35.64 36.93 -23.23
N GLN A 25 35.86 36.22 -22.14
CA GLN A 25 34.82 35.57 -21.38
C GLN A 25 34.73 36.17 -19.99
N ARG A 26 33.51 36.48 -19.57
CA ARG A 26 33.25 37.11 -18.28
C ARG A 26 32.47 36.14 -17.42
N ARG A 27 32.85 36.04 -16.16
CA ARG A 27 32.34 35.01 -15.27
C ARG A 27 31.84 35.61 -13.97
N GLN A 28 31.21 36.78 -14.02
CA GLN A 28 30.75 37.38 -12.77
C GLN A 28 29.51 36.68 -12.25
N HIS A 29 28.62 36.24 -13.13
CA HIS A 29 27.39 35.60 -12.71
C HIS A 29 27.59 34.18 -12.19
N THR A 30 28.78 33.61 -12.32
CA THR A 30 29.09 32.30 -11.77
C THR A 30 30.06 32.38 -10.60
N ASP A 31 30.28 33.56 -10.05
CA ASP A 31 31.11 33.70 -8.87
C ASP A 31 30.40 33.13 -7.67
N VAL A 32 31.18 32.54 -6.76
CA VAL A 32 30.56 31.84 -5.65
C VAL A 32 30.11 32.81 -4.56
N SER A 33 30.64 34.02 -4.53
CA SER A 33 30.16 35.01 -3.58
C SER A 33 29.02 35.83 -4.13
N PHE A 34 28.87 35.90 -5.46
CA PHE A 34 27.76 36.60 -6.08
C PHE A 34 26.52 35.74 -6.20
N ILE A 35 26.67 34.44 -6.42
CA ILE A 35 25.52 33.61 -6.70
C ILE A 35 24.81 33.15 -5.43
N LEU A 36 25.43 33.32 -4.26
CA LEU A 36 24.87 32.77 -3.05
C LEU A 36 24.22 33.79 -2.12
N ASP A 37 24.51 35.08 -2.29
CA ASP A 37 23.95 36.08 -1.37
C ASP A 37 22.70 36.71 -1.96
N ARG A 38 21.66 35.89 -2.04
CA ARG A 38 20.32 36.34 -2.33
C ARG A 38 19.35 35.51 -1.51
N PHE A 39 18.16 36.06 -1.29
CA PHE A 39 17.22 35.47 -0.35
C PHE A 39 16.59 34.19 -0.90
N VAL A 40 16.43 33.21 -0.01
CA VAL A 40 15.80 31.94 -0.33
C VAL A 40 14.79 31.62 0.78
N LYS A 41 13.66 31.04 0.40
CA LYS A 41 12.63 30.70 1.37
C LYS A 41 12.89 29.30 1.90
N VAL A 42 12.71 29.13 3.20
CA VAL A 42 12.65 27.81 3.82
C VAL A 42 11.32 27.69 4.54
N THR A 43 10.91 26.46 4.78
CA THR A 43 9.67 26.31 5.53
C THR A 43 9.94 26.51 7.03
N PRO A 44 9.14 27.32 7.71
CA PRO A 44 9.32 27.48 9.15
C PRO A 44 8.44 26.53 9.94
N LYS A 45 8.86 26.30 11.18
CA LYS A 45 7.99 25.70 12.19
C LYS A 45 7.13 26.80 12.79
N ASP A 46 6.48 26.52 13.90
CA ASP A 46 5.61 27.55 14.50
C ASP A 46 6.43 28.56 15.28
N GLN A 47 7.24 28.11 16.24
CA GLN A 47 7.98 29.04 17.08
C GLN A 47 9.50 28.92 16.94
N ILE A 48 10.09 27.77 17.20
CA ILE A 48 11.54 27.66 17.34
C ILE A 48 12.14 27.12 16.06
N ASN A 49 13.10 27.84 15.50
CA ASN A 49 13.76 27.46 14.26
C ASN A 49 15.25 27.61 14.42
N VAL A 50 15.97 26.49 14.42
CA VAL A 50 17.42 26.56 14.36
C VAL A 50 17.84 27.07 12.99
N LEU A 51 18.83 27.95 12.96
CA LEU A 51 19.19 28.63 11.72
C LEU A 51 20.31 27.88 10.99
N ASP A 52 20.03 26.63 10.73
CA ASP A 52 20.89 25.78 9.93
C ASP A 52 20.69 26.09 8.45
N LEU A 53 21.78 26.12 7.69
CA LEU A 53 21.65 26.37 6.27
C LEU A 53 21.36 25.11 5.47
N MET A 54 21.46 23.94 6.07
CA MET A 54 21.14 22.72 5.36
C MET A 54 19.69 22.32 5.52
N GLN A 55 18.84 23.20 6.04
CA GLN A 55 17.41 23.01 5.95
C GLN A 55 16.81 23.76 4.77
N THR A 56 17.63 24.45 3.99
CA THR A 56 17.19 24.93 2.70
C THR A 56 16.91 23.72 1.79
N PRO A 57 15.90 23.80 0.94
CA PRO A 57 15.53 22.64 0.13
C PRO A 57 16.57 22.32 -0.94
N ALA A 58 16.44 21.13 -1.51
CA ALA A 58 17.37 20.64 -2.51
C ALA A 58 16.94 20.97 -3.94
N HIS A 59 15.73 21.50 -4.12
CA HIS A 59 15.26 21.90 -5.43
C HIS A 59 15.51 23.37 -5.71
N THR A 60 15.72 24.19 -4.69
CA THR A 60 15.87 25.62 -4.88
C THR A 60 17.27 25.93 -5.42
N LEU A 61 17.53 27.22 -5.66
CA LEU A 61 18.79 27.58 -6.29
C LEU A 61 19.94 27.48 -5.30
N VAL A 62 19.93 28.31 -4.27
CA VAL A 62 21.10 28.34 -3.38
C VAL A 62 21.04 27.28 -2.29
N GLY A 63 20.10 26.35 -2.37
CA GLY A 63 20.16 25.17 -1.52
C GLY A 63 20.83 24.03 -2.26
N ALA A 64 20.50 23.88 -3.55
CA ALA A 64 21.16 22.88 -4.37
C ALA A 64 22.55 23.33 -4.79
N LEU A 65 22.85 24.61 -4.69
CA LEU A 65 24.15 25.13 -5.07
C LEU A 65 25.04 25.35 -3.86
N LEU A 66 24.46 25.35 -2.65
CA LEU A 66 25.25 25.28 -1.44
C LEU A 66 25.75 23.87 -1.18
N ARG A 67 24.96 22.87 -1.55
CA ARG A 67 25.40 21.49 -1.44
C ARG A 67 26.43 21.11 -2.48
N THR A 68 26.80 22.02 -3.37
CA THR A 68 27.97 21.81 -4.21
C THR A 68 29.24 21.79 -3.38
N ALA A 69 29.28 22.49 -2.26
CA ALA A 69 30.47 22.57 -1.44
C ALA A 69 30.46 21.53 -0.34
N THR A 70 31.64 21.04 0.00
CA THR A 70 31.76 20.21 1.19
C THR A 70 31.89 21.06 2.43
N TYR A 71 32.68 22.11 2.35
CA TYR A 71 32.95 22.98 3.48
C TYR A 71 32.64 24.40 3.06
N TYR A 72 31.92 25.13 3.90
CA TYR A 72 31.51 26.48 3.55
C TYR A 72 31.65 27.40 4.74
N PHE A 73 31.96 28.66 4.46
CA PHE A 73 31.96 29.72 5.46
C PHE A 73 31.16 30.88 4.91
N ALA A 74 30.15 31.32 5.66
CA ALA A 74 29.32 32.41 5.19
C ALA A 74 28.60 33.04 6.37
N ASP A 75 28.61 34.35 6.41
CA ASP A 75 27.77 35.07 7.36
C ASP A 75 26.34 35.10 6.88
N LEU A 76 25.43 34.85 7.80
CA LEU A 76 24.00 34.75 7.51
C LEU A 76 23.30 36.03 7.92
N GLU A 77 22.42 36.51 7.06
CA GLU A 77 21.42 37.47 7.49
C GLU A 77 20.05 36.95 7.10
N VAL A 78 19.12 37.03 8.01
CA VAL A 78 17.80 36.46 7.83
C VAL A 78 16.81 37.59 7.61
N ALA A 79 15.64 37.23 7.09
CA ALA A 79 14.52 38.17 6.96
C ALA A 79 13.25 37.38 7.24
N VAL A 80 12.58 37.71 8.33
CA VAL A 80 11.48 36.91 8.86
C VAL A 80 10.24 37.77 9.01
N LYS A 81 9.12 37.28 8.50
CA LYS A 81 7.83 37.91 8.66
C LYS A 81 7.08 37.17 9.76
N HIS A 82 6.80 37.85 10.86
CA HIS A 82 6.29 37.20 12.05
C HIS A 82 5.25 38.08 12.72
N GLU A 83 4.73 37.61 13.84
CA GLU A 83 4.00 38.44 14.77
C GLU A 83 4.47 38.11 16.18
N GLY A 84 4.44 39.10 17.04
CA GLY A 84 5.08 38.97 18.33
C GLY A 84 6.47 39.57 18.30
N ASN A 85 7.34 38.97 19.09
CA ASN A 85 8.73 39.41 19.20
C ASN A 85 9.65 38.24 18.94
N LEU A 86 10.71 38.47 18.19
CA LEU A 86 11.57 37.41 17.68
C LEU A 86 12.96 37.52 18.28
N THR A 87 13.31 36.57 19.14
CA THR A 87 14.57 36.59 19.84
C THR A 87 15.56 35.67 19.13
N TRP A 88 16.67 36.22 18.67
CA TRP A 88 17.76 35.42 18.16
C TRP A 88 18.64 34.98 19.31
N VAL A 89 19.18 33.78 19.21
CA VAL A 89 20.07 33.23 20.23
C VAL A 89 21.33 32.69 19.53
N PRO A 90 22.53 32.99 20.05
CA PRO A 90 23.76 32.45 19.46
C PRO A 90 23.92 30.94 19.53
N ASN A 91 25.04 30.46 18.98
CA ASN A 91 25.29 29.03 18.87
C ASN A 91 25.56 28.42 20.25
N GLY A 92 24.83 27.37 20.57
CA GLY A 92 25.14 26.58 21.74
C GLY A 92 24.64 27.12 23.06
N ALA A 93 23.73 28.04 23.04
CA ALA A 93 23.09 28.42 24.29
C ALA A 93 21.97 27.44 24.59
N PRO A 94 21.56 27.32 25.85
CA PRO A 94 20.40 26.48 26.16
C PRO A 94 19.13 27.04 25.53
N GLU A 95 18.23 26.13 25.15
CA GLU A 95 17.05 26.54 24.43
C GLU A 95 16.01 27.20 25.33
N ALA A 96 16.23 27.17 26.65
CA ALA A 96 15.44 27.99 27.56
C ALA A 96 15.79 29.47 27.47
N ALA A 97 16.91 29.81 26.83
CA ALA A 97 17.29 31.20 26.65
C ALA A 97 16.65 31.83 25.42
N LEU A 98 15.67 31.17 24.81
CA LEU A 98 14.93 31.81 23.72
C LEU A 98 13.88 32.76 24.27
N ASP A 99 13.41 32.53 25.49
CA ASP A 99 12.33 33.34 26.03
C ASP A 99 12.82 34.68 26.55
N ASN A 100 14.08 34.75 26.96
CA ASN A 100 14.62 35.97 27.57
C ASN A 100 14.85 37.05 26.53
N THR A 101 14.55 38.29 26.91
CA THR A 101 14.59 39.41 25.99
C THR A 101 15.92 40.16 25.99
N THR A 102 16.85 39.79 26.87
CA THR A 102 18.19 40.38 26.83
C THR A 102 18.93 39.92 25.58
N ASN A 103 18.65 38.70 25.12
CA ASN A 103 19.04 38.21 23.82
C ASN A 103 18.44 39.10 22.73
N PRO A 104 19.08 39.20 21.55
CA PRO A 104 18.73 40.26 20.61
C PRO A 104 17.35 40.14 19.96
N THR A 105 16.31 40.59 20.65
CA THR A 105 14.98 40.56 20.06
C THR A 105 14.87 41.63 18.99
N ALA A 106 13.89 41.45 18.11
CA ALA A 106 13.47 42.49 17.19
C ALA A 106 11.98 42.69 17.39
N TYR A 107 11.60 43.90 17.79
CA TYR A 107 10.18 44.19 17.95
C TYR A 107 9.50 44.24 16.59
N HIS A 108 8.20 44.00 16.60
CA HIS A 108 7.46 43.87 15.36
C HIS A 108 7.32 45.21 14.69
N LYS A 109 7.92 45.33 13.50
CA LYS A 109 7.78 46.50 12.66
C LYS A 109 7.27 45.99 11.32
N ALA A 110 6.17 46.54 10.86
CA ALA A 110 5.46 45.96 9.73
C ALA A 110 6.23 46.20 8.42
N PRO A 111 6.28 45.22 7.51
CA PRO A 111 5.77 43.85 7.67
C PRO A 111 6.79 42.84 8.19
N LEU A 112 8.07 43.06 7.94
CA LEU A 112 9.08 42.05 8.25
C LEU A 112 10.32 42.72 8.81
N THR A 113 11.16 41.91 9.46
CA THR A 113 12.34 42.40 10.17
C THR A 113 13.56 41.61 9.71
N ARG A 114 14.45 42.27 8.98
CA ARG A 114 15.69 41.65 8.53
C ARG A 114 16.85 42.16 9.37
N LEU A 115 17.77 41.25 9.68
CA LEU A 115 18.85 41.54 10.61
C LEU A 115 20.03 40.64 10.32
N ALA A 116 21.23 41.19 10.49
CA ALA A 116 22.46 40.54 10.08
C ALA A 116 23.13 39.84 11.25
N LEU A 117 23.38 38.55 11.10
CA LEU A 117 23.90 37.72 12.15
C LEU A 117 25.35 37.37 11.85
N PRO A 118 26.19 37.22 12.85
CA PRO A 118 27.57 36.81 12.60
C PRO A 118 27.70 35.30 12.56
N TYR A 119 28.84 34.84 12.08
CA TYR A 119 29.21 33.44 12.14
C TYR A 119 29.54 33.09 13.58
N THR A 120 28.64 32.36 14.24
CA THR A 120 28.81 32.08 15.67
C THR A 120 29.26 30.65 15.94
N ALA A 121 29.57 29.87 14.90
CA ALA A 121 29.96 28.49 15.10
C ALA A 121 31.35 28.42 15.73
N PRO A 122 31.64 27.36 16.49
CA PRO A 122 33.00 27.22 17.02
C PRO A 122 34.00 26.76 15.99
N HIS A 123 33.56 26.09 14.93
CA HIS A 123 34.46 25.50 13.96
C HIS A 123 35.03 26.57 13.05
N ARG A 124 36.18 26.28 12.47
CA ARG A 124 36.79 27.22 11.51
C ARG A 124 35.95 27.32 10.24
N VAL A 125 35.41 26.21 9.76
CA VAL A 125 34.58 26.15 8.56
C VAL A 125 33.46 25.15 8.85
N LEU A 126 32.22 25.51 8.52
CA LEU A 126 31.12 24.56 8.63
C LEU A 126 31.19 23.53 7.51
N ALA A 127 30.23 22.61 7.49
CA ALA A 127 30.22 21.58 6.47
C ALA A 127 28.80 21.22 6.09
N THR A 128 28.62 20.87 4.82
CA THR A 128 27.30 20.50 4.30
C THR A 128 26.71 19.17 4.81
N VAL A 129 27.54 18.14 4.83
CA VAL A 129 27.10 16.81 5.26
C VAL A 129 28.13 16.07 6.10
N TYR A 130 28.30 16.46 7.35
CA TYR A 130 29.27 15.79 8.21
C TYR A 130 28.91 14.32 8.44
N ASN A 131 29.91 13.45 8.39
CA ASN A 131 29.73 12.02 8.62
C ASN A 131 30.78 11.45 9.56
N GLY A 132 30.65 11.78 10.84
CA GLY A 132 31.58 11.29 11.85
C GLY A 132 31.58 9.79 11.83
N ASN A 133 30.45 9.21 12.21
CA ASN A 133 30.30 7.76 12.24
C ASN A 133 28.85 7.34 12.01
N SER A 134 28.33 7.66 10.83
CA SER A 134 26.95 7.32 10.48
C SER A 134 26.90 6.43 9.24
N LYS A 135 27.78 6.72 8.28
CA LYS A 135 27.84 5.96 7.05
C LYS A 135 29.16 5.21 6.92
N TYR A 136 29.09 4.01 6.35
CA TYR A 136 30.27 3.17 6.12
C TYR A 136 31.23 3.82 5.12
N GLY A 137 30.68 4.36 4.04
CA GLY A 137 29.70 3.67 3.22
C GLY A 137 30.14 3.35 1.80
N ASP A 138 30.21 2.07 1.49
CA ASP A 138 30.57 1.61 0.15
C ASP A 138 29.45 0.77 -0.46
N GLY A 139 28.38 0.58 0.30
CA GLY A 139 27.25 -0.24 -0.13
C GLY A 139 26.39 -0.62 1.04
N THR A 140 25.53 0.29 1.49
CA THR A 140 24.68 0.04 2.65
C THR A 140 23.74 -1.16 2.42
N VAL A 141 23.59 -1.96 3.47
CA VAL A 141 22.76 -3.15 3.42
C VAL A 141 21.26 -2.90 3.56
N ALA A 142 20.48 -3.73 2.86
CA ALA A 142 19.02 -3.66 2.90
C ALA A 142 18.57 -3.86 4.33
N ASN A 143 17.82 -2.89 4.84
CA ASN A 143 17.41 -2.88 6.23
C ASN A 143 15.91 -2.71 6.36
N VAL A 144 15.42 -1.56 5.90
CA VAL A 144 14.09 -1.08 6.21
C VAL A 144 13.40 -0.64 4.93
N ARG A 145 12.28 -1.29 4.60
CA ARG A 145 11.44 -0.93 3.47
C ARG A 145 9.99 -1.14 3.87
N GLY A 146 9.08 -0.55 3.10
CA GLY A 146 7.69 -0.54 3.49
C GLY A 146 7.38 0.64 4.39
N ASP A 147 6.49 0.44 5.36
CA ASP A 147 6.09 1.52 6.27
C ASP A 147 7.30 2.13 6.98
N LEU A 148 8.07 1.31 7.68
CA LEU A 148 9.20 1.82 8.47
C LEU A 148 10.18 2.64 7.67
N GLN A 149 10.14 2.57 6.35
CA GLN A 149 11.18 3.18 5.52
C GLN A 149 11.24 4.69 5.68
N VAL A 150 10.08 5.35 5.83
CA VAL A 150 10.06 6.80 5.90
C VAL A 150 10.89 7.30 7.07
N LEU A 151 10.79 6.63 8.22
CA LEU A 151 11.56 7.06 9.38
C LEU A 151 13.02 6.63 9.25
N ALA A 152 13.27 5.53 8.56
CA ALA A 152 14.64 5.03 8.35
C ALA A 152 15.49 5.99 7.54
N GLN A 153 14.89 7.01 6.93
CA GLN A 153 15.64 7.92 6.07
C GLN A 153 16.41 8.94 6.92
N LYS A 154 15.92 9.22 8.12
CA LYS A 154 16.57 10.17 9.02
C LYS A 154 17.67 9.51 9.86
N ALA A 155 17.94 8.23 9.61
CA ALA A 155 19.00 7.52 10.31
C ALA A 155 20.38 8.14 10.02
N ALA A 156 20.56 8.59 8.78
CA ALA A 156 21.82 9.15 8.29
C ALA A 156 21.97 10.69 8.37
N ARG A 157 21.10 11.35 9.13
CA ARG A 157 21.13 12.80 9.25
C ARG A 157 22.40 13.35 9.92
N ALA A 158 22.73 14.61 9.64
CA ALA A 158 23.92 15.26 10.18
C ALA A 158 23.92 15.38 11.71
N LEU A 159 25.09 15.16 12.32
CA LEU A 159 25.21 15.21 13.78
C LEU A 159 25.88 16.41 14.49
N PRO A 160 26.69 17.21 13.77
CA PRO A 160 27.26 18.28 14.58
C PRO A 160 26.22 19.32 14.88
N THR A 161 25.48 19.09 15.95
CA THR A 161 24.51 20.06 16.44
C THR A 161 25.16 21.41 16.66
N SER A 162 26.48 21.46 16.56
CA SER A 162 27.15 22.74 16.46
C SER A 162 27.23 23.26 15.04
N PHE A 163 26.54 22.69 14.01
CA PHE A 163 26.44 23.26 12.66
C PHE A 163 25.15 24.06 12.54
N ASN A 164 25.12 25.20 13.22
CA ASN A 164 23.99 26.10 13.12
C ASN A 164 24.45 27.51 13.46
N TYR A 165 23.68 28.48 13.00
CA TYR A 165 23.91 29.88 13.29
C TYR A 165 23.12 30.33 14.50
N GLY A 166 22.43 29.41 15.16
CA GLY A 166 21.62 29.74 16.30
C GLY A 166 20.15 29.47 16.03
N ALA A 167 19.31 30.05 16.88
CA ALA A 167 17.88 29.77 16.79
C ALA A 167 17.11 31.05 17.01
N ILE A 168 15.97 31.16 16.33
CA ILE A 168 15.05 32.28 16.49
C ILE A 168 13.72 31.76 17.00
N LYS A 169 13.07 32.52 17.87
CA LYS A 169 11.83 32.09 18.48
C LYS A 169 10.87 33.27 18.52
N ALA A 170 9.70 33.09 17.94
CA ALA A 170 8.66 34.12 17.95
C ALA A 170 7.36 33.48 18.41
N THR A 171 6.28 34.26 18.36
CA THR A 171 4.97 33.72 18.70
C THR A 171 4.47 32.80 17.59
N ARG A 172 4.56 33.27 16.34
CA ARG A 172 4.29 32.44 15.18
C ARG A 172 5.00 33.06 14.00
N VAL A 173 6.08 32.45 13.55
CA VAL A 173 6.75 32.90 12.33
C VAL A 173 5.94 32.43 11.15
N THR A 174 5.88 33.25 10.11
CA THR A 174 5.12 32.92 8.92
C THR A 174 6.01 32.57 7.75
N GLU A 175 7.01 33.39 7.46
CA GLU A 175 7.94 33.09 6.37
C GLU A 175 9.28 33.71 6.69
N LEU A 176 10.29 32.87 6.87
CA LEU A 176 11.62 33.35 7.20
C LEU A 176 12.59 32.97 6.10
N LEU A 177 13.42 33.92 5.70
CA LEU A 177 14.23 33.81 4.49
C LEU A 177 15.70 33.91 4.85
N TYR A 178 16.52 33.07 4.22
CA TYR A 178 17.96 33.05 4.42
C TYR A 178 18.67 33.69 3.22
N ARG A 179 19.79 34.34 3.50
CA ARG A 179 20.80 34.59 2.48
C ARG A 179 22.14 34.57 3.16
N MET A 180 23.18 34.20 2.42
CA MET A 180 24.50 33.97 2.98
C MET A 180 25.55 34.77 2.22
N LYS A 181 26.22 35.67 2.93
CA LYS A 181 27.15 36.58 2.29
C LYS A 181 28.56 36.39 2.82
N ARG A 182 29.50 36.96 2.08
CA ARG A 182 30.94 36.72 2.20
C ARG A 182 31.25 35.23 2.11
N ALA A 183 30.54 34.54 1.22
CA ALA A 183 30.55 33.08 1.20
C ALA A 183 31.84 32.55 0.60
N GLU A 184 32.51 31.68 1.35
CA GLU A 184 33.68 30.95 0.89
C GLU A 184 33.30 29.49 0.83
N THR A 185 33.64 28.83 -0.26
CA THR A 185 33.36 27.41 -0.40
C THR A 185 34.64 26.64 -0.65
N TYR A 186 34.62 25.36 -0.29
CA TYR A 186 35.78 24.51 -0.39
C TYR A 186 35.31 23.15 -0.87
N CYS A 187 36.19 22.41 -1.57
CA CYS A 187 36.04 20.99 -1.88
C CYS A 187 34.75 20.62 -2.58
N PRO A 188 34.60 20.87 -3.88
CA PRO A 188 33.30 20.72 -4.54
C PRO A 188 32.76 19.30 -4.55
N ARG A 189 31.43 19.21 -4.61
CA ARG A 189 30.64 17.99 -4.63
C ARG A 189 29.81 17.98 -5.91
N PRO A 190 29.29 16.84 -6.34
CA PRO A 190 28.50 16.82 -7.59
C PRO A 190 27.15 17.51 -7.47
N LEU A 191 26.77 18.14 -8.59
CA LEU A 191 25.55 18.91 -8.75
C LEU A 191 24.73 18.27 -9.85
N LEU A 192 23.45 18.04 -9.60
CA LEU A 192 22.63 17.23 -10.47
C LEU A 192 21.48 18.04 -11.06
N ALA A 193 21.33 17.96 -12.37
CA ALA A 193 20.13 18.44 -13.04
C ALA A 193 19.19 17.27 -13.28
N ILE A 194 17.90 17.58 -13.43
CA ILE A 194 16.89 16.54 -13.43
C ILE A 194 16.91 15.76 -14.73
N HIS A 195 16.41 14.53 -14.68
CA HIS A 195 16.65 13.55 -15.73
C HIS A 195 15.58 13.64 -16.81
N PRO A 196 15.93 13.91 -18.05
CA PRO A 196 14.93 13.91 -19.12
C PRO A 196 14.50 12.50 -19.46
N ASP A 197 13.22 12.34 -19.76
CA ASP A 197 12.72 11.09 -20.32
C ASP A 197 12.57 11.16 -21.83
N GLN A 198 12.61 12.35 -22.39
CA GLN A 198 12.48 12.54 -23.83
C GLN A 198 13.88 12.57 -24.45
N ALA A 199 13.96 13.00 -25.71
CA ALA A 199 15.26 13.21 -26.33
C ALA A 199 15.99 14.36 -25.66
N ARG A 200 15.27 15.42 -25.32
CA ARG A 200 15.80 16.53 -24.54
C ARG A 200 14.69 17.06 -23.64
N HIS A 201 15.08 17.49 -22.44
CA HIS A 201 14.11 18.01 -21.49
C HIS A 201 13.55 19.34 -21.96
N LYS A 202 12.42 19.29 -22.66
CA LYS A 202 11.78 20.49 -23.18
C LYS A 202 10.71 20.93 -22.20
N GLN A 203 10.88 22.11 -21.64
CA GLN A 203 9.91 22.74 -20.77
C GLN A 203 9.39 24.01 -21.43
N LYS A 204 8.26 24.50 -20.93
CA LYS A 204 7.61 25.66 -21.51
C LYS A 204 8.36 26.91 -21.10
N ILE A 205 9.14 27.46 -22.03
CA ILE A 205 9.90 28.67 -21.75
C ILE A 205 8.97 29.87 -21.88
N VAL A 206 9.40 31.00 -21.31
CA VAL A 206 8.55 32.19 -21.33
C VAL A 206 8.57 32.81 -22.72
N ALA A 207 7.42 33.32 -23.15
CA ALA A 207 7.25 33.84 -24.50
C ALA A 207 6.07 34.79 -24.49
N PRO A 208 6.07 35.84 -25.33
CA PRO A 208 4.95 36.77 -25.42
C PRO A 208 3.65 36.14 -25.93
N ASP B 12 64.13 9.87 -18.17
CA ASP B 12 63.63 11.19 -17.80
C ASP B 12 62.59 11.09 -16.68
N ARG B 13 62.37 9.87 -16.19
CA ARG B 13 61.27 9.56 -15.28
C ARG B 13 61.83 9.13 -13.93
N ILE B 14 61.36 9.77 -12.86
CA ILE B 14 61.52 9.30 -11.49
C ILE B 14 60.16 8.81 -11.04
N LEU B 15 60.01 7.50 -10.88
CA LEU B 15 58.69 6.87 -10.78
C LEU B 15 58.61 5.90 -9.61
N THR B 16 59.49 6.10 -8.61
CA THR B 16 59.61 5.21 -7.45
C THR B 16 59.41 6.06 -6.20
N THR B 17 58.25 5.93 -5.58
CA THR B 17 57.99 6.68 -4.35
C THR B 17 58.40 5.89 -3.12
N ARG B 18 58.57 6.60 -2.01
CA ARG B 18 58.80 5.96 -0.73
C ARG B 18 58.33 6.89 0.38
N ASN B 19 57.82 6.28 1.45
CA ASN B 19 57.39 6.99 2.64
C ASN B 19 58.00 6.32 3.84
N GLY B 20 58.95 6.97 4.48
CA GLY B 20 59.62 6.36 5.60
C GLY B 20 60.59 5.30 5.10
N HIS B 21 60.53 4.12 5.70
CA HIS B 21 61.46 3.05 5.35
C HIS B 21 60.84 2.01 4.43
N THR B 22 59.73 2.34 3.77
CA THR B 22 59.09 1.46 2.80
C THR B 22 59.03 2.14 1.45
N THR B 23 59.37 1.41 0.39
CA THR B 23 59.37 1.96 -0.95
C THR B 23 58.25 1.33 -1.78
N SER B 24 57.99 1.93 -2.93
CA SER B 24 56.96 1.40 -3.84
C SER B 24 57.34 1.80 -5.26
N THR B 25 57.96 0.90 -5.99
CA THR B 25 58.39 1.14 -7.36
C THR B 25 57.34 0.63 -8.32
N THR B 26 56.82 1.52 -9.16
CA THR B 26 55.98 1.12 -10.27
C THR B 26 56.58 1.66 -11.56
N GLN B 27 56.46 0.87 -12.62
CA GLN B 27 57.03 1.21 -13.91
C GLN B 27 55.97 1.73 -14.88
N SER B 28 54.72 1.77 -14.46
CA SER B 28 53.62 2.18 -15.30
C SER B 28 52.85 3.30 -14.64
N SER B 29 53.55 4.31 -14.15
CA SER B 29 52.91 5.42 -13.47
C SER B 29 52.66 6.53 -14.48
N VAL B 30 51.40 6.91 -14.63
CA VAL B 30 51.09 8.02 -15.53
C VAL B 30 51.34 9.35 -14.82
N GLY B 31 51.37 9.36 -13.50
CA GLY B 31 51.74 10.54 -12.76
C GLY B 31 50.99 10.63 -11.45
N VAL B 32 51.58 11.34 -10.49
CA VAL B 32 50.95 11.56 -9.21
C VAL B 32 50.06 12.80 -9.27
N THR B 33 48.86 12.71 -8.72
CA THR B 33 47.91 13.81 -8.71
C THR B 33 47.81 14.34 -7.29
N TYR B 34 48.26 15.57 -7.10
CA TYR B 34 48.12 16.24 -5.81
C TYR B 34 46.73 16.84 -5.74
N GLY B 35 45.89 16.30 -4.86
CA GLY B 35 44.53 16.77 -4.73
C GLY B 35 44.44 17.89 -3.71
N TYR B 36 43.78 18.98 -4.10
CA TYR B 36 43.29 20.05 -3.24
C TYR B 36 44.36 20.96 -2.63
N ALA B 37 45.63 20.57 -2.69
CA ALA B 37 46.76 21.29 -2.10
C ALA B 37 48.04 20.59 -2.49
N THR B 38 49.11 21.38 -2.63
CA THR B 38 50.44 20.84 -2.79
C THR B 38 51.25 20.88 -1.50
N ALA B 39 50.73 21.52 -0.46
CA ALA B 39 51.47 21.70 0.78
C ALA B 39 50.50 21.63 1.95
N GLU B 40 51.05 21.35 3.13
CA GLU B 40 50.22 21.13 4.31
C GLU B 40 49.82 22.44 4.98
N ASP B 41 48.74 22.36 5.75
CA ASP B 41 48.20 23.48 6.50
C ASP B 41 49.11 23.78 7.70
N PHE B 42 48.85 24.90 8.37
CA PHE B 42 49.52 25.22 9.61
C PHE B 42 49.10 24.24 10.69
N VAL B 43 50.05 23.43 11.15
CA VAL B 43 49.77 22.35 12.10
C VAL B 43 49.76 22.91 13.51
N SER B 44 50.26 24.12 13.68
CA SER B 44 50.40 24.74 15.00
C SER B 44 49.15 25.56 15.27
N GLY B 45 48.11 24.91 15.74
CA GLY B 45 46.83 25.58 15.93
C GLY B 45 46.73 26.24 17.27
N PRO B 46 45.72 27.09 17.44
CA PRO B 46 45.41 27.63 18.77
C PRO B 46 44.42 26.81 19.55
N ASN B 47 43.87 25.73 18.99
CA ASN B 47 42.97 24.86 19.71
C ASN B 47 43.67 23.70 20.37
N THR B 48 44.98 23.76 20.49
CA THR B 48 45.74 22.69 21.11
C THR B 48 46.83 23.17 22.04
N SER B 49 47.03 24.49 22.17
CA SER B 49 47.96 25.13 23.12
C SER B 49 49.40 24.68 22.92
N GLY B 50 49.78 24.31 21.70
CA GLY B 50 51.14 23.95 21.41
C GLY B 50 51.58 22.61 21.94
N LEU B 51 50.65 21.76 22.37
CA LEU B 51 50.97 20.43 22.86
C LEU B 51 50.84 19.36 21.81
N GLU B 52 51.10 19.68 20.55
CA GLU B 52 51.14 18.68 19.51
C GLU B 52 52.58 18.26 19.25
N THR B 53 52.74 17.13 18.57
CA THR B 53 54.07 16.64 18.22
C THR B 53 53.94 15.71 17.03
N ARG B 54 54.93 15.75 16.15
CA ARG B 54 54.93 14.89 14.99
C ARG B 54 55.45 13.51 15.36
N VAL B 55 54.74 12.48 14.94
CA VAL B 55 55.22 11.11 15.04
C VAL B 55 55.73 10.72 13.67
N ALA B 56 57.05 10.66 13.51
CA ALA B 56 57.60 10.32 12.21
C ALA B 56 57.52 8.85 11.89
N GLN B 57 57.26 8.01 12.89
CA GLN B 57 57.25 6.57 12.68
C GLN B 57 55.91 6.03 12.19
N ALA B 58 54.92 6.89 11.95
CA ALA B 58 53.67 6.43 11.38
C ALA B 58 53.67 6.47 9.87
N GLU B 59 54.68 7.06 9.25
CA GLU B 59 54.71 7.23 7.80
C GLU B 59 55.34 5.99 7.16
N ARG B 60 54.53 4.97 6.93
CA ARG B 60 54.90 3.95 5.96
C ARG B 60 53.64 3.37 5.37
N PHE B 61 53.82 2.59 4.30
CA PHE B 61 52.69 1.99 3.62
C PHE B 61 52.08 0.87 4.46
N PHE B 62 50.85 0.52 4.13
CA PHE B 62 50.22 -0.68 4.65
C PHE B 62 49.24 -1.17 3.61
N LYS B 63 49.30 -2.46 3.31
CA LYS B 63 48.53 -3.01 2.20
C LYS B 63 47.14 -3.42 2.67
N THR B 64 46.22 -3.45 1.71
CA THR B 64 44.84 -3.84 1.97
C THR B 64 44.24 -4.35 0.67
N HIS B 65 43.19 -5.14 0.81
CA HIS B 65 42.49 -5.70 -0.33
C HIS B 65 41.16 -4.99 -0.50
N LEU B 66 40.75 -4.77 -1.75
CA LEU B 66 39.57 -3.96 -2.02
C LEU B 66 38.43 -4.78 -2.61
N PHE B 67 38.60 -5.37 -3.78
CA PHE B 67 37.62 -6.26 -4.40
C PHE B 67 38.28 -6.93 -5.59
N ASP B 68 37.51 -7.80 -6.23
CA ASP B 68 37.97 -8.59 -7.37
C ASP B 68 37.17 -8.14 -8.58
N TRP B 69 37.77 -7.30 -9.42
CA TRP B 69 37.08 -6.78 -10.59
C TRP B 69 36.99 -7.88 -11.63
N VAL B 70 35.79 -8.41 -11.81
CA VAL B 70 35.55 -9.52 -12.73
C VAL B 70 34.76 -9.01 -13.91
N THR B 71 34.55 -9.90 -14.88
CA THR B 71 33.92 -9.51 -16.13
C THR B 71 32.41 -9.30 -16.02
N SER B 72 31.79 -9.76 -14.93
CA SER B 72 30.35 -9.60 -14.78
C SER B 72 29.97 -8.34 -14.00
N ASP B 73 30.92 -7.49 -13.68
CA ASP B 73 30.62 -6.29 -12.92
C ASP B 73 30.15 -5.18 -13.84
N PRO B 74 28.95 -4.65 -13.65
CA PRO B 74 28.47 -3.58 -14.52
C PRO B 74 29.09 -2.24 -14.17
N PHE B 75 28.60 -1.18 -14.82
CA PHE B 75 28.96 0.18 -14.42
C PHE B 75 28.60 0.44 -12.98
N GLY B 76 29.52 1.05 -12.25
CA GLY B 76 29.22 1.53 -10.92
C GLY B 76 29.30 0.52 -9.80
N ARG B 77 30.04 -0.57 -9.96
CA ARG B 77 30.32 -1.42 -8.81
C ARG B 77 31.37 -0.69 -7.98
N CYS B 78 30.92 0.11 -7.03
CA CYS B 78 31.83 0.96 -6.27
C CYS B 78 32.26 0.27 -4.99
N HIS B 79 33.36 0.77 -4.42
CA HIS B 79 33.87 0.26 -3.15
C HIS B 79 34.31 1.44 -2.32
N LEU B 80 33.83 1.52 -1.08
CA LEU B 80 34.06 2.66 -0.22
C LEU B 80 34.67 2.18 1.10
N LEU B 81 35.98 2.39 1.27
CA LEU B 81 36.62 2.09 2.54
C LEU B 81 37.03 3.40 3.19
N GLU B 82 36.69 3.54 4.46
CA GLU B 82 36.85 4.80 5.15
C GLU B 82 38.25 4.88 5.74
N LEU B 83 38.95 5.95 5.45
CA LEU B 83 40.29 6.09 6.00
C LEU B 83 40.24 7.00 7.21
N PRO B 84 40.86 6.62 8.34
CA PRO B 84 41.66 5.42 8.56
C PRO B 84 40.85 4.15 8.84
N THR B 85 41.30 3.03 8.28
CA THR B 85 40.73 1.74 8.57
C THR B 85 41.54 1.08 9.69
N ASP B 86 41.29 -0.21 9.93
CA ASP B 86 42.01 -0.93 10.99
C ASP B 86 43.46 -1.12 10.59
N HIS B 87 44.33 -0.31 11.16
CA HIS B 87 45.78 -0.45 11.03
C HIS B 87 46.24 -1.20 12.25
N LYS B 88 46.78 -2.40 12.06
CA LYS B 88 47.23 -3.20 13.18
C LYS B 88 48.71 -3.04 13.46
N GLY B 89 49.30 -1.91 13.09
CA GLY B 89 50.70 -1.65 13.30
C GLY B 89 50.93 -0.40 14.13
N VAL B 90 51.87 0.43 13.67
CA VAL B 90 52.30 1.58 14.45
C VAL B 90 51.26 2.69 14.38
N TYR B 91 50.67 2.90 13.21
CA TYR B 91 49.71 3.99 13.04
C TYR B 91 48.43 3.74 13.84
N GLY B 92 47.93 2.51 13.84
CA GLY B 92 46.73 2.21 14.58
C GLY B 92 46.94 2.13 16.08
N TYR B 93 48.19 2.10 16.52
CA TYR B 93 48.45 2.25 17.94
C TYR B 93 48.19 3.67 18.40
N LEU B 94 48.44 4.64 17.52
CA LEU B 94 48.22 6.04 17.85
C LEU B 94 46.74 6.38 17.95
N THR B 95 45.88 5.61 17.29
CA THR B 95 44.45 5.84 17.37
C THR B 95 43.92 5.49 18.76
N ASP B 96 44.50 4.48 19.41
CA ASP B 96 44.07 4.09 20.74
C ASP B 96 44.93 4.69 21.84
N SER B 97 45.88 5.54 21.51
CA SER B 97 46.76 6.13 22.53
C SER B 97 46.75 7.65 22.52
N TYR B 98 46.16 8.28 21.51
CA TYR B 98 46.08 9.72 21.43
C TYR B 98 44.69 10.11 20.99
N ALA B 99 44.19 11.23 21.51
CA ALA B 99 42.80 11.56 21.28
C ALA B 99 42.62 12.36 20.00
N TYR B 100 43.49 13.35 19.78
CA TYR B 100 43.35 14.28 18.66
C TYR B 100 44.54 14.07 17.74
N MET B 101 44.26 13.84 16.46
CA MET B 101 45.33 13.66 15.50
C MET B 101 44.88 14.08 14.12
N ARG B 102 45.83 14.49 13.29
CA ARG B 102 45.58 14.89 11.92
C ARG B 102 46.68 14.32 11.06
N ASN B 103 46.36 14.11 9.78
CA ASN B 103 47.27 13.55 8.80
C ASN B 103 46.70 13.71 7.41
N GLY B 104 47.59 13.66 6.42
CA GLY B 104 47.17 13.50 5.04
C GLY B 104 47.18 12.04 4.67
N TRP B 105 47.08 11.79 3.37
CA TRP B 105 47.17 10.44 2.82
C TRP B 105 47.82 10.51 1.46
N ASP B 106 48.52 9.45 1.07
CA ASP B 106 48.94 9.29 -0.31
C ASP B 106 48.68 7.86 -0.78
N VAL B 107 47.49 7.64 -1.31
CA VAL B 107 47.03 6.30 -1.64
C VAL B 107 47.68 5.85 -2.93
N GLU B 108 47.65 4.55 -3.17
CA GLU B 108 48.19 3.94 -4.38
C GLU B 108 47.49 2.61 -4.58
N VAL B 109 46.54 2.55 -5.50
CA VAL B 109 45.84 1.31 -5.79
C VAL B 109 46.53 0.65 -6.96
N THR B 110 46.45 -0.68 -7.03
CA THR B 110 47.03 -1.45 -8.11
C THR B 110 45.96 -2.36 -8.68
N ALA B 111 45.86 -2.41 -10.00
CA ALA B 111 44.95 -3.31 -10.68
C ALA B 111 45.75 -4.01 -11.77
N VAL B 112 46.43 -5.09 -11.40
CA VAL B 112 47.38 -5.74 -12.30
C VAL B 112 46.66 -6.80 -13.12
N GLY B 113 46.58 -6.58 -14.42
CA GLY B 113 46.08 -7.59 -15.33
C GLY B 113 47.17 -7.90 -16.34
N ASN B 114 46.95 -7.46 -17.57
CA ASN B 114 48.00 -7.34 -18.56
C ASN B 114 47.54 -6.30 -19.56
N GLN B 115 48.36 -6.04 -20.57
CA GLN B 115 48.02 -5.03 -21.56
C GLN B 115 47.02 -5.53 -22.61
N PHE B 116 46.37 -6.67 -22.37
CA PHE B 116 45.39 -7.21 -23.28
C PHE B 116 43.99 -7.27 -22.69
N ASN B 117 43.81 -6.87 -21.43
CA ASN B 117 42.48 -6.63 -20.93
C ASN B 117 41.98 -5.28 -21.43
N GLY B 118 40.69 -5.03 -21.21
CA GLY B 118 40.14 -3.75 -21.57
C GLY B 118 39.42 -3.12 -20.41
N GLY B 119 38.62 -2.10 -20.66
CA GLY B 119 37.87 -1.47 -19.61
C GLY B 119 38.73 -0.57 -18.74
N CYS B 120 38.07 0.14 -17.84
CA CYS B 120 38.79 1.01 -16.93
C CYS B 120 38.00 1.14 -15.65
N LEU B 121 38.71 1.47 -14.57
CA LEU B 121 38.05 1.78 -13.31
C LEU B 121 38.59 3.10 -12.78
N LEU B 122 37.70 4.00 -12.40
CA LEU B 122 38.09 5.27 -11.82
C LEU B 122 38.44 5.06 -10.35
N VAL B 123 39.43 5.81 -9.88
CA VAL B 123 39.86 5.80 -8.49
C VAL B 123 39.68 7.22 -7.99
N ALA B 124 39.16 7.38 -6.77
CA ALA B 124 38.93 8.73 -6.27
C ALA B 124 39.08 8.78 -4.76
N MET B 125 39.79 9.80 -4.29
CA MET B 125 39.77 10.18 -2.88
C MET B 125 38.73 11.26 -2.69
N VAL B 126 37.70 10.97 -1.89
CA VAL B 126 36.60 11.92 -1.73
C VAL B 126 36.30 12.14 -0.24
N PRO B 127 36.21 13.39 0.20
CA PRO B 127 35.97 13.64 1.62
C PRO B 127 34.51 13.46 1.99
N GLU B 128 34.29 12.88 3.19
CA GLU B 128 33.01 12.86 3.89
C GLU B 128 31.93 12.12 3.10
N LEU B 129 32.29 10.99 2.51
CA LEU B 129 31.42 10.38 1.51
C LEU B 129 30.50 9.37 2.16
N CYS B 130 29.20 9.64 2.08
CA CYS B 130 28.17 8.69 2.47
C CYS B 130 26.89 9.03 1.73
N SER B 131 26.02 8.02 1.58
CA SER B 131 24.70 8.13 0.95
C SER B 131 24.79 8.63 -0.50
N ILE B 132 25.41 7.81 -1.34
CA ILE B 132 25.59 8.17 -2.73
C ILE B 132 24.49 7.52 -3.57
N GLN B 133 24.32 8.03 -4.77
CA GLN B 133 23.45 7.41 -5.76
C GLN B 133 24.29 6.92 -6.93
N LYS B 134 23.69 6.03 -7.73
CA LYS B 134 24.38 5.64 -8.96
C LYS B 134 24.20 6.68 -10.05
N ARG B 135 23.22 7.58 -9.90
CA ARG B 135 23.10 8.71 -10.82
C ARG B 135 24.11 9.79 -10.49
N GLU B 136 24.57 9.84 -9.24
CA GLU B 136 25.63 10.71 -8.77
C GLU B 136 27.01 10.27 -9.24
N LEU B 137 27.16 9.03 -9.73
CA LEU B 137 28.47 8.52 -10.08
C LEU B 137 29.02 9.14 -11.35
N TYR B 138 28.18 9.80 -12.12
CA TYR B 138 28.64 10.41 -13.36
C TYR B 138 29.68 11.50 -13.07
N GLN B 139 29.49 12.21 -11.97
CA GLN B 139 30.32 13.34 -11.62
C GLN B 139 31.26 13.04 -10.46
N LEU B 140 31.90 11.87 -10.48
CA LEU B 140 32.93 11.58 -9.49
C LEU B 140 34.26 12.18 -9.90
N THR B 141 34.34 12.75 -11.10
CA THR B 141 35.57 13.32 -11.65
C THR B 141 36.00 14.58 -10.90
N LEU B 142 35.06 15.24 -10.20
CA LEU B 142 35.35 16.48 -9.49
C LEU B 142 36.38 16.31 -8.37
N PHE B 143 36.47 15.14 -7.79
CA PHE B 143 37.34 14.87 -6.65
C PHE B 143 38.75 14.62 -7.14
N PRO B 144 39.75 14.46 -6.24
CA PRO B 144 41.06 13.97 -6.71
C PRO B 144 40.97 12.57 -7.28
N HIS B 145 41.12 12.45 -8.58
CA HIS B 145 40.83 11.21 -9.27
C HIS B 145 41.97 10.85 -10.18
N GLN B 146 42.03 9.57 -10.57
CA GLN B 146 43.01 9.10 -11.52
C GLN B 146 42.55 7.77 -12.10
N PHE B 147 42.37 7.70 -13.42
CA PHE B 147 41.86 6.50 -14.06
C PHE B 147 42.91 5.40 -14.10
N ILE B 148 42.43 4.16 -14.12
CA ILE B 148 43.27 2.99 -14.36
C ILE B 148 42.64 2.20 -15.48
N ASN B 149 43.34 2.11 -16.60
CA ASN B 149 42.97 1.10 -17.58
C ASN B 149 44.18 0.24 -17.90
N PRO B 150 43.99 -1.06 -18.12
CA PRO B 150 45.15 -1.95 -18.35
C PRO B 150 45.86 -1.70 -19.66
N ARG B 151 45.25 -0.97 -20.58
CA ARG B 151 45.90 -0.66 -21.84
C ARG B 151 47.04 0.34 -21.66
N THR B 152 46.98 1.16 -20.62
CA THR B 152 48.01 2.17 -20.37
C THR B 152 48.80 1.93 -19.10
N ASN B 153 48.14 1.82 -17.94
CA ASN B 153 48.85 1.78 -16.67
C ASN B 153 48.34 0.64 -15.81
N MET B 154 48.89 0.54 -14.59
CA MET B 154 48.45 -0.47 -13.64
C MET B 154 48.10 0.17 -12.31
N THR B 155 48.68 1.32 -12.02
CA THR B 155 48.51 1.97 -10.73
C THR B 155 47.91 3.36 -10.90
N ALA B 156 47.38 3.88 -9.80
CA ALA B 156 46.98 5.27 -9.68
C ALA B 156 47.44 5.77 -8.32
N HIS B 157 48.11 6.92 -8.31
CA HIS B 157 48.80 7.39 -7.11
C HIS B 157 48.29 8.78 -6.78
N ILE B 158 47.41 8.87 -5.79
CA ILE B 158 46.73 10.11 -5.42
C ILE B 158 47.27 10.54 -4.08
N THR B 159 47.42 11.85 -3.87
CA THR B 159 47.91 12.39 -2.61
C THR B 159 47.05 13.57 -2.20
N VAL B 160 46.55 13.55 -0.96
CA VAL B 160 45.64 14.57 -0.45
C VAL B 160 46.08 15.03 0.94
N PRO B 161 45.80 16.28 1.33
CA PRO B 161 46.18 16.73 2.68
C PRO B 161 45.06 16.47 3.66
N PHE B 162 45.22 16.93 4.89
CA PHE B 162 44.14 16.83 5.87
C PHE B 162 43.11 17.89 5.57
N VAL B 163 41.91 17.47 5.17
CA VAL B 163 40.77 18.34 5.15
C VAL B 163 39.97 18.08 6.41
N GLY B 164 39.06 18.99 6.73
CA GLY B 164 38.23 18.74 7.89
C GLY B 164 37.58 20.01 8.39
N VAL B 165 36.53 19.79 9.18
CA VAL B 165 35.76 20.86 9.80
C VAL B 165 36.61 21.65 10.77
N ASN B 166 37.59 20.99 11.41
CA ASN B 166 38.48 21.63 12.35
C ASN B 166 39.83 20.93 12.32
N ARG B 167 40.83 21.55 12.97
CA ARG B 167 42.24 21.26 12.66
C ARG B 167 42.67 19.88 13.12
N TYR B 168 42.26 19.46 14.30
CA TYR B 168 42.54 18.13 14.78
C TYR B 168 41.25 17.35 14.84
N ASP B 169 41.35 16.03 14.71
CA ASP B 169 40.20 15.19 14.51
C ASP B 169 40.20 14.07 15.54
N GLN B 170 39.02 13.59 15.86
CA GLN B 170 38.84 12.40 16.69
C GLN B 170 38.45 11.27 15.75
N TYR B 171 39.41 10.41 15.42
CA TYR B 171 39.16 9.39 14.42
C TYR B 171 38.26 8.25 14.89
N LYS B 172 37.99 8.15 16.19
CA LYS B 172 37.05 7.13 16.64
C LYS B 172 35.61 7.49 16.33
N VAL B 173 35.30 8.76 16.15
CA VAL B 173 33.93 9.21 15.91
C VAL B 173 33.79 9.87 14.55
N HIS B 174 34.83 9.80 13.70
CA HIS B 174 34.83 10.56 12.46
C HIS B 174 35.87 9.99 11.50
N LYS B 175 35.52 9.88 10.24
CA LYS B 175 36.41 9.39 9.18
C LYS B 175 36.34 10.38 8.02
N PRO B 176 37.36 11.25 7.85
CA PRO B 176 37.22 12.32 6.85
C PRO B 176 37.28 11.84 5.41
N TRP B 177 38.23 10.99 5.05
CA TRP B 177 38.42 10.59 3.66
C TRP B 177 37.79 9.24 3.38
N THR B 178 37.61 8.95 2.10
CA THR B 178 37.00 7.71 1.65
C THR B 178 37.58 7.37 0.30
N LEU B 179 38.39 6.33 0.24
CA LEU B 179 38.95 5.85 -1.03
C LEU B 179 37.83 5.15 -1.80
N VAL B 180 37.56 5.63 -3.00
CA VAL B 180 36.48 5.12 -3.84
C VAL B 180 37.07 4.64 -5.15
N VAL B 181 36.84 3.37 -5.46
CA VAL B 181 37.09 2.84 -6.79
C VAL B 181 35.77 2.35 -7.36
N MET B 182 35.43 2.83 -8.54
CA MET B 182 34.26 2.36 -9.25
C MET B 182 34.68 1.98 -10.65
N VAL B 183 33.90 1.13 -11.30
CA VAL B 183 34.27 0.62 -12.60
C VAL B 183 33.46 1.33 -13.68
N VAL B 184 34.18 2.02 -14.56
CA VAL B 184 33.55 2.85 -15.59
C VAL B 184 33.22 2.05 -16.83
N ALA B 185 34.18 1.36 -17.37
CA ALA B 185 33.88 0.36 -18.37
C ALA B 185 34.10 -1.02 -17.77
N PRO B 186 33.29 -2.01 -18.13
CA PRO B 186 33.44 -3.34 -17.54
C PRO B 186 34.71 -4.01 -18.04
N LEU B 187 35.19 -4.95 -17.24
CA LEU B 187 36.38 -5.70 -17.62
C LEU B 187 36.05 -6.60 -18.81
N THR B 188 36.72 -6.35 -19.92
CA THR B 188 36.53 -7.11 -21.15
C THR B 188 37.76 -7.96 -21.35
N VAL B 189 37.68 -9.22 -20.94
CA VAL B 189 38.77 -10.15 -21.21
C VAL B 189 38.72 -10.52 -22.68
N ASN B 190 39.82 -11.04 -23.19
CA ASN B 190 39.87 -11.48 -24.56
C ASN B 190 40.41 -12.90 -24.58
N SER B 191 40.79 -13.35 -25.79
CA SER B 191 41.41 -14.66 -25.90
C SER B 191 42.81 -14.66 -25.27
N GLU B 192 43.38 -13.47 -25.07
CA GLU B 192 44.78 -13.31 -24.71
C GLU B 192 44.96 -12.39 -23.51
N GLY B 193 43.87 -12.04 -22.83
CA GLY B 193 43.95 -11.19 -21.66
C GLY B 193 44.00 -12.03 -20.39
N ALA B 194 43.70 -11.37 -19.27
CA ALA B 194 43.74 -12.02 -17.96
C ALA B 194 42.29 -12.08 -17.47
N PRO B 195 41.85 -13.23 -16.93
CA PRO B 195 40.42 -13.44 -16.67
C PRO B 195 39.87 -12.55 -15.57
N GLN B 196 40.57 -12.54 -14.45
CA GLN B 196 40.13 -11.86 -13.26
C GLN B 196 41.30 -11.07 -12.69
N ILE B 197 41.09 -9.79 -12.45
CA ILE B 197 42.14 -9.01 -11.81
C ILE B 197 41.69 -8.72 -10.39
N LYS B 198 42.66 -8.56 -9.50
CA LYS B 198 42.40 -8.26 -8.10
C LYS B 198 42.96 -6.89 -7.78
N VAL B 199 42.14 -6.05 -7.14
CA VAL B 199 42.53 -4.68 -6.83
C VAL B 199 43.08 -4.63 -5.42
N TYR B 200 44.36 -4.29 -5.29
CA TYR B 200 44.99 -4.06 -4.01
C TYR B 200 45.22 -2.57 -3.84
N ALA B 201 45.71 -2.19 -2.67
CA ALA B 201 46.09 -0.82 -2.40
C ALA B 201 47.05 -0.78 -1.23
N ASN B 202 48.09 0.03 -1.35
CA ASN B 202 48.92 0.38 -0.20
C ASN B 202 48.75 1.86 0.09
N ILE B 203 48.28 2.14 1.29
CA ILE B 203 47.94 3.48 1.72
C ILE B 203 49.03 3.92 2.68
N ALA B 204 49.29 5.23 2.74
CA ALA B 204 50.23 5.68 3.75
C ALA B 204 49.80 7.04 4.29
N PRO B 205 49.97 7.27 5.58
CA PRO B 205 49.77 8.61 6.11
C PRO B 205 50.92 9.52 5.70
N THR B 206 50.68 10.82 5.83
CA THR B 206 51.73 11.82 5.71
C THR B 206 51.65 12.75 6.90
N ASN B 207 52.82 12.99 7.52
CA ASN B 207 53.13 13.88 8.64
C ASN B 207 52.04 13.97 9.71
N VAL B 208 51.81 12.84 10.39
CA VAL B 208 50.81 12.81 11.44
C VAL B 208 51.24 13.71 12.60
N HIS B 209 50.26 14.20 13.33
CA HIS B 209 50.52 15.06 14.47
C HIS B 209 49.49 14.73 15.54
N VAL B 210 49.94 14.07 16.60
CA VAL B 210 49.04 13.70 17.67
C VAL B 210 49.10 14.75 18.76
N ALA B 211 48.04 14.80 19.55
CA ALA B 211 47.94 15.76 20.64
C ALA B 211 47.02 15.20 21.71
N GLY B 212 47.52 15.04 22.92
CA GLY B 212 46.68 14.63 24.01
C GLY B 212 46.76 13.14 24.28
N GLU B 213 47.47 12.76 25.34
CA GLU B 213 47.73 11.36 25.64
C GLU B 213 46.53 10.79 26.40
N PHE B 214 46.01 9.66 25.95
CA PHE B 214 45.03 8.94 26.75
C PHE B 214 45.69 8.32 27.98
N PRO B 215 44.93 8.11 29.04
CA PRO B 215 45.41 7.23 30.11
C PRO B 215 45.50 5.80 29.62
N SER B 216 46.36 5.02 30.27
CA SER B 216 46.51 3.64 29.89
C SER B 216 45.31 2.81 30.35
N LYS B 217 45.06 1.71 29.64
CA LYS B 217 43.84 0.94 29.83
C LYS B 217 43.90 0.10 31.11
N GLU B 218 45.08 -0.05 31.71
CA GLU B 218 45.27 -0.87 32.91
C GLU B 218 44.55 -0.32 34.14
N GLY C 1 15.44 74.49 11.93
CA GLY C 1 14.59 73.36 11.63
C GLY C 1 15.38 72.09 11.48
N ILE C 2 14.72 71.01 11.07
CA ILE C 2 15.39 69.76 10.78
C ILE C 2 15.50 69.63 9.27
N PHE C 3 16.36 68.71 8.84
CA PHE C 3 16.66 68.50 7.43
C PHE C 3 15.46 67.87 6.73
N PRO C 4 14.79 68.55 5.81
CA PRO C 4 13.59 67.98 5.21
C PRO C 4 13.92 66.95 4.13
N VAL C 5 13.20 65.83 4.18
CA VAL C 5 13.30 64.81 3.15
C VAL C 5 11.90 64.56 2.62
N ALA C 6 11.84 63.82 1.53
CA ALA C 6 10.58 63.41 0.92
C ALA C 6 10.57 61.90 0.88
N CYS C 7 9.69 61.28 1.68
CA CYS C 7 9.61 59.83 1.74
C CYS C 7 9.02 59.31 0.44
N SER C 8 9.89 58.97 -0.50
CA SER C 8 9.48 58.76 -1.88
C SER C 8 8.70 57.48 -2.04
N ASP C 9 7.82 57.46 -3.03
CA ASP C 9 6.88 56.37 -3.21
C ASP C 9 7.37 55.45 -4.31
N GLY C 10 7.05 54.17 -4.15
CA GLY C 10 7.54 53.14 -5.05
C GLY C 10 8.86 52.53 -4.64
N TYR C 11 9.65 53.23 -3.85
CA TYR C 11 10.96 52.76 -3.43
C TYR C 11 10.88 52.16 -2.05
N GLY C 12 11.85 51.31 -1.72
CA GLY C 12 12.01 50.83 -0.38
C GLY C 12 11.38 49.50 -0.05
N GLY C 13 10.76 48.84 -1.02
CA GLY C 13 10.22 47.53 -0.78
C GLY C 13 11.31 46.48 -0.66
N LEU C 14 10.94 45.34 -0.10
CA LEU C 14 11.92 44.28 0.07
C LEU C 14 12.10 43.53 -1.23
N VAL C 15 13.30 43.63 -1.80
CA VAL C 15 13.68 42.89 -2.99
C VAL C 15 14.66 41.81 -2.56
N THR C 16 14.53 40.61 -3.11
CA THR C 16 15.31 39.50 -2.58
C THR C 16 16.73 39.43 -3.11
N THR C 17 17.07 40.22 -4.12
CA THR C 17 18.41 40.16 -4.70
C THR C 17 19.15 41.49 -4.61
N ASP C 18 18.64 42.42 -3.82
CA ASP C 18 19.16 43.77 -3.77
C ASP C 18 20.55 43.81 -3.13
N PRO C 19 21.35 44.84 -3.45
CA PRO C 19 22.62 45.05 -2.75
C PRO C 19 22.52 45.79 -1.43
N LYS C 20 21.32 45.93 -0.85
CA LYS C 20 21.21 46.50 0.48
C LYS C 20 21.55 45.45 1.52
N THR C 21 22.44 45.80 2.44
CA THR C 21 22.81 44.92 3.54
C THR C 21 22.00 45.26 4.79
N ALA C 22 21.69 44.23 5.57
CA ALA C 22 20.84 44.41 6.74
C ALA C 22 21.62 45.03 7.88
N ASP C 23 20.91 45.76 8.73
CA ASP C 23 21.55 46.37 9.89
C ASP C 23 21.99 45.30 10.88
N PRO C 24 23.18 45.45 11.46
CA PRO C 24 23.65 44.45 12.43
C PRO C 24 22.90 44.56 13.74
N ALA C 25 23.03 43.50 14.54
CA ALA C 25 22.40 43.47 15.85
C ALA C 25 23.29 42.93 16.95
N TYR C 26 24.44 42.32 16.62
CA TYR C 26 25.25 41.63 17.62
C TYR C 26 26.68 41.64 17.11
N GLY C 27 27.51 42.54 17.64
CA GLY C 27 28.82 42.79 17.11
C GLY C 27 29.91 42.07 17.85
N LYS C 28 31.16 42.41 17.49
CA LYS C 28 32.38 41.96 18.16
C LYS C 28 32.51 40.44 18.15
N VAL C 29 32.48 39.86 16.95
CA VAL C 29 32.62 38.42 16.77
C VAL C 29 33.88 38.18 15.97
N PHE C 30 34.78 37.39 16.52
CA PHE C 30 36.03 37.04 15.85
C PHE C 30 35.99 35.56 15.52
N ASN C 31 36.07 35.25 14.23
CA ASN C 31 35.96 33.88 13.77
C ASN C 31 37.24 33.11 14.07
N PRO C 32 37.17 31.78 14.13
CA PRO C 32 38.40 31.01 14.13
C PRO C 32 39.12 31.15 12.80
N PRO C 33 40.44 31.05 12.78
CA PRO C 33 41.17 31.32 11.55
C PRO C 33 41.00 30.22 10.51
N ARG C 34 40.96 30.63 9.25
CA ARG C 34 40.67 29.73 8.13
C ARG C 34 41.70 29.81 7.02
N ASN C 35 42.83 30.46 7.25
CA ASN C 35 43.71 30.85 6.15
C ASN C 35 44.51 29.66 5.62
N MET C 36 44.67 29.65 4.30
CA MET C 36 45.33 28.57 3.54
C MET C 36 44.71 27.21 3.81
N LEU C 37 43.39 27.15 3.82
CA LEU C 37 42.68 25.90 4.02
C LEU C 37 42.46 25.24 2.66
N PRO C 38 42.67 23.93 2.54
CA PRO C 38 42.80 23.32 1.21
C PRO C 38 41.48 23.17 0.49
N GLY C 39 41.54 23.33 -0.83
CA GLY C 39 40.45 22.96 -1.70
C GLY C 39 39.44 24.04 -1.99
N ARG C 40 39.85 25.29 -2.01
CA ARG C 40 38.92 26.40 -2.20
C ARG C 40 38.70 26.68 -3.68
N PHE C 41 37.45 26.83 -4.07
CA PHE C 41 37.13 27.33 -5.40
C PHE C 41 36.38 28.64 -5.28
N THR C 42 36.58 29.51 -6.27
CA THR C 42 36.05 30.86 -6.25
C THR C 42 34.83 31.01 -7.14
N ASN C 43 34.90 30.54 -8.38
CA ASN C 43 33.80 30.60 -9.31
C ASN C 43 33.40 29.18 -9.68
N PHE C 44 32.14 28.99 -10.05
CA PHE C 44 31.67 27.65 -10.38
C PHE C 44 32.13 27.18 -11.74
N LEU C 45 32.62 28.06 -12.60
CA LEU C 45 33.11 27.60 -13.89
C LEU C 45 34.48 26.96 -13.78
N ASP C 46 35.29 27.37 -12.81
CA ASP C 46 36.62 26.79 -12.66
C ASP C 46 36.54 25.35 -12.19
N VAL C 47 35.51 25.01 -11.42
CA VAL C 47 35.25 23.62 -11.12
C VAL C 47 34.76 22.89 -12.36
N ALA C 48 33.97 23.58 -13.18
CA ALA C 48 33.42 22.97 -14.38
C ALA C 48 34.45 22.88 -15.51
N GLU C 49 35.52 23.67 -15.44
CA GLU C 49 36.52 23.64 -16.49
C GLU C 49 37.70 22.75 -16.14
N ALA C 50 38.03 22.64 -14.87
CA ALA C 50 39.17 21.83 -14.46
C ALA C 50 38.79 20.39 -14.13
N CYS C 51 37.50 20.06 -14.07
CA CYS C 51 37.05 18.73 -13.69
C CYS C 51 35.98 18.25 -14.66
N PRO C 52 36.35 17.43 -15.65
CA PRO C 52 35.36 16.89 -16.57
C PRO C 52 34.55 15.75 -15.96
N THR C 53 33.30 15.64 -16.39
CA THR C 53 32.35 14.72 -15.81
C THR C 53 31.66 13.97 -16.94
N PHE C 54 31.22 12.73 -16.66
CA PHE C 54 30.80 11.79 -17.69
C PHE C 54 29.49 12.21 -18.33
N LEU C 55 29.16 11.52 -19.44
CA LEU C 55 27.89 11.69 -20.12
C LEU C 55 26.98 10.49 -19.84
N ARG C 56 25.86 10.45 -20.54
CA ARG C 56 24.93 9.36 -20.35
C ARG C 56 24.43 8.85 -21.67
N PHE C 57 24.52 7.55 -21.84
CA PHE C 57 24.09 6.88 -23.06
C PHE C 57 23.00 5.85 -22.76
N GLU C 58 22.60 5.14 -23.80
CA GLU C 58 21.52 4.18 -23.69
C GLU C 58 21.95 2.98 -22.85
N GLY C 59 21.24 2.75 -21.76
CA GLY C 59 21.62 1.75 -20.79
C GLY C 59 22.24 2.32 -19.54
N ASP C 60 22.10 3.63 -19.31
CA ASP C 60 22.61 4.34 -18.14
C ASP C 60 24.13 4.24 -18.00
N VAL C 61 24.83 4.21 -19.14
CA VAL C 61 26.28 4.02 -19.12
C VAL C 61 26.99 5.23 -19.70
N PRO C 62 28.23 5.51 -19.29
CA PRO C 62 28.98 6.62 -19.92
C PRO C 62 29.76 6.22 -21.15
N TYR C 63 29.98 4.94 -21.35
CA TYR C 63 30.77 4.48 -22.49
C TYR C 63 29.88 4.15 -23.67
N VAL C 64 30.44 4.28 -24.87
CA VAL C 64 29.76 3.90 -26.10
C VAL C 64 30.53 2.74 -26.72
N THR C 65 29.78 1.76 -27.24
CA THR C 65 30.36 0.51 -27.70
C THR C 65 30.56 0.55 -29.21
N THR C 66 31.68 0.00 -29.65
CA THR C 66 31.97 -0.10 -31.08
C THR C 66 30.97 -1.03 -31.76
N LYS C 67 30.71 -0.75 -33.03
CA LYS C 67 29.60 -1.37 -33.75
C LYS C 67 30.13 -2.17 -34.92
N THR C 68 29.87 -3.47 -34.89
CA THR C 68 30.39 -4.41 -35.90
C THR C 68 29.35 -4.72 -36.96
N ASP C 69 28.97 -3.68 -37.71
CA ASP C 69 27.97 -3.81 -38.76
C ASP C 69 28.19 -2.71 -39.78
N SER C 70 27.24 -2.57 -40.72
CA SER C 70 27.37 -1.57 -41.77
C SER C 70 27.08 -0.16 -41.26
N ASP C 71 26.28 -0.04 -40.21
CA ASP C 71 26.00 1.27 -39.62
C ASP C 71 27.14 1.71 -38.74
N ARG C 72 27.56 2.96 -38.89
CA ARG C 72 28.78 3.47 -38.27
C ARG C 72 28.52 4.66 -37.35
N VAL C 73 27.28 4.84 -36.91
CA VAL C 73 26.95 5.95 -36.02
C VAL C 73 27.06 5.46 -34.58
N LEU C 74 28.11 5.90 -33.89
CA LEU C 74 28.23 5.53 -32.48
C LEU C 74 27.23 6.29 -31.63
N ALA C 75 27.20 7.62 -31.77
CA ALA C 75 26.27 8.43 -31.01
C ALA C 75 25.93 9.66 -31.82
N GLN C 76 24.72 10.16 -31.60
CA GLN C 76 24.25 11.33 -32.33
C GLN C 76 23.29 12.05 -31.39
N PHE C 77 23.79 13.05 -30.68
CA PHE C 77 22.95 13.72 -29.70
C PHE C 77 22.90 15.21 -30.01
N ASP C 78 21.74 15.79 -29.78
CA ASP C 78 21.55 17.21 -29.99
C ASP C 78 22.36 18.02 -28.99
N LEU C 79 22.67 19.25 -29.36
CA LEU C 79 23.60 20.05 -28.58
C LEU C 79 22.79 21.06 -27.78
N SER C 80 22.53 20.71 -26.54
CA SER C 80 21.93 21.62 -25.58
C SER C 80 22.35 21.17 -24.21
N LEU C 81 22.31 22.08 -23.25
CA LEU C 81 22.62 21.70 -21.88
C LEU C 81 21.40 21.17 -21.15
N ALA C 82 20.25 21.08 -21.83
CA ALA C 82 19.10 20.36 -21.33
C ALA C 82 18.86 19.07 -22.10
N ALA C 83 19.91 18.50 -22.69
CA ALA C 83 19.76 17.30 -23.50
C ALA C 83 19.63 16.08 -22.61
N LYS C 84 19.42 14.93 -23.26
CA LYS C 84 19.32 13.68 -22.53
C LYS C 84 20.70 13.11 -22.22
N HIS C 85 21.64 13.25 -23.15
CA HIS C 85 23.00 12.73 -22.97
C HIS C 85 23.81 13.57 -22.00
N MET C 86 23.57 14.87 -21.96
CA MET C 86 24.34 15.78 -21.12
C MET C 86 23.82 15.84 -19.69
N SER C 87 22.86 15.01 -19.32
CA SER C 87 22.04 15.28 -18.14
C SER C 87 22.81 15.08 -16.85
N ASN C 88 23.61 14.01 -16.76
CA ASN C 88 24.32 13.74 -15.52
C ASN C 88 25.63 14.52 -15.40
N THR C 89 25.95 15.37 -16.37
CA THR C 89 27.19 16.12 -16.33
C THR C 89 27.06 17.25 -15.32
N PHE C 90 28.18 17.54 -14.63
CA PHE C 90 28.25 18.73 -13.76
C PHE C 90 28.07 20.01 -14.55
N LEU C 91 28.49 20.03 -15.81
CA LEU C 91 28.34 21.23 -16.63
C LEU C 91 26.88 21.56 -16.88
N ALA C 92 26.04 20.55 -17.04
CA ALA C 92 24.61 20.79 -17.10
C ALA C 92 23.95 20.75 -15.73
N GLY C 93 24.73 20.55 -14.68
CA GLY C 93 24.17 20.69 -13.34
C GLY C 93 23.98 22.13 -12.96
N LEU C 94 24.99 22.96 -13.21
CA LEU C 94 24.87 24.37 -12.90
C LEU C 94 24.28 25.17 -14.04
N ALA C 95 24.23 24.62 -15.24
CA ALA C 95 23.51 25.25 -16.33
C ALA C 95 22.01 25.01 -16.27
N GLN C 96 21.54 24.35 -15.21
CA GLN C 96 20.12 24.23 -14.96
C GLN C 96 19.61 25.42 -14.15
N TYR C 97 20.52 26.23 -13.61
CA TYR C 97 20.18 27.38 -12.78
C TYR C 97 20.43 28.70 -13.48
N TYR C 98 20.63 28.69 -14.78
CA TYR C 98 20.84 29.91 -15.55
C TYR C 98 19.89 29.90 -16.73
N THR C 99 19.92 30.97 -17.52
CA THR C 99 19.03 31.05 -18.67
C THR C 99 19.76 30.93 -19.99
N GLN C 100 20.96 31.47 -20.10
CA GLN C 100 21.63 31.52 -21.38
C GLN C 100 23.13 31.57 -21.19
N TYR C 101 23.85 31.08 -22.19
CA TYR C 101 25.29 30.89 -22.12
C TYR C 101 25.94 31.35 -23.41
N SER C 102 27.26 31.17 -23.49
CA SER C 102 28.00 31.21 -24.74
C SER C 102 29.32 30.51 -24.51
N GLY C 103 29.97 30.13 -25.59
CA GLY C 103 31.32 29.61 -25.50
C GLY C 103 31.39 28.15 -25.88
N THR C 104 32.61 27.64 -25.84
CA THR C 104 32.90 26.28 -26.28
C THR C 104 32.60 25.28 -25.18
N ILE C 105 32.32 24.05 -25.59
CA ILE C 105 32.11 22.94 -24.67
C ILE C 105 33.08 21.83 -25.06
N ASN C 106 34.06 21.57 -24.20
CA ASN C 106 35.03 20.53 -24.49
C ASN C 106 34.41 19.16 -24.29
N LEU C 107 34.70 18.24 -25.21
CA LEU C 107 34.32 16.85 -25.09
C LEU C 107 35.60 16.01 -25.05
N HIS C 108 35.71 15.16 -24.05
CA HIS C 108 36.90 14.34 -23.83
C HIS C 108 36.56 12.89 -24.13
N PHE C 109 37.42 12.22 -24.89
CA PHE C 109 37.11 10.91 -25.47
C PHE C 109 38.24 9.95 -25.12
N MET C 110 38.04 9.12 -24.11
CA MET C 110 39.06 8.16 -23.69
C MET C 110 38.69 6.78 -24.17
N PHE C 111 39.64 6.10 -24.82
CA PHE C 111 39.42 4.77 -25.36
C PHE C 111 39.96 3.73 -24.39
N THR C 112 39.13 2.75 -24.05
CA THR C 112 39.44 1.80 -23.00
C THR C 112 39.57 0.37 -23.54
N GLY C 113 40.05 0.22 -24.75
CA GLY C 113 40.21 -1.09 -25.34
C GLY C 113 41.55 -1.68 -25.03
N PRO C 114 41.74 -2.95 -25.39
CA PRO C 114 43.02 -3.62 -25.15
C PRO C 114 44.06 -3.15 -26.15
N THR C 115 45.28 -3.63 -25.96
CA THR C 115 46.41 -3.16 -26.75
C THR C 115 46.41 -3.70 -28.17
N ASP C 116 45.57 -4.69 -28.48
CA ASP C 116 45.50 -5.20 -29.84
C ASP C 116 44.31 -4.68 -30.63
N ALA C 117 43.36 -4.04 -29.97
CA ALA C 117 42.22 -3.47 -30.66
C ALA C 117 42.52 -2.04 -31.04
N LYS C 118 42.39 -1.73 -32.33
CA LYS C 118 42.62 -0.40 -32.85
C LYS C 118 41.37 0.05 -33.58
N ALA C 119 41.11 1.35 -33.51
CA ALA C 119 39.95 1.94 -34.16
C ALA C 119 40.24 3.40 -34.39
N ARG C 120 39.49 4.00 -35.31
CA ARG C 120 39.53 5.45 -35.46
C ARG C 120 38.12 5.97 -35.60
N TYR C 121 37.94 7.21 -35.17
CA TYR C 121 36.63 7.81 -34.94
C TYR C 121 36.60 9.16 -35.63
N MET C 122 35.42 9.77 -35.64
CA MET C 122 35.32 11.18 -36.00
C MET C 122 34.16 11.79 -35.24
N ILE C 123 34.27 13.09 -35.00
CA ILE C 123 33.19 13.85 -34.38
C ILE C 123 32.98 15.12 -35.19
N ALA C 124 31.73 15.38 -35.57
CA ALA C 124 31.41 16.52 -36.40
C ALA C 124 30.33 17.35 -35.74
N TYR C 125 30.31 18.63 -36.08
CA TYR C 125 29.32 19.57 -35.59
C TYR C 125 28.41 19.96 -36.76
N ALA C 126 27.16 19.55 -36.69
CA ALA C 126 26.20 19.91 -37.71
C ALA C 126 25.40 21.11 -37.24
N PRO C 127 25.57 22.28 -37.83
CA PRO C 127 24.81 23.46 -37.43
C PRO C 127 23.35 23.31 -37.82
N PRO C 128 22.43 24.01 -37.17
CA PRO C 128 21.01 23.79 -37.44
C PRO C 128 20.57 24.35 -38.77
N GLY C 129 19.53 23.75 -39.31
CA GLY C 129 18.98 24.19 -40.58
C GLY C 129 18.52 23.08 -41.49
N MET C 130 19.12 21.90 -41.34
CA MET C 130 18.67 20.72 -42.07
C MET C 130 18.96 19.50 -41.21
N GLU C 131 18.69 18.32 -41.75
CA GLU C 131 18.78 17.10 -40.98
C GLU C 131 20.24 16.76 -40.67
N PRO C 132 20.50 16.18 -39.50
CA PRO C 132 21.87 15.85 -39.14
C PRO C 132 22.37 14.67 -39.96
N PRO C 133 23.67 14.59 -40.22
CA PRO C 133 24.20 13.56 -41.12
C PRO C 133 24.22 12.19 -40.47
N LYS C 134 23.97 11.17 -41.29
CA LYS C 134 23.88 9.80 -40.81
C LYS C 134 25.02 8.93 -41.31
N THR C 135 25.91 9.45 -42.13
CA THR C 135 27.07 8.70 -42.58
C THR C 135 28.32 9.56 -42.44
N PRO C 136 29.48 8.94 -42.18
CA PRO C 136 30.72 9.72 -42.13
C PRO C 136 31.14 10.30 -43.47
N GLU C 137 30.59 9.83 -44.58
CA GLU C 137 30.80 10.53 -45.85
C GLU C 137 30.08 11.86 -45.87
N ALA C 138 28.82 11.87 -45.42
CA ALA C 138 28.04 13.10 -45.41
C ALA C 138 28.52 14.06 -44.34
N ALA C 139 29.05 13.54 -43.24
CA ALA C 139 29.54 14.37 -42.16
C ALA C 139 30.98 14.78 -42.35
N ALA C 140 31.56 14.55 -43.52
CA ALA C 140 32.90 15.06 -43.78
C ALA C 140 32.88 16.54 -44.06
N HIS C 141 31.72 17.09 -44.41
CA HIS C 141 31.57 18.49 -44.78
C HIS C 141 31.12 19.35 -43.62
N CYS C 142 31.31 18.90 -42.40
CA CYS C 142 31.07 19.71 -41.22
C CYS C 142 32.41 20.21 -40.69
N ILE C 143 32.39 20.81 -39.50
CA ILE C 143 33.62 21.20 -38.82
C ILE C 143 34.02 20.00 -37.98
N HIS C 144 34.70 19.06 -38.61
CA HIS C 144 34.91 17.77 -37.97
C HIS C 144 36.36 17.59 -37.56
N ALA C 145 36.66 16.41 -37.00
CA ALA C 145 37.99 16.05 -36.53
C ALA C 145 38.03 14.55 -36.33
N GLU C 146 39.16 13.94 -36.69
CA GLU C 146 39.36 12.50 -36.59
C GLU C 146 40.54 12.22 -35.68
N TRP C 147 40.53 11.04 -35.06
CA TRP C 147 41.66 10.59 -34.27
C TRP C 147 41.63 9.08 -34.21
N ASP C 148 42.81 8.48 -34.07
CA ASP C 148 42.92 7.04 -33.94
C ASP C 148 43.57 6.69 -32.62
N THR C 149 43.30 5.46 -32.19
CA THR C 149 43.73 5.01 -30.88
C THR C 149 45.15 4.48 -30.91
N GLY C 150 46.03 5.14 -30.17
CA GLY C 150 47.42 4.74 -30.08
C GLY C 150 47.95 4.82 -28.67
N LEU C 151 49.08 5.50 -28.50
CA LEU C 151 49.72 5.54 -27.18
C LEU C 151 49.01 6.50 -26.24
N ASN C 152 48.83 7.75 -26.65
CA ASN C 152 48.02 8.69 -25.90
C ASN C 152 46.57 8.37 -26.25
N SER C 153 45.80 7.95 -25.26
CA SER C 153 44.49 7.35 -25.50
C SER C 153 43.32 8.30 -25.30
N LYS C 154 43.56 9.60 -25.22
CA LYS C 154 42.50 10.55 -24.92
C LYS C 154 42.49 11.66 -25.97
N PHE C 155 41.31 12.09 -26.38
CA PHE C 155 41.18 13.12 -27.40
C PHE C 155 40.17 14.15 -26.92
N THR C 156 40.54 15.43 -27.02
CA THR C 156 39.71 16.53 -26.58
C THR C 156 39.37 17.41 -27.78
N PHE C 157 38.08 17.54 -28.07
CA PHE C 157 37.58 18.30 -29.21
C PHE C 157 36.68 19.40 -28.69
N SER C 158 37.02 20.64 -29.00
CA SER C 158 36.28 21.79 -28.50
C SER C 158 35.16 22.13 -29.48
N ILE C 159 33.93 21.98 -29.03
CA ILE C 159 32.75 22.31 -29.85
C ILE C 159 32.73 23.80 -30.11
N PRO C 160 32.66 24.24 -31.37
CA PRO C 160 32.58 25.67 -31.64
C PRO C 160 31.23 26.22 -31.25
N TYR C 161 31.22 27.49 -30.88
CA TYR C 161 29.98 28.19 -30.59
C TYR C 161 29.61 29.04 -31.80
N LEU C 162 28.75 28.50 -32.64
CA LEU C 162 28.20 29.22 -33.77
C LEU C 162 26.76 29.56 -33.47
N SER C 163 26.42 30.84 -33.61
CA SER C 163 25.05 31.28 -33.38
C SER C 163 24.83 32.60 -34.10
N ALA C 164 23.56 32.86 -34.41
CA ALA C 164 23.18 34.19 -34.84
C ALA C 164 23.33 35.18 -33.71
N ALA C 165 22.58 34.98 -32.63
CA ALA C 165 22.65 35.85 -31.46
C ALA C 165 23.93 35.60 -30.69
N ASP C 166 24.22 36.52 -29.76
CA ASP C 166 25.48 36.46 -29.05
C ASP C 166 25.43 35.46 -27.90
N TYR C 167 24.23 35.17 -27.40
CA TYR C 167 24.01 34.25 -26.30
C TYR C 167 22.90 33.29 -26.68
N THR C 168 23.03 32.03 -26.30
CA THR C 168 22.02 31.03 -26.61
C THR C 168 21.43 30.45 -25.35
N TYR C 169 20.15 30.11 -25.43
CA TYR C 169 19.42 29.67 -24.25
C TYR C 169 19.87 28.29 -23.79
N THR C 170 20.12 28.16 -22.50
CA THR C 170 20.51 26.86 -21.96
C THR C 170 19.32 25.96 -21.71
N ALA C 171 18.10 26.48 -21.83
CA ALA C 171 16.90 25.69 -21.68
C ALA C 171 16.27 25.52 -23.05
N SER C 172 16.18 24.27 -23.52
CA SER C 172 15.50 24.00 -24.77
C SER C 172 14.01 24.25 -24.60
N ASP C 173 13.40 24.85 -25.62
CA ASP C 173 12.04 25.35 -25.54
C ASP C 173 11.05 24.21 -25.38
N VAL C 174 9.99 24.48 -24.62
CA VAL C 174 9.05 23.42 -24.27
C VAL C 174 8.19 23.05 -25.48
N ALA C 175 7.67 24.05 -26.18
CA ALA C 175 6.83 23.76 -27.33
C ALA C 175 7.65 23.50 -28.58
N GLU C 176 8.68 24.31 -28.81
CA GLU C 176 9.46 24.23 -30.04
C GLU C 176 10.38 23.00 -30.00
N THR C 177 10.11 22.04 -30.87
CA THR C 177 10.76 20.74 -30.83
C THR C 177 11.71 20.49 -32.00
N THR C 178 12.32 21.53 -32.55
CA THR C 178 13.24 21.31 -33.66
C THR C 178 14.69 21.33 -33.21
N ASN C 179 15.00 21.97 -32.08
CA ASN C 179 16.33 22.10 -31.48
C ASN C 179 17.28 22.79 -32.47
N VAL C 180 17.04 24.10 -32.60
CA VAL C 180 17.59 24.95 -33.64
C VAL C 180 18.89 25.58 -33.15
N GLN C 181 19.52 24.96 -32.16
CA GLN C 181 20.87 25.40 -31.79
C GLN C 181 21.96 24.52 -32.40
N GLY C 182 21.74 23.22 -32.57
CA GLY C 182 22.68 22.41 -33.30
C GLY C 182 22.75 20.96 -32.89
N TRP C 183 23.31 20.12 -33.75
CA TRP C 183 23.56 18.72 -33.42
C TRP C 183 25.07 18.49 -33.38
N VAL C 184 25.48 17.49 -32.61
CA VAL C 184 26.85 17.01 -32.63
C VAL C 184 26.83 15.50 -32.81
N CYS C 185 27.56 15.03 -33.80
CA CYS C 185 27.53 13.64 -34.22
C CYS C 185 28.92 13.06 -34.04
N LEU C 186 29.03 11.86 -33.48
CA LEU C 186 30.31 11.18 -33.46
C LEU C 186 30.12 9.79 -34.05
N PHE C 187 31.04 9.39 -34.91
CA PHE C 187 30.94 8.15 -35.67
C PHE C 187 32.13 7.28 -35.31
N GLN C 188 32.14 6.07 -35.85
CA GLN C 188 33.37 5.33 -36.00
C GLN C 188 33.59 5.18 -37.50
N ILE C 189 34.84 5.21 -37.92
CA ILE C 189 35.10 5.04 -39.34
C ILE C 189 35.49 3.61 -39.63
N THR C 190 36.37 3.04 -38.80
CA THR C 190 36.72 1.64 -38.87
C THR C 190 37.20 1.19 -37.51
N HIS C 191 37.36 -0.12 -37.38
CA HIS C 191 37.91 -0.69 -36.15
C HIS C 191 38.58 -2.01 -36.48
N GLY C 192 39.69 -2.28 -35.83
CA GLY C 192 40.33 -3.57 -36.00
C GLY C 192 40.27 -4.39 -34.74
N LYS C 193 39.41 -5.41 -34.75
CA LYS C 193 39.22 -6.36 -33.64
C LYS C 193 38.83 -5.63 -32.35
N ALA C 194 38.00 -4.59 -32.50
CA ALA C 194 37.58 -3.79 -31.36
C ALA C 194 36.12 -4.06 -30.98
N ASP C 195 35.67 -5.29 -31.17
CA ASP C 195 34.31 -5.64 -30.82
C ASP C 195 34.12 -5.70 -29.32
N GLY C 196 32.99 -5.19 -28.85
CA GLY C 196 32.68 -5.17 -27.43
C GLY C 196 33.49 -4.21 -26.59
N ASP C 197 34.34 -3.40 -27.20
CA ASP C 197 35.22 -2.49 -26.49
C ASP C 197 34.62 -1.10 -26.47
N ALA C 198 35.05 -0.30 -25.49
CA ALA C 198 34.33 0.89 -25.10
C ALA C 198 35.07 2.16 -25.47
N LEU C 199 34.35 3.27 -25.42
CA LEU C 199 34.88 4.61 -25.59
C LEU C 199 34.18 5.49 -24.58
N VAL C 200 34.78 5.68 -23.43
CA VAL C 200 34.14 6.49 -22.40
C VAL C 200 34.33 7.96 -22.75
N VAL C 201 33.26 8.74 -22.65
CA VAL C 201 33.30 10.13 -23.06
C VAL C 201 33.10 11.01 -21.84
N LEU C 202 33.53 12.25 -21.94
CA LEU C 202 33.42 13.20 -20.85
C LEU C 202 33.09 14.57 -21.43
N ALA C 203 32.70 15.50 -20.56
CA ALA C 203 32.44 16.86 -21.00
C ALA C 203 32.93 17.84 -19.95
N SER C 204 33.48 18.96 -20.42
CA SER C 204 33.98 19.99 -19.54
C SER C 204 33.58 21.35 -20.11
N ALA C 205 33.69 22.37 -19.26
CA ALA C 205 33.53 23.73 -19.75
C ALA C 205 34.74 24.10 -20.59
N GLY C 206 34.51 24.96 -21.57
CA GLY C 206 35.56 25.35 -22.48
C GLY C 206 36.44 26.43 -21.90
N LYS C 207 37.35 26.92 -22.74
CA LYS C 207 38.22 28.01 -22.32
C LYS C 207 37.46 29.32 -22.19
N ASP C 208 36.49 29.56 -23.07
CA ASP C 208 35.73 30.80 -23.10
C ASP C 208 34.25 30.56 -22.86
N PHE C 209 33.92 29.65 -21.96
CA PHE C 209 32.54 29.33 -21.64
C PHE C 209 32.12 30.16 -20.44
N GLU C 210 31.01 30.89 -20.58
CA GLU C 210 30.57 31.71 -19.47
C GLU C 210 29.05 31.78 -19.48
N LEU C 211 28.44 31.61 -18.30
CA LEU C 211 26.99 31.63 -18.18
C LEU C 211 26.53 32.99 -17.69
N ARG C 212 25.23 33.12 -17.49
CA ARG C 212 24.59 34.43 -17.48
C ARG C 212 23.17 34.31 -16.94
N LEU C 213 22.74 35.32 -16.16
CA LEU C 213 21.36 35.52 -15.71
C LEU C 213 20.79 34.38 -14.88
N PRO C 214 21.17 34.25 -13.61
CA PRO C 214 20.72 33.10 -12.83
C PRO C 214 19.24 33.14 -12.49
N VAL C 215 18.58 31.99 -12.62
CA VAL C 215 17.21 31.78 -12.18
C VAL C 215 17.15 30.54 -11.32
N ASP C 216 15.95 30.22 -10.84
CA ASP C 216 15.75 29.05 -9.98
C ASP C 216 15.13 27.89 -10.72
N ALA C 217 15.92 26.83 -10.92
CA ALA C 217 15.44 25.63 -11.60
C ALA C 217 14.31 24.98 -10.83
N ARG C 218 14.45 24.95 -9.50
CA ARG C 218 13.46 24.37 -8.59
C ARG C 218 13.12 22.92 -8.91
N THR C 219 14.14 22.14 -9.25
CA THR C 219 14.03 20.71 -9.58
C THR C 219 13.00 20.41 -10.70
N GLN C 220 12.98 21.27 -11.72
CA GLN C 220 12.08 21.10 -12.83
C GLN C 220 12.81 20.56 -14.05
N SER D 15 33.54 41.75 -4.67
CA SER D 15 33.34 42.02 -3.25
C SER D 15 32.06 41.36 -2.73
N GLY D 16 31.18 40.97 -3.65
CA GLY D 16 29.94 40.34 -3.26
C GLY D 16 28.79 40.80 -4.15
N ASN D 17 27.62 40.98 -3.55
CA ASN D 17 26.46 41.52 -4.23
C ASN D 17 26.08 42.87 -3.64
N THR D 18 27.07 43.68 -3.33
CA THR D 18 26.84 45.05 -2.89
C THR D 18 26.86 45.98 -4.10
N GLY D 19 26.17 47.10 -3.97
CA GLY D 19 26.08 48.04 -5.07
C GLY D 19 26.09 49.49 -4.62
N SER D 20 26.64 49.72 -3.44
CA SER D 20 26.67 51.04 -2.83
C SER D 20 28.07 51.62 -2.94
N ILE D 21 28.14 52.87 -3.38
CA ILE D 21 29.41 53.59 -3.41
C ILE D 21 29.70 54.31 -2.10
N ILE D 22 28.69 54.52 -1.27
CA ILE D 22 28.90 55.15 0.03
C ILE D 22 29.55 54.16 0.99
N ASN D 23 30.22 54.70 2.00
CA ASN D 23 30.77 53.86 3.05
C ASN D 23 29.64 53.33 3.92
N ASN D 24 29.90 52.20 4.56
CA ASN D 24 28.91 51.58 5.44
C ASN D 24 28.71 52.44 6.68
N TYR D 25 27.55 52.30 7.31
CA TYR D 25 27.30 53.09 8.51
C TYR D 25 27.92 52.44 9.74
N TYR D 26 27.70 51.14 9.92
CA TYR D 26 28.25 50.39 11.04
C TYR D 26 29.63 49.91 10.64
N MET D 27 30.56 49.89 11.62
CA MET D 27 31.97 50.07 11.30
C MET D 27 32.61 49.01 10.41
N GLN D 28 33.02 47.88 10.99
CA GLN D 28 33.29 46.71 10.18
C GLN D 28 32.93 45.49 11.02
N GLN D 29 32.98 45.70 12.32
CA GLN D 29 32.85 44.64 13.30
C GLN D 29 31.49 44.57 13.94
N TYR D 30 30.64 45.56 13.69
CA TYR D 30 29.21 45.41 13.95
C TYR D 30 28.44 45.10 12.68
N GLN D 31 29.14 44.78 11.60
CA GLN D 31 28.50 44.42 10.35
C GLN D 31 28.73 42.96 10.00
N ASN D 32 29.98 42.53 9.96
CA ASN D 32 30.33 41.14 9.69
C ASN D 32 30.97 40.53 10.93
N SER D 33 31.41 39.28 10.77
CA SER D 33 32.29 38.66 11.74
C SER D 33 33.72 38.83 11.25
N MET D 34 34.58 39.36 12.12
CA MET D 34 35.96 39.62 11.72
C MET D 34 36.73 38.31 11.56
N ASP D 35 37.49 38.22 10.48
CA ASP D 35 38.31 37.04 10.23
C ASP D 35 39.68 37.20 10.86
N THR D 36 40.27 36.09 11.25
CA THR D 36 41.54 36.07 11.96
C THR D 36 42.54 35.25 11.16
N GLN D 37 43.69 35.83 10.88
CA GLN D 37 44.74 35.12 10.19
C GLN D 37 45.53 34.25 11.17
N LEU D 38 46.25 33.28 10.62
CA LEU D 38 47.09 32.39 11.39
C LEU D 38 48.44 32.27 10.70
N GLY D 39 49.50 32.31 11.50
CA GLY D 39 50.86 32.21 10.98
C GLY D 39 51.92 32.26 12.05
N ASP D 66 41.28 30.06 -5.36
CA ASP D 66 42.64 29.87 -4.87
C ASP D 66 43.25 28.64 -5.48
N TRP D 67 42.68 27.47 -5.20
CA TRP D 67 43.21 26.23 -5.78
C TRP D 67 42.72 26.03 -7.20
N PHE D 68 41.40 25.94 -7.38
CA PHE D 68 40.85 25.63 -8.70
C PHE D 68 41.04 26.73 -9.72
N SER D 69 41.39 27.95 -9.31
CA SER D 69 41.82 28.93 -10.30
C SER D 69 43.23 28.65 -10.76
N LYS D 70 44.07 28.07 -9.89
CA LYS D 70 45.39 27.63 -10.32
C LYS D 70 45.32 26.32 -11.07
N LEU D 71 44.30 25.50 -10.80
CA LEU D 71 44.19 24.23 -11.48
C LEU D 71 43.66 24.42 -12.89
N ALA D 72 42.72 25.34 -13.08
CA ALA D 72 42.13 25.55 -14.40
C ALA D 72 43.03 26.38 -15.30
N SER D 73 44.02 27.06 -14.73
CA SER D 73 44.91 27.88 -15.53
C SER D 73 46.19 27.14 -15.93
N SER D 74 46.44 25.98 -15.36
CA SER D 74 47.56 25.13 -15.78
C SER D 74 47.13 24.10 -16.81
N ALA D 75 46.09 24.37 -17.58
CA ALA D 75 45.56 23.39 -18.51
C ALA D 75 46.43 23.30 -19.75
N PHE D 76 46.75 22.08 -20.16
CA PHE D 76 47.51 21.88 -21.38
C PHE D 76 46.66 22.17 -22.60
N SER D 77 47.29 22.72 -23.63
CA SER D 77 46.61 23.09 -24.86
C SER D 77 47.53 22.77 -26.03
N GLY D 78 47.18 23.30 -27.20
CA GLY D 78 47.97 23.04 -28.39
C GLY D 78 47.77 21.64 -28.90
N LEU D 79 48.87 20.96 -29.20
CA LEU D 79 48.83 19.58 -29.68
C LEU D 79 49.75 18.73 -28.81
N PHE D 80 49.97 17.50 -29.27
CA PHE D 80 50.94 16.62 -28.63
C PHE D 80 52.07 16.22 -29.58
N GLY D 81 51.81 16.25 -30.90
CA GLY D 81 52.81 15.92 -31.89
C GLY D 81 53.04 17.05 -32.87
N ALA D 82 53.86 16.75 -33.87
CA ALA D 82 54.26 17.74 -34.86
C ALA D 82 53.09 18.04 -35.79
N LEU D 83 52.59 19.26 -35.73
CA LEU D 83 51.42 19.64 -36.51
C LEU D 83 51.83 20.17 -37.87
N LEU D 84 50.84 20.23 -38.77
CA LEU D 84 50.99 20.84 -40.08
C LEU D 84 49.96 21.95 -40.23
N ALA D 85 50.05 22.66 -41.35
CA ALA D 85 49.14 23.76 -41.62
C ALA D 85 48.02 23.32 -42.54
N PHE E 1 -20.66 -38.09 -6.52
CA PHE E 1 -21.97 -38.54 -6.07
C PHE E 1 -21.89 -39.90 -5.39
N ASN E 2 -20.73 -40.56 -5.55
CA ASN E 2 -20.56 -41.93 -5.06
C ASN E 2 -19.87 -42.01 -3.70
N LEU E 3 -19.59 -40.85 -3.10
CA LEU E 3 -18.94 -40.83 -1.79
C LEU E 3 -19.89 -41.30 -0.69
N ASP E 4 -19.37 -42.10 0.23
CA ASP E 4 -20.14 -42.59 1.35
C ASP E 4 -20.32 -41.50 2.41
N VAL E 5 -21.56 -41.27 2.83
CA VAL E 5 -21.85 -40.25 3.82
C VAL E 5 -22.51 -40.86 5.06
N ASP E 6 -23.03 -42.07 4.91
CA ASP E 6 -23.70 -42.77 6.01
C ASP E 6 -22.76 -42.98 7.20
N SER E 7 -21.68 -43.69 6.98
CA SER E 7 -20.70 -43.93 8.03
C SER E 7 -19.27 -43.66 7.55
N PRO E 8 -18.89 -42.37 7.45
CA PRO E 8 -17.53 -41.99 7.06
C PRO E 8 -16.59 -42.04 8.26
N ALA E 9 -15.30 -42.20 8.00
CA ALA E 9 -14.31 -42.35 9.07
C ALA E 9 -14.01 -41.00 9.73
N GLU E 10 -14.26 -40.93 11.04
CA GLU E 10 -13.98 -39.73 11.80
C GLU E 10 -12.71 -39.86 12.62
N TYR E 11 -11.94 -38.78 12.68
CA TYR E 11 -10.71 -38.74 13.47
C TYR E 11 -10.64 -37.43 14.21
N SER E 12 -10.11 -37.46 15.43
CA SER E 12 -10.06 -36.27 16.27
C SER E 12 -8.70 -36.09 16.95
N GLY E 13 -8.56 -34.99 17.68
CA GLY E 13 -7.35 -34.69 18.41
C GLY E 13 -7.63 -33.78 19.59
N PRO E 14 -6.57 -33.24 20.22
CA PRO E 14 -6.69 -32.33 21.35
C PRO E 14 -7.43 -31.06 20.96
N GLU E 15 -8.32 -30.57 21.81
CA GLU E 15 -9.07 -29.37 21.47
C GLU E 15 -8.19 -28.12 21.53
N GLY E 16 -8.14 -27.39 20.42
CA GLY E 16 -7.32 -26.21 20.31
C GLY E 16 -6.03 -26.48 19.57
N SER E 17 -5.83 -27.74 19.19
CA SER E 17 -4.60 -28.14 18.50
C SER E 17 -4.71 -27.96 16.99
N TYR E 18 -5.86 -27.49 16.54
CA TYR E 18 -6.15 -27.32 15.10
C TYR E 18 -5.94 -28.62 14.32
N PHE E 19 -6.51 -29.70 14.83
CA PHE E 19 -6.41 -31.00 14.18
C PHE E 19 -7.27 -31.00 12.91
N GLY E 20 -6.62 -30.93 11.77
CA GLY E 20 -7.31 -30.93 10.50
C GLY E 20 -6.98 -29.73 9.63
N PHE E 21 -6.00 -28.95 10.07
CA PHE E 21 -5.56 -27.78 9.32
C PHE E 21 -4.87 -28.20 8.03
N ALA E 22 -4.31 -29.41 8.03
CA ALA E 22 -3.69 -29.98 6.84
C ALA E 22 -3.84 -31.49 6.85
N VAL E 23 -4.14 -32.07 5.69
CA VAL E 23 -4.36 -33.50 5.58
C VAL E 23 -3.75 -34.10 4.31
N ASP E 24 -3.37 -35.37 4.38
CA ASP E 24 -2.83 -36.08 3.23
C ASP E 24 -2.93 -37.58 3.45
N PHE E 25 -2.66 -38.34 2.39
CA PHE E 25 -2.59 -39.79 2.48
C PHE E 25 -1.13 -40.21 2.61
N PHE E 26 -0.90 -41.34 3.28
CA PHE E 26 0.44 -41.90 3.35
C PHE E 26 0.46 -43.37 2.92
N VAL E 27 0.98 -43.61 1.71
CA VAL E 27 1.06 -44.97 1.19
C VAL E 27 2.52 -45.39 0.94
N PRO E 28 3.08 -46.15 1.89
CA PRO E 28 4.47 -46.60 1.82
C PRO E 28 4.62 -47.92 1.08
N SER E 29 5.46 -48.81 1.61
CA SER E 29 5.69 -50.11 0.98
C SER E 29 5.92 -51.18 2.04
N SER E 32 2.88 -52.70 3.06
CA SER E 32 1.73 -52.49 2.17
C SER E 32 0.50 -52.05 2.96
N ARG E 33 0.72 -51.18 3.95
CA ARG E 33 -0.36 -50.69 4.79
C ARG E 33 -0.71 -49.26 4.41
N MET E 34 -1.93 -48.83 4.73
CA MET E 34 -2.41 -47.51 4.35
C MET E 34 -2.70 -46.64 5.57
N PHE E 35 -2.28 -45.38 5.52
CA PHE E 35 -2.45 -44.49 6.68
C PHE E 35 -2.97 -43.11 6.30
N LEU E 36 -3.24 -42.29 7.32
CA LEU E 36 -3.74 -40.95 7.13
C LEU E 36 -2.84 -39.94 7.85
N LEU E 37 -2.53 -38.84 7.18
CA LEU E 37 -1.71 -37.79 7.78
C LEU E 37 -2.54 -36.55 8.09
N VAL E 38 -2.61 -36.19 9.37
CA VAL E 38 -3.33 -35.00 9.78
C VAL E 38 -2.40 -33.99 10.45
N GLY E 39 -2.43 -32.76 9.97
CA GLY E 39 -1.61 -31.71 10.54
C GLY E 39 -2.30 -30.99 11.69
N ALA E 40 -1.65 -30.98 12.84
CA ALA E 40 -2.15 -30.25 14.00
C ALA E 40 -1.10 -29.25 14.47
N PRO E 41 -1.07 -28.07 13.84
CA PRO E 41 -0.03 -27.06 14.06
C PRO E 41 -0.07 -26.37 15.42
N LYS E 42 -1.10 -26.66 16.22
CA LYS E 42 -1.19 -26.08 17.56
C LYS E 42 -1.18 -27.15 18.65
N ALA E 43 -0.74 -28.35 18.29
CA ALA E 43 -0.69 -29.45 19.24
C ALA E 43 0.53 -29.35 20.14
N ASN E 44 0.32 -29.53 21.45
CA ASN E 44 1.43 -29.54 22.40
C ASN E 44 2.29 -30.77 22.20
N THR E 45 3.60 -30.60 22.37
CA THR E 45 4.54 -31.71 22.26
C THR E 45 5.31 -31.89 23.55
N THR E 46 6.06 -32.99 23.64
CA THR E 46 6.89 -33.26 24.81
C THR E 46 8.27 -32.65 24.65
N GLN E 47 8.45 -31.88 23.59
CA GLN E 47 9.72 -31.19 23.34
C GLN E 47 10.03 -30.24 24.49
N PRO E 48 11.28 -30.28 24.97
CA PRO E 48 11.74 -29.51 26.15
C PRO E 48 11.43 -28.02 26.06
N GLY E 49 10.48 -27.56 26.86
CA GLY E 49 10.17 -26.15 26.95
C GLY E 49 9.62 -25.53 25.68
N ILE E 50 8.75 -26.27 24.98
CA ILE E 50 8.13 -25.78 23.78
C ILE E 50 6.62 -25.93 23.81
N VAL E 51 5.92 -24.83 24.08
CA VAL E 51 4.47 -24.86 24.15
C VAL E 51 3.85 -24.73 22.77
N GLU E 52 2.96 -25.68 22.44
CA GLU E 52 2.33 -25.74 21.13
C GLU E 52 3.35 -25.71 20.00
N GLY E 53 4.20 -26.73 19.93
CA GLY E 53 5.17 -26.82 18.85
C GLY E 53 4.50 -27.30 17.58
N GLY E 54 3.39 -28.01 17.74
CA GLY E 54 2.68 -28.56 16.60
C GLY E 54 3.25 -29.90 16.17
N GLN E 55 2.38 -30.84 15.83
CA GLN E 55 2.83 -32.16 15.41
C GLN E 55 1.97 -32.72 14.27
N VAL E 56 2.52 -33.70 13.56
CA VAL E 56 1.79 -34.39 12.51
C VAL E 56 1.46 -35.81 12.97
N LEU E 57 0.21 -36.22 12.81
CA LEU E 57 -0.23 -37.51 13.30
C LEU E 57 -0.49 -38.51 12.18
N LYS E 58 0.06 -39.71 12.33
CA LYS E 58 -0.22 -40.79 11.40
C LYS E 58 -1.42 -41.57 11.91
N CYS E 59 -2.54 -41.44 11.20
CA CYS E 59 -3.78 -42.07 11.63
C CYS E 59 -4.01 -43.42 10.97
N ASP E 60 -3.99 -44.47 11.78
CA ASP E 60 -4.17 -45.83 11.30
C ASP E 60 -5.59 -46.01 10.76
N TRP E 61 -5.69 -46.27 9.45
CA TRP E 61 -6.99 -46.54 8.85
C TRP E 61 -7.41 -47.98 9.10
N SER E 62 -6.42 -48.87 9.17
CA SER E 62 -6.68 -50.28 9.43
C SER E 62 -7.23 -50.48 10.85
N SER E 63 -8.34 -51.20 10.94
CA SER E 63 -8.99 -51.51 12.21
C SER E 63 -9.41 -50.27 12.99
N THR E 64 -8.82 -50.11 14.18
CA THR E 64 -9.21 -49.03 15.09
C THR E 64 -8.90 -47.64 14.54
N ARG E 65 -9.40 -46.62 15.24
CA ARG E 65 -9.20 -45.24 14.84
C ARG E 65 -8.13 -44.58 15.70
N ARG E 66 -6.93 -45.15 15.68
CA ARG E 66 -5.81 -44.62 16.46
C ARG E 66 -4.96 -43.67 15.64
N CYS E 67 -4.63 -42.51 16.20
CA CYS E 67 -3.77 -41.54 15.54
C CYS E 67 -2.46 -41.34 16.30
N GLN E 68 -1.44 -42.10 15.92
CA GLN E 68 -0.14 -41.97 16.56
C GLN E 68 0.66 -40.81 15.97
N PRO E 69 1.12 -39.90 16.84
CA PRO E 69 1.94 -38.76 16.41
C PRO E 69 3.24 -39.21 15.77
N ILE E 70 3.82 -38.38 14.93
CA ILE E 70 5.09 -38.71 14.28
C ILE E 70 6.21 -37.80 14.78
N GLU E 71 7.30 -38.41 15.23
CA GLU E 71 8.45 -37.64 15.71
C GLU E 71 9.41 -37.28 14.60
N PHE E 72 9.31 -36.05 14.10
CA PHE E 72 10.28 -35.51 13.17
C PHE E 72 11.41 -34.89 13.97
N ASP E 73 11.02 -34.21 15.05
CA ASP E 73 11.97 -33.53 15.92
C ASP E 73 11.46 -33.57 17.35
N ALA E 74 12.25 -34.19 18.24
CA ALA E 74 11.87 -34.32 19.63
C ALA E 74 12.62 -33.33 20.51
N THR E 75 13.58 -32.63 19.90
CA THR E 75 14.45 -31.72 20.64
C THR E 75 13.81 -30.35 20.88
N GLY E 76 14.44 -29.57 21.75
CA GLY E 76 14.00 -28.21 22.03
C GLY E 76 14.77 -27.19 21.20
N ASN E 77 14.87 -25.97 21.71
CA ASN E 77 15.59 -24.92 21.01
C ASN E 77 17.11 -25.08 21.13
N ARG E 78 17.77 -25.33 20.01
CA ARG E 78 19.23 -25.36 19.97
C ARG E 78 19.78 -23.98 20.29
N ASP E 79 21.01 -23.94 20.80
CA ASP E 79 21.63 -22.67 21.15
C ASP E 79 22.72 -22.26 20.16
N TYR E 80 22.79 -20.96 19.90
CA TYR E 80 23.82 -20.40 19.03
C TYR E 80 25.12 -20.33 19.81
N ALA E 81 25.03 -19.85 21.05
CA ALA E 81 26.16 -19.82 21.96
C ALA E 81 25.67 -20.17 23.35
N LYS E 82 26.47 -19.86 24.37
CA LYS E 82 26.06 -20.08 25.75
C LYS E 82 25.00 -19.07 26.14
N ASP E 83 23.86 -19.56 26.66
CA ASP E 83 22.74 -18.71 27.05
C ASP E 83 22.25 -17.82 25.90
N ASP E 84 22.18 -18.39 24.71
CA ASP E 84 21.73 -17.65 23.53
C ASP E 84 21.05 -18.62 22.57
N PRO E 85 19.72 -18.77 22.71
CA PRO E 85 18.95 -19.68 21.86
C PRO E 85 19.09 -19.34 20.38
N LEU E 86 19.19 -20.37 19.56
CA LEU E 86 19.32 -20.21 18.11
C LEU E 86 17.95 -20.12 17.44
N GLU E 87 16.98 -20.86 17.98
CA GLU E 87 15.67 -20.95 17.35
C GLU E 87 14.53 -20.80 18.36
N PHE E 88 13.32 -20.68 17.86
CA PHE E 88 12.13 -20.51 18.69
C PHE E 88 11.00 -21.39 18.15
N LYS E 89 10.99 -22.64 18.57
CA LYS E 89 10.02 -23.60 18.05
C LYS E 89 8.65 -23.46 18.71
N SER E 90 8.57 -22.62 19.74
CA SER E 90 7.29 -22.36 20.40
C SER E 90 6.34 -21.68 19.41
N HIS E 91 5.15 -22.26 19.25
CA HIS E 91 4.12 -21.74 18.35
C HIS E 91 4.60 -21.68 16.90
N GLN E 92 5.47 -22.60 16.52
CA GLN E 92 6.07 -22.59 15.19
C GLN E 92 5.09 -23.10 14.12
N TRP E 93 3.92 -23.54 14.55
CA TRP E 93 2.87 -24.04 13.66
C TRP E 93 3.32 -25.21 12.80
N PHE E 94 4.12 -26.10 13.38
CA PHE E 94 4.59 -27.28 12.64
C PHE E 94 3.41 -28.20 12.33
N GLY E 95 3.29 -28.59 11.06
CA GLY E 95 2.17 -29.40 10.63
C GLY E 95 1.11 -28.56 9.93
N ALA E 96 1.42 -27.29 9.71
CA ALA E 96 0.51 -26.39 9.02
C ALA E 96 0.37 -26.79 7.56
N SER E 97 1.38 -27.50 7.05
CA SER E 97 1.33 -28.04 5.70
C SER E 97 2.03 -29.40 5.65
N VAL E 98 1.28 -30.43 5.26
CA VAL E 98 1.79 -31.79 5.18
C VAL E 98 1.62 -32.37 3.77
N ARG E 99 2.71 -32.85 3.19
CA ARG E 99 2.68 -33.43 1.86
C ARG E 99 3.46 -34.75 1.84
N SER E 100 2.87 -35.78 1.27
CA SER E 100 3.49 -37.10 1.26
C SER E 100 3.57 -37.70 -0.14
N LYS E 101 4.66 -38.43 -0.38
CA LYS E 101 4.87 -39.12 -1.64
C LYS E 101 5.59 -40.43 -1.38
N GLN E 102 4.84 -41.54 -1.47
CA GLN E 102 5.37 -42.87 -1.20
C GLN E 102 5.93 -42.98 0.22
N ASP E 103 7.25 -43.12 0.33
CA ASP E 103 7.90 -43.25 1.63
C ASP E 103 8.27 -41.91 2.23
N LYS E 104 8.16 -40.85 1.42
CA LYS E 104 8.61 -39.52 1.84
C LYS E 104 7.48 -38.65 2.39
N ILE E 105 7.63 -38.25 3.65
CA ILE E 105 6.67 -37.33 4.28
C ILE E 105 7.33 -35.98 4.56
N LEU E 106 6.74 -34.92 4.03
CA LEU E 106 7.25 -33.58 4.25
C LEU E 106 6.25 -32.72 5.02
N ALA E 107 6.65 -32.27 6.21
CA ALA E 107 5.84 -31.36 7.00
C ALA E 107 6.63 -30.08 7.25
N CYS E 108 5.93 -28.98 7.53
CA CYS E 108 6.60 -27.70 7.67
C CYS E 108 6.07 -26.85 8.83
N ALA E 109 6.91 -25.91 9.27
CA ALA E 109 6.56 -24.97 10.33
C ALA E 109 6.73 -23.54 9.84
N PRO E 110 5.67 -22.97 9.26
CA PRO E 110 5.69 -21.63 8.66
C PRO E 110 6.04 -20.52 9.64
N LEU E 111 5.68 -20.70 10.92
CA LEU E 111 5.93 -19.68 11.93
C LEU E 111 7.08 -20.05 12.86
N TYR E 112 8.02 -20.85 12.33
CA TYR E 112 9.25 -21.15 13.04
C TYR E 112 10.19 -19.95 12.96
N HIS E 113 10.59 -19.43 14.11
CA HIS E 113 11.49 -18.28 14.14
C HIS E 113 12.94 -18.69 14.41
N TRP E 114 13.87 -17.89 13.91
CA TRP E 114 15.28 -18.26 13.94
C TRP E 114 16.17 -17.04 14.21
N ARG E 115 17.10 -17.18 15.17
CA ARG E 115 18.06 -16.14 15.46
C ARG E 115 19.14 -16.13 14.39
N THR E 116 19.49 -14.94 13.92
CA THR E 116 20.54 -14.79 12.92
C THR E 116 21.87 -15.31 13.46
N GLU E 117 22.80 -15.60 12.56
CA GLU E 117 24.14 -16.00 12.96
C GLU E 117 25.00 -14.78 13.27
N MET E 118 24.37 -13.61 13.29
CA MET E 118 25.04 -12.37 13.65
C MET E 118 24.38 -11.74 14.87
N LYS E 119 23.51 -10.77 14.63
CA LYS E 119 22.79 -10.12 15.72
C LYS E 119 21.69 -11.02 16.27
N GLN E 120 21.21 -10.71 17.48
CA GLN E 120 20.17 -11.51 18.11
C GLN E 120 18.78 -11.11 17.64
N GLU E 121 18.32 -11.75 16.58
CA GLU E 121 17.01 -11.46 16.01
C GLU E 121 16.05 -12.62 16.20
N ARG E 122 14.81 -12.43 15.76
CA ARG E 122 13.82 -13.49 15.80
C ARG E 122 13.00 -13.43 14.52
N GLU E 123 13.51 -14.07 13.47
CA GLU E 123 12.92 -13.96 12.14
C GLU E 123 12.29 -15.28 11.69
N PRO E 124 11.04 -15.22 11.21
CA PRO E 124 10.27 -16.38 10.76
C PRO E 124 10.67 -16.86 9.37
N VAL E 125 11.82 -17.54 9.27
CA VAL E 125 12.26 -18.10 8.01
C VAL E 125 11.45 -19.34 7.67
N GLY E 126 10.84 -19.95 8.67
CA GLY E 126 10.12 -21.20 8.50
C GLY E 126 11.06 -22.37 8.33
N THR E 127 10.60 -23.57 8.68
CA THR E 127 11.42 -24.76 8.51
C THR E 127 10.56 -25.98 8.19
N CYS E 128 11.22 -27.03 7.70
CA CYS E 128 10.54 -28.27 7.34
C CYS E 128 11.34 -29.48 7.80
N PHE E 129 10.66 -30.62 7.91
CA PHE E 129 11.32 -31.87 8.24
C PHE E 129 10.94 -32.96 7.24
N LEU E 130 11.93 -33.45 6.49
CA LEU E 130 11.71 -34.48 5.49
C LEU E 130 12.08 -35.85 6.04
N GLN E 131 11.15 -36.80 5.94
CA GLN E 131 11.36 -38.15 6.45
C GLN E 131 11.22 -39.20 5.35
N ASP E 132 12.24 -40.03 5.20
CA ASP E 132 12.22 -41.11 4.22
C ASP E 132 12.36 -42.45 4.94
N GLY E 133 11.25 -42.95 5.47
CA GLY E 133 11.25 -44.20 6.22
C GLY E 133 11.99 -44.08 7.54
N THR E 134 13.25 -44.49 7.54
CA THR E 134 14.07 -44.44 8.74
C THR E 134 14.82 -43.11 8.83
N LYS E 135 15.06 -42.48 7.68
CA LYS E 135 15.76 -41.20 7.62
C LYS E 135 14.84 -40.05 8.00
N THR E 136 15.44 -38.97 8.51
CA THR E 136 14.70 -37.75 8.83
C THR E 136 15.67 -36.57 8.92
N VAL E 137 15.58 -35.65 7.95
CA VAL E 137 16.47 -34.49 7.92
C VAL E 137 15.67 -33.20 8.10
N GLU E 138 16.38 -32.09 8.21
CA GLU E 138 15.73 -30.79 8.27
C GLU E 138 15.98 -30.00 6.99
N TYR E 139 14.97 -29.29 6.53
CA TYR E 139 15.04 -28.55 5.28
C TYR E 139 14.54 -27.11 5.44
N ALA E 140 15.47 -26.20 5.70
CA ALA E 140 15.13 -24.79 5.85
C ALA E 140 15.89 -23.93 4.84
N PRO E 141 15.40 -23.87 3.60
CA PRO E 141 16.07 -23.16 2.51
C PRO E 141 16.08 -21.65 2.70
N CYS E 142 15.12 -21.11 3.45
CA CYS E 142 15.06 -19.68 3.70
C CYS E 142 15.91 -19.26 4.90
N ARG E 143 16.36 -20.25 5.66
CA ARG E 143 17.24 -19.99 6.80
C ARG E 143 18.67 -19.88 6.29
N SER E 144 19.02 -18.70 5.77
CA SER E 144 20.32 -18.51 5.13
C SER E 144 21.04 -17.24 5.58
N GLN E 145 22.08 -16.89 4.85
CA GLN E 145 22.86 -15.68 5.14
C GLN E 145 22.10 -14.43 4.73
N ASP E 146 21.15 -14.60 3.81
CA ASP E 146 20.30 -13.51 3.37
C ASP E 146 19.17 -13.32 4.38
N ILE E 147 19.22 -12.27 5.19
CA ILE E 147 18.20 -12.12 6.23
C ILE E 147 16.89 -11.74 6.94
N ASP E 148 16.66 -10.43 6.94
CA ASP E 148 15.46 -9.82 7.49
C ASP E 148 14.83 -8.85 6.47
N ALA E 149 13.54 -9.06 6.24
CA ALA E 149 12.67 -8.24 5.37
C ALA E 149 12.99 -8.24 3.88
N ASP E 150 14.18 -7.77 3.57
CA ASP E 150 14.65 -7.66 2.18
C ASP E 150 15.33 -8.95 1.71
N GLY E 151 15.70 -9.80 2.66
CA GLY E 151 16.23 -11.11 2.35
C GLY E 151 15.17 -12.18 2.54
N GLN E 152 15.58 -13.32 3.10
CA GLN E 152 14.67 -14.43 3.32
C GLN E 152 14.29 -14.55 4.79
N GLY E 153 14.53 -13.49 5.55
CA GLY E 153 14.30 -13.51 6.99
C GLY E 153 12.86 -13.76 7.38
N PHE E 154 11.93 -13.16 6.63
CA PHE E 154 10.51 -13.29 6.94
C PHE E 154 9.82 -14.15 5.89
N CYS E 155 10.61 -15.00 5.25
CA CYS E 155 10.14 -15.89 4.19
C CYS E 155 8.99 -16.80 4.60
N GLN E 156 9.06 -17.33 5.82
CA GLN E 156 8.13 -18.34 6.29
C GLN E 156 8.08 -19.52 5.32
N GLY E 157 9.25 -20.01 4.94
CA GLY E 157 9.37 -21.11 3.99
C GLY E 157 8.63 -22.36 4.46
N GLY E 158 7.78 -22.88 3.58
CA GLY E 158 6.98 -24.06 3.89
C GLY E 158 5.52 -23.73 4.08
N PHE E 159 5.16 -22.47 3.82
CA PHE E 159 3.78 -22.02 3.89
C PHE E 159 2.89 -22.82 2.94
N SER E 160 3.50 -23.29 1.85
CA SER E 160 2.86 -24.22 0.93
C SER E 160 3.93 -25.10 0.28
N ILE E 161 3.63 -26.40 0.15
CA ILE E 161 4.60 -27.36 -0.39
C ILE E 161 3.95 -28.35 -1.35
N ASP E 162 4.77 -28.93 -2.23
CA ASP E 162 4.28 -29.91 -3.19
C ASP E 162 5.44 -30.74 -3.77
N PHE E 163 5.16 -32.01 -4.07
CA PHE E 163 6.14 -32.88 -4.70
C PHE E 163 5.93 -32.95 -6.22
N THR E 164 7.02 -33.08 -6.97
CA THR E 164 6.93 -33.31 -8.41
C THR E 164 7.11 -34.80 -8.68
N LYS E 165 6.93 -35.20 -9.94
CA LYS E 165 7.04 -36.61 -10.29
C LYS E 165 8.49 -37.07 -10.37
N ALA E 166 9.40 -36.11 -10.56
CA ALA E 166 10.83 -36.41 -10.60
C ALA E 166 11.45 -36.34 -9.21
N ASP E 167 10.60 -36.49 -8.19
CA ASP E 167 11.01 -36.42 -6.79
C ASP E 167 11.77 -35.13 -6.48
N ARG E 168 11.11 -34.00 -6.73
CA ARG E 168 11.67 -32.69 -6.44
C ARG E 168 10.67 -31.93 -5.60
N VAL E 169 11.15 -31.27 -4.54
CA VAL E 169 10.28 -30.54 -3.63
C VAL E 169 10.02 -29.12 -4.11
N LEU E 170 8.75 -28.70 -4.11
CA LEU E 170 8.40 -27.32 -4.39
C LEU E 170 7.95 -26.62 -3.10
N LEU E 171 8.61 -25.52 -2.76
CA LEU E 171 8.34 -24.83 -1.51
C LEU E 171 8.05 -23.35 -1.72
N GLY E 172 7.04 -22.84 -1.02
CA GLY E 172 6.65 -21.46 -1.16
C GLY E 172 6.83 -20.65 0.12
N GLY E 173 7.28 -19.41 -0.04
CA GLY E 173 7.48 -18.51 1.09
C GLY E 173 7.05 -17.10 0.74
N PRO E 174 5.90 -16.67 1.28
CA PRO E 174 5.24 -15.40 0.89
C PRO E 174 5.91 -14.14 1.43
N GLY E 175 6.97 -14.28 2.21
CA GLY E 175 7.55 -13.13 2.89
C GLY E 175 8.92 -12.70 2.41
N SER E 176 9.50 -13.45 1.47
CA SER E 176 10.83 -13.13 0.96
C SER E 176 10.86 -11.80 0.21
N PHE E 177 11.92 -11.04 0.43
CA PHE E 177 12.16 -9.78 -0.25
C PHE E 177 10.99 -8.80 -0.07
N TYR E 178 10.73 -8.44 1.19
CA TYR E 178 9.60 -7.59 1.55
C TYR E 178 8.28 -8.12 0.98
N TRP E 179 8.04 -9.40 1.23
CA TRP E 179 6.79 -10.07 0.88
C TRP E 179 6.49 -10.13 -0.61
N GLN E 180 7.54 -10.04 -1.43
CA GLN E 180 7.41 -10.34 -2.84
C GLN E 180 7.01 -11.81 -2.95
N GLY E 181 7.57 -12.62 -2.07
CA GLY E 181 7.33 -14.04 -2.07
C GLY E 181 8.43 -14.73 -2.85
N GLN E 182 8.56 -16.03 -2.66
CA GLN E 182 9.61 -16.78 -3.33
C GLN E 182 9.20 -18.22 -3.55
N LEU E 183 9.52 -18.74 -4.73
CA LEU E 183 9.36 -20.15 -5.01
C LEU E 183 10.72 -20.82 -4.92
N ILE E 184 10.82 -21.83 -4.07
CA ILE E 184 12.07 -22.57 -3.91
C ILE E 184 11.86 -24.04 -4.23
N SER E 185 12.71 -24.58 -5.11
CA SER E 185 12.60 -25.97 -5.51
C SER E 185 13.91 -26.73 -5.38
N ASP E 186 13.88 -27.81 -4.62
CA ASP E 186 15.05 -28.67 -4.43
C ASP E 186 14.70 -30.12 -4.67
N GLN E 187 15.64 -30.86 -5.25
CA GLN E 187 15.47 -32.30 -5.43
C GLN E 187 15.65 -33.00 -4.09
N VAL E 188 14.84 -34.02 -3.85
CA VAL E 188 14.84 -34.72 -2.57
C VAL E 188 16.18 -35.41 -2.28
N ALA E 189 16.97 -35.60 -3.34
CA ALA E 189 18.28 -36.21 -3.21
C ALA E 189 19.21 -35.33 -2.38
N GLU E 190 19.33 -34.07 -2.77
CA GLU E 190 20.25 -33.15 -2.11
C GLU E 190 19.78 -32.68 -0.74
N ILE E 191 18.47 -32.74 -0.51
CA ILE E 191 17.91 -32.31 0.77
C ILE E 191 18.43 -33.18 1.91
N VAL E 192 18.60 -34.47 1.62
CA VAL E 192 19.14 -35.41 2.60
C VAL E 192 20.65 -35.58 2.44
N SER E 193 21.11 -35.60 1.20
CA SER E 193 22.53 -35.82 0.89
C SER E 193 23.42 -34.68 1.37
N LYS E 194 22.90 -33.46 1.33
CA LYS E 194 23.67 -32.30 1.75
C LYS E 194 23.28 -31.86 3.16
N TYR E 195 22.54 -32.70 3.86
CA TYR E 195 22.12 -32.37 5.22
C TYR E 195 23.30 -32.36 6.19
N ASP E 196 23.25 -31.45 7.15
CA ASP E 196 24.32 -31.29 8.12
C ASP E 196 23.73 -30.73 9.41
N PRO E 197 23.75 -31.53 10.49
CA PRO E 197 23.14 -31.15 11.77
C PRO E 197 23.83 -29.94 12.42
N ASN E 198 25.07 -29.67 12.04
CA ASN E 198 25.83 -28.56 12.62
C ASN E 198 25.83 -27.32 11.74
N VAL E 199 25.31 -27.46 10.52
CA VAL E 199 25.19 -26.32 9.61
C VAL E 199 23.73 -25.88 9.52
N TYR E 200 23.49 -24.61 9.81
CA TYR E 200 22.13 -24.08 9.87
C TYR E 200 21.66 -23.53 8.53
N SER E 201 22.62 -23.16 7.68
CA SER E 201 22.33 -22.65 6.35
C SER E 201 22.98 -23.53 5.29
N ILE E 202 22.29 -24.58 4.88
CA ILE E 202 22.81 -25.54 3.91
C ILE E 202 22.64 -25.05 2.48
N LYS E 203 23.72 -25.07 1.71
CA LYS E 203 23.64 -24.77 0.28
C LYS E 203 23.39 -26.04 -0.52
N TYR E 204 22.41 -25.98 -1.42
CA TYR E 204 22.10 -27.11 -2.28
C TYR E 204 22.52 -26.80 -3.72
N ASN E 205 23.30 -27.71 -4.29
CA ASN E 205 23.91 -27.49 -5.60
C ASN E 205 22.92 -27.33 -6.75
N ASN E 206 21.83 -28.11 -6.71
CA ASN E 206 20.82 -28.04 -7.75
C ASN E 206 19.52 -27.41 -7.26
N GLN E 207 19.62 -26.15 -6.83
CA GLN E 207 18.46 -25.44 -6.31
C GLN E 207 17.89 -24.47 -7.33
N LEU E 208 16.58 -24.51 -7.52
CA LEU E 208 15.89 -23.55 -8.38
C LEU E 208 15.09 -22.59 -7.51
N ALA E 209 15.25 -21.30 -7.75
CA ALA E 209 14.54 -20.31 -6.95
C ALA E 209 14.24 -19.04 -7.72
N THR E 210 13.15 -18.37 -7.33
CA THR E 210 12.85 -17.04 -7.88
C THR E 210 13.72 -16.03 -7.16
N ARG E 211 14.47 -15.25 -7.92
CA ARG E 211 15.36 -14.26 -7.33
C ARG E 211 14.55 -13.03 -6.91
N THR E 212 15.21 -12.11 -6.21
CA THR E 212 14.56 -10.88 -5.77
C THR E 212 14.25 -9.98 -6.96
N ALA E 213 13.13 -9.26 -6.89
CA ALA E 213 12.71 -8.40 -7.99
C ALA E 213 12.57 -6.95 -7.55
N GLN E 214 12.07 -6.11 -8.45
CA GLN E 214 11.92 -4.68 -8.18
C GLN E 214 11.00 -4.41 -7.00
N ALA E 215 11.17 -3.25 -6.38
CA ALA E 215 10.44 -2.88 -5.17
C ALA E 215 8.93 -2.77 -5.40
N ILE E 216 8.52 -2.61 -6.65
CA ILE E 216 7.10 -2.51 -6.97
C ILE E 216 6.42 -3.88 -6.90
N PHE E 217 7.22 -4.94 -6.79
CA PHE E 217 6.69 -6.28 -6.66
C PHE E 217 6.55 -6.69 -5.19
N ASP E 218 6.87 -5.77 -4.30
CA ASP E 218 6.80 -6.05 -2.86
C ASP E 218 5.37 -6.31 -2.41
N ASP E 219 5.24 -7.08 -1.33
CA ASP E 219 3.94 -7.42 -0.75
C ASP E 219 2.96 -8.01 -1.76
N SER E 220 3.39 -9.08 -2.44
CA SER E 220 2.57 -9.76 -3.43
C SER E 220 2.19 -11.17 -2.98
N TYR E 221 3.01 -11.74 -2.10
CA TYR E 221 2.78 -13.05 -1.48
C TYR E 221 2.91 -14.24 -2.44
N LEU E 222 4.01 -14.29 -3.20
CA LEU E 222 4.29 -15.45 -4.03
C LEU E 222 4.61 -16.66 -3.15
N GLY E 223 4.06 -17.82 -3.50
CA GLY E 223 4.30 -19.02 -2.73
C GLY E 223 3.26 -19.22 -1.65
N TYR E 224 2.20 -18.40 -1.73
CA TYR E 224 1.08 -18.50 -0.79
C TYR E 224 0.42 -19.86 -0.92
N SER E 225 0.29 -20.33 -2.15
CA SER E 225 -0.18 -21.68 -2.44
C SER E 225 0.60 -22.23 -3.63
N VAL E 226 0.73 -23.55 -3.71
CA VAL E 226 1.50 -24.16 -4.79
C VAL E 226 0.80 -25.37 -5.42
N ALA E 227 1.11 -25.61 -6.69
CA ALA E 227 0.60 -26.77 -7.41
C ALA E 227 1.60 -27.18 -8.48
N VAL E 228 1.55 -28.45 -8.87
CA VAL E 228 2.48 -28.96 -9.88
C VAL E 228 1.77 -29.61 -11.05
N GLY E 229 2.36 -29.48 -12.23
CA GLY E 229 1.82 -30.06 -13.45
C GLY E 229 2.66 -29.62 -14.63
N ASP E 230 2.60 -30.36 -15.73
CA ASP E 230 3.39 -30.02 -16.90
C ASP E 230 2.61 -29.07 -17.82
N PHE E 231 3.28 -28.05 -18.34
CA PHE E 231 2.62 -27.03 -19.15
C PHE E 231 3.37 -26.66 -20.43
N ASN E 232 4.61 -27.09 -20.55
CA ASN E 232 5.37 -26.87 -21.77
C ASN E 232 5.59 -28.17 -22.56
N GLY E 233 5.03 -29.25 -22.05
CA GLY E 233 5.07 -30.53 -22.73
C GLY E 233 6.45 -31.16 -22.83
N ASP E 234 7.13 -31.26 -21.71
CA ASP E 234 8.45 -31.90 -21.69
C ASP E 234 8.54 -32.96 -20.60
N GLY E 235 7.40 -33.27 -19.98
CA GLY E 235 7.32 -34.33 -18.99
C GLY E 235 7.56 -33.86 -17.57
N ILE E 236 8.42 -32.87 -17.41
CA ILE E 236 8.77 -32.36 -16.08
C ILE E 236 7.66 -31.48 -15.51
N ASP E 237 7.24 -31.79 -14.29
CA ASP E 237 6.25 -30.98 -13.58
C ASP E 237 6.71 -29.54 -13.43
N ASP E 238 5.84 -28.61 -13.81
CA ASP E 238 6.16 -27.20 -13.69
C ASP E 238 5.54 -26.61 -12.43
N PHE E 239 5.89 -25.38 -12.11
CA PHE E 239 5.52 -24.79 -10.82
C PHE E 239 4.41 -23.75 -10.92
N VAL E 240 3.24 -24.10 -10.38
CA VAL E 240 2.11 -23.18 -10.34
C VAL E 240 1.93 -22.61 -8.94
N SER E 241 1.93 -21.28 -8.83
CA SER E 241 1.80 -20.65 -7.52
C SER E 241 0.91 -19.41 -7.53
N GLY E 242 0.13 -19.26 -6.47
CA GLY E 242 -0.74 -18.11 -6.32
C GLY E 242 -0.03 -16.90 -5.71
N VAL E 243 -0.27 -15.73 -6.29
CA VAL E 243 0.29 -14.48 -5.80
C VAL E 243 -0.84 -13.50 -5.52
N PRO E 244 -1.61 -13.74 -4.45
CA PRO E 244 -2.90 -13.10 -4.17
C PRO E 244 -2.89 -11.58 -3.94
N ARG E 245 -1.74 -10.98 -3.69
CA ARG E 245 -1.66 -9.54 -3.48
C ARG E 245 -1.04 -8.83 -4.67
N ALA E 246 -0.59 -9.60 -5.65
CA ALA E 246 0.06 -9.03 -6.83
C ALA E 246 -0.91 -8.18 -7.64
N ALA E 247 -0.36 -7.29 -8.47
CA ALA E 247 -1.15 -6.41 -9.31
C ALA E 247 -2.16 -5.59 -8.53
N ARG E 248 -1.67 -4.79 -7.59
CA ARG E 248 -2.50 -3.99 -6.67
C ARG E 248 -3.73 -4.73 -6.12
N THR E 249 -3.47 -5.83 -5.41
CA THR E 249 -4.50 -6.65 -4.76
C THR E 249 -5.54 -7.24 -5.70
N LEU E 250 -5.20 -7.32 -6.98
CA LEU E 250 -6.07 -7.94 -7.97
C LEU E 250 -5.80 -9.44 -7.96
N GLY E 251 -4.60 -9.81 -7.53
CA GLY E 251 -4.20 -11.19 -7.44
C GLY E 251 -3.70 -11.75 -8.75
N MET E 252 -2.61 -12.51 -8.69
CA MET E 252 -2.09 -13.18 -9.87
C MET E 252 -1.72 -14.63 -9.56
N VAL E 253 -1.46 -15.40 -10.60
CA VAL E 253 -0.94 -16.74 -10.45
C VAL E 253 0.19 -16.96 -11.43
N TYR E 254 1.37 -17.31 -10.91
CA TYR E 254 2.55 -17.49 -11.74
C TYR E 254 2.75 -18.97 -12.07
N ILE E 255 3.23 -19.23 -13.29
CA ILE E 255 3.66 -20.57 -13.67
C ILE E 255 5.08 -20.56 -14.17
N TYR E 256 5.96 -21.24 -13.46
CA TYR E 256 7.37 -21.29 -13.82
C TYR E 256 7.73 -22.66 -14.40
N ASP E 257 8.82 -22.70 -15.16
CA ASP E 257 9.31 -23.95 -15.72
C ASP E 257 9.94 -24.78 -14.61
N GLY E 258 9.58 -26.06 -14.55
CA GLY E 258 10.07 -26.94 -13.50
C GLY E 258 11.47 -27.49 -13.75
N LYS E 259 12.16 -26.89 -14.72
CA LYS E 259 13.51 -27.32 -15.06
C LYS E 259 14.53 -26.23 -14.78
N ASN E 260 14.11 -24.97 -14.92
CA ASN E 260 15.03 -23.84 -14.73
C ASN E 260 14.39 -22.58 -14.13
N MET E 261 13.20 -22.73 -13.57
CA MET E 261 12.47 -21.62 -12.95
C MET E 261 12.26 -20.46 -13.93
N SER E 262 11.95 -20.80 -15.18
CA SER E 262 11.71 -19.79 -16.20
C SER E 262 10.21 -19.49 -16.29
N SER E 263 9.87 -18.22 -16.38
CA SER E 263 8.47 -17.79 -16.40
C SER E 263 7.77 -18.28 -17.67
N TYR E 265 3.65 -18.92 -17.97
CA TYR E 265 2.40 -18.20 -18.11
C TYR E 265 2.05 -17.45 -16.82
N ASN E 266 1.21 -16.43 -16.93
CA ASN E 266 0.80 -15.64 -15.78
C ASN E 266 -0.70 -15.29 -15.81
N PHE E 267 -1.44 -15.79 -14.83
CA PHE E 267 -2.87 -15.49 -14.69
C PHE E 267 -3.08 -14.23 -13.87
N THR E 268 -4.23 -13.59 -14.04
CA THR E 268 -4.54 -12.35 -13.33
C THR E 268 -6.03 -12.29 -12.98
N GLY E 269 -6.35 -11.61 -11.88
CA GLY E 269 -7.72 -11.54 -11.39
C GLY E 269 -8.55 -10.43 -12.01
N GLU E 270 -9.85 -10.46 -11.76
CA GLU E 270 -10.77 -9.50 -12.34
C GLU E 270 -11.33 -8.54 -11.29
N GLN E 271 -11.21 -8.92 -10.02
CA GLN E 271 -11.77 -8.12 -8.95
C GLN E 271 -10.73 -7.77 -7.88
N MET E 272 -10.86 -6.57 -7.32
CA MET E 272 -9.98 -6.10 -6.26
C MET E 272 -10.22 -6.89 -4.98
N ALA E 273 -9.11 -7.31 -4.35
CA ALA E 273 -9.14 -7.93 -3.03
C ALA E 273 -10.04 -9.17 -2.93
N ALA E 274 -10.18 -9.89 -4.04
CA ALA E 274 -10.98 -11.12 -4.06
C ALA E 274 -10.11 -12.31 -3.66
N TYR E 275 -8.85 -12.03 -3.38
CA TYR E 275 -7.88 -13.04 -2.99
C TYR E 275 -7.70 -14.10 -4.07
N PHE E 276 -7.51 -13.65 -5.30
CA PHE E 276 -7.26 -14.52 -6.43
C PHE E 276 -5.88 -15.16 -6.27
N GLY E 277 -5.86 -16.45 -5.97
CA GLY E 277 -4.61 -17.17 -5.80
C GLY E 277 -4.45 -17.75 -4.41
N PHE E 278 -5.51 -17.63 -3.60
CA PHE E 278 -5.51 -18.17 -2.25
C PHE E 278 -5.26 -19.67 -2.29
N SER E 279 -5.72 -20.32 -3.35
CA SER E 279 -5.49 -21.73 -3.54
C SER E 279 -5.36 -22.03 -5.03
N VAL E 280 -4.51 -22.99 -5.38
CA VAL E 280 -4.34 -23.41 -6.76
C VAL E 280 -4.29 -24.92 -6.86
N ALA E 281 -4.70 -25.46 -8.00
CA ALA E 281 -4.69 -26.89 -8.23
C ALA E 281 -4.47 -27.21 -9.70
N ALA E 282 -3.70 -28.25 -9.96
CA ALA E 282 -3.40 -28.67 -11.33
C ALA E 282 -3.76 -30.13 -11.56
N THR E 283 -4.78 -30.36 -12.38
CA THR E 283 -5.20 -31.71 -12.74
C THR E 283 -5.88 -31.69 -14.09
N ASP E 284 -5.61 -32.70 -14.92
CA ASP E 284 -6.25 -32.79 -16.23
C ASP E 284 -7.72 -33.19 -16.07
N ILE E 285 -8.61 -32.24 -16.34
CA ILE E 285 -10.02 -32.43 -16.04
C ILE E 285 -10.82 -32.98 -17.24
N ASN E 286 -10.26 -32.89 -18.44
CA ASN E 286 -11.00 -33.31 -19.63
C ASN E 286 -10.40 -34.48 -20.41
N GLY E 287 -9.53 -35.25 -19.75
CA GLY E 287 -9.01 -36.47 -20.33
C GLY E 287 -8.09 -36.33 -21.51
N ASP E 288 -7.67 -35.11 -21.81
CA ASP E 288 -6.78 -34.87 -22.95
C ASP E 288 -5.31 -34.93 -22.54
N ASP E 289 -5.06 -35.39 -21.31
CA ASP E 289 -3.71 -35.51 -20.76
C ASP E 289 -2.94 -34.19 -20.75
N TYR E 290 -3.68 -33.08 -20.68
CA TYR E 290 -3.08 -31.76 -20.51
C TYR E 290 -3.52 -31.18 -19.18
N ALA E 291 -2.54 -30.89 -18.32
CA ALA E 291 -2.81 -30.40 -16.97
C ALA E 291 -3.57 -29.07 -16.98
N ASP E 292 -4.70 -29.04 -16.30
CA ASP E 292 -5.55 -27.86 -16.29
C ASP E 292 -5.41 -27.10 -14.98
N VAL E 293 -5.39 -25.77 -15.07
CA VAL E 293 -5.17 -24.92 -13.90
C VAL E 293 -6.46 -24.51 -13.21
N PHE E 294 -6.51 -24.73 -11.89
CA PHE E 294 -7.64 -24.28 -11.10
C PHE E 294 -7.17 -23.24 -10.09
N ILE E 295 -7.77 -22.06 -10.12
CA ILE E 295 -7.40 -20.97 -9.21
C ILE E 295 -8.61 -20.56 -8.38
N GLY E 296 -8.40 -20.35 -7.08
CA GLY E 296 -9.47 -19.99 -6.19
C GLY E 296 -9.43 -18.54 -5.73
N ALA E 297 -10.60 -17.94 -5.58
CA ALA E 297 -10.72 -16.56 -5.10
C ALA E 297 -11.95 -16.44 -4.22
N PRO E 298 -11.84 -16.87 -2.95
CA PRO E 298 -12.97 -17.04 -2.03
C PRO E 298 -13.72 -15.74 -1.71
N LEU E 299 -13.09 -14.60 -1.96
CA LEU E 299 -13.68 -13.32 -1.56
C LEU E 299 -14.38 -12.61 -2.72
N PHE E 300 -14.44 -13.28 -3.87
CA PHE E 300 -15.08 -12.69 -5.05
C PHE E 300 -16.55 -12.36 -4.81
N MET E 301 -16.95 -11.18 -5.25
CA MET E 301 -18.33 -10.74 -5.11
C MET E 301 -19.07 -10.82 -6.45
N ASP E 302 -20.29 -11.34 -6.41
CA ASP E 302 -21.11 -11.51 -7.60
C ASP E 302 -22.39 -10.67 -7.48
N ARG E 303 -22.99 -10.35 -8.61
CA ARG E 303 -24.26 -9.61 -8.61
C ARG E 303 -25.41 -10.52 -9.01
N GLY E 304 -26.55 -10.36 -8.33
CA GLY E 304 -27.72 -11.15 -8.62
C GLY E 304 -28.74 -10.38 -9.44
N SER E 305 -29.94 -10.94 -9.56
CA SER E 305 -31.00 -10.32 -10.34
C SER E 305 -31.46 -9.00 -9.71
N ASP E 306 -31.12 -8.80 -8.45
CA ASP E 306 -31.42 -7.56 -7.74
C ASP E 306 -30.28 -6.56 -7.93
N GLY E 307 -29.21 -7.00 -8.58
CA GLY E 307 -28.08 -6.14 -8.89
C GLY E 307 -27.26 -5.74 -7.68
N LYS E 308 -27.30 -6.56 -6.64
CA LYS E 308 -26.55 -6.28 -5.41
C LYS E 308 -25.30 -7.15 -5.33
N LEU E 309 -24.20 -6.54 -4.92
CA LEU E 309 -22.95 -7.28 -4.71
C LEU E 309 -23.07 -8.24 -3.54
N GLN E 310 -22.57 -9.46 -3.74
CA GLN E 310 -22.53 -10.44 -2.66
C GLN E 310 -21.30 -11.33 -2.78
N GLU E 311 -20.52 -11.38 -1.70
CA GLU E 311 -19.33 -12.21 -1.64
C GLU E 311 -19.71 -13.68 -1.69
N VAL E 312 -19.31 -14.37 -2.75
CA VAL E 312 -19.69 -15.78 -2.91
C VAL E 312 -18.49 -16.69 -3.17
N GLY E 313 -17.43 -16.12 -3.72
CA GLY E 313 -16.24 -16.89 -4.05
C GLY E 313 -16.26 -17.35 -5.48
N GLN E 314 -15.07 -17.59 -6.04
CA GLN E 314 -14.96 -17.96 -7.44
C GLN E 314 -13.72 -18.80 -7.73
N VAL E 315 -13.89 -19.81 -8.58
CA VAL E 315 -12.80 -20.64 -9.05
C VAL E 315 -12.69 -20.52 -10.57
N SER E 316 -11.50 -20.22 -11.07
CA SER E 316 -11.28 -20.10 -12.51
C SER E 316 -10.68 -21.38 -13.10
N VAL E 317 -11.46 -22.07 -13.93
CA VAL E 317 -11.03 -23.31 -14.56
C VAL E 317 -10.37 -23.06 -15.91
N SER E 318 -9.05 -23.14 -15.94
CA SER E 318 -8.29 -22.88 -17.17
C SER E 318 -7.83 -24.17 -17.83
N LEU E 319 -8.52 -24.56 -18.91
CA LEU E 319 -8.18 -25.76 -19.65
C LEU E 319 -6.93 -25.54 -20.51
N GLN E 320 -5.96 -26.43 -20.38
CA GLN E 320 -4.73 -26.30 -21.16
C GLN E 320 -4.88 -26.86 -22.57
N ARG E 321 -4.75 -25.99 -23.55
CA ARG E 321 -4.81 -26.41 -24.94
C ARG E 321 -3.40 -26.66 -25.45
N ALA E 322 -3.29 -27.50 -26.47
CA ALA E 322 -2.00 -27.78 -27.08
C ALA E 322 -1.42 -26.52 -27.73
N SER E 323 -2.29 -25.54 -27.97
CA SER E 323 -1.90 -24.26 -28.55
C SER E 323 -1.06 -23.46 -27.57
N GLY E 324 -1.07 -23.86 -26.31
CA GLY E 324 -0.37 -23.14 -25.26
C GLY E 324 -1.31 -22.19 -24.53
N ASP E 325 -2.42 -21.87 -25.19
CA ASP E 325 -3.43 -20.99 -24.61
C ASP E 325 -4.21 -21.72 -23.54
N PHE E 326 -5.17 -21.03 -22.93
CA PHE E 326 -6.04 -21.66 -21.95
C PHE E 326 -7.50 -21.39 -22.27
N GLN E 327 -8.36 -22.34 -21.87
CA GLN E 327 -9.80 -22.17 -22.03
C GLN E 327 -10.40 -21.93 -20.66
N THR E 328 -10.42 -20.67 -20.24
CA THR E 328 -10.76 -20.32 -18.87
C THR E 328 -12.26 -20.22 -18.63
N THR E 329 -12.75 -20.97 -17.65
CA THR E 329 -14.15 -20.96 -17.25
C THR E 329 -14.25 -20.55 -15.80
N LYS E 330 -15.18 -19.65 -15.49
CA LYS E 330 -15.35 -19.18 -14.12
C LYS E 330 -16.56 -19.82 -13.43
N LEU E 331 -16.31 -20.38 -12.24
CA LEU E 331 -17.34 -21.06 -11.48
C LEU E 331 -17.58 -20.36 -10.15
N ASN E 332 -18.78 -19.82 -9.97
CA ASN E 332 -19.11 -19.02 -8.80
C ASN E 332 -19.59 -19.85 -7.61
N GLY E 333 -19.51 -19.25 -6.42
CA GLY E 333 -19.98 -19.87 -5.20
C GLY E 333 -21.49 -19.85 -5.09
N PHE E 334 -22.02 -20.43 -4.01
CA PHE E 334 -23.45 -20.61 -3.87
C PHE E 334 -24.01 -19.91 -2.64
N GLU E 335 -23.24 -19.87 -1.56
CA GLU E 335 -23.65 -19.21 -0.34
C GLU E 335 -22.82 -17.96 -0.07
N VAL E 336 -23.48 -16.92 0.42
CA VAL E 336 -22.82 -15.66 0.72
C VAL E 336 -21.90 -15.81 1.93
N PHE E 337 -20.69 -15.26 1.83
CA PHE E 337 -19.72 -15.27 2.92
C PHE E 337 -19.25 -16.67 3.31
N ALA E 338 -19.45 -17.64 2.43
CA ALA E 338 -19.05 -19.02 2.70
C ALA E 338 -17.63 -19.27 2.21
N ARG E 339 -17.10 -18.31 1.46
CA ARG E 339 -15.75 -18.39 0.91
C ARG E 339 -15.52 -19.63 0.07
N PHE E 340 -16.37 -19.81 -0.94
CA PHE E 340 -16.24 -20.91 -1.89
C PHE E 340 -14.93 -20.81 -2.65
N GLY E 341 -14.18 -21.90 -2.70
CA GLY E 341 -12.92 -21.92 -3.40
C GLY E 341 -11.71 -21.74 -2.50
N SER E 342 -11.93 -21.89 -1.19
CA SER E 342 -10.84 -21.79 -0.22
C SER E 342 -9.87 -22.96 -0.40
N ALA E 343 -10.42 -24.14 -0.66
CA ALA E 343 -9.61 -25.33 -0.93
C ALA E 343 -10.07 -26.00 -2.21
N ILE E 344 -9.11 -26.42 -3.03
CA ILE E 344 -9.41 -27.12 -4.27
C ILE E 344 -8.59 -28.41 -4.34
N ALA E 345 -9.27 -29.55 -4.41
CA ALA E 345 -8.59 -30.84 -4.35
C ALA E 345 -8.92 -31.76 -5.52
N PRO E 346 -7.91 -32.03 -6.37
CA PRO E 346 -8.05 -33.04 -7.43
C PRO E 346 -8.37 -34.39 -6.81
N LEU E 347 -9.33 -35.12 -7.40
CA LEU E 347 -9.80 -36.37 -6.81
C LEU E 347 -9.40 -37.58 -7.63
N GLY E 348 -8.74 -37.34 -8.77
CA GLY E 348 -8.53 -38.40 -9.75
C GLY E 348 -9.87 -38.70 -10.39
N ASP E 349 -10.05 -39.91 -10.87
CA ASP E 349 -11.34 -40.30 -11.46
C ASP E 349 -12.23 -40.90 -10.37
N LEU E 350 -12.90 -40.02 -9.62
CA LEU E 350 -13.71 -40.41 -8.46
C LEU E 350 -14.74 -41.49 -8.78
N ASP E 351 -15.39 -41.34 -9.94
CA ASP E 351 -16.45 -42.28 -10.32
C ASP E 351 -15.97 -43.30 -11.35
N GLN E 352 -14.70 -43.21 -11.73
CA GLN E 352 -14.10 -44.11 -12.71
C GLN E 352 -14.87 -44.13 -14.03
N ASP E 353 -15.13 -42.94 -14.56
CA ASP E 353 -15.91 -42.82 -15.80
C ASP E 353 -15.01 -42.53 -17.00
N GLY E 354 -13.80 -42.07 -16.73
CA GLY E 354 -12.84 -41.79 -17.79
C GLY E 354 -12.25 -40.39 -17.71
N PHE E 355 -12.82 -39.57 -16.84
CA PHE E 355 -12.34 -38.21 -16.65
C PHE E 355 -12.08 -37.92 -15.17
N ASN E 356 -11.00 -37.20 -14.90
CA ASN E 356 -10.67 -36.81 -13.52
C ASN E 356 -11.75 -35.91 -12.93
N ASP E 357 -11.85 -35.91 -11.62
CA ASP E 357 -12.82 -35.07 -10.93
C ASP E 357 -12.12 -34.16 -9.92
N ILE E 358 -12.85 -33.22 -9.35
CA ILE E 358 -12.27 -32.28 -8.41
C ILE E 358 -13.29 -31.81 -7.37
N ALA E 359 -12.79 -31.45 -6.19
CA ALA E 359 -13.65 -31.00 -5.10
C ALA E 359 -13.32 -29.57 -4.70
N ILE E 360 -14.36 -28.76 -4.49
CA ILE E 360 -14.19 -27.38 -4.06
C ILE E 360 -14.99 -27.15 -2.79
N ALA E 361 -14.40 -26.47 -1.81
CA ALA E 361 -15.05 -26.29 -0.52
C ALA E 361 -15.42 -24.86 -0.18
N ALA E 362 -16.55 -24.71 0.50
CA ALA E 362 -16.93 -23.47 1.15
C ALA E 362 -16.93 -23.71 2.65
N PRO E 363 -15.77 -23.57 3.29
CA PRO E 363 -15.53 -23.96 4.69
C PRO E 363 -16.45 -23.27 5.69
N TYR E 364 -16.91 -22.07 5.36
CA TYR E 364 -17.75 -21.31 6.27
C TYR E 364 -19.19 -21.25 5.78
N GLY E 365 -19.61 -22.30 5.07
CA GLY E 365 -20.95 -22.38 4.55
C GLY E 365 -21.82 -23.38 5.30
N GLY E 366 -23.03 -23.59 4.80
CA GLY E 366 -23.95 -24.53 5.42
C GLY E 366 -24.60 -23.98 6.67
N GLU E 367 -25.52 -24.76 7.23
CA GLU E 367 -26.21 -24.37 8.46
C GLU E 367 -25.24 -24.26 9.62
N ASP E 368 -25.39 -23.20 10.42
CA ASP E 368 -24.56 -22.96 11.59
C ASP E 368 -23.07 -22.88 11.26
N LYS E 369 -22.77 -22.48 10.02
CA LYS E 369 -21.40 -22.29 9.56
C LYS E 369 -20.55 -23.54 9.71
N LYS E 370 -21.20 -24.70 9.57
CA LYS E 370 -20.54 -25.99 9.70
C LYS E 370 -19.48 -26.22 8.62
N GLY E 371 -19.86 -26.00 7.37
CA GLY E 371 -18.94 -26.19 6.26
C GLY E 371 -19.54 -27.05 5.16
N ILE E 372 -19.18 -26.75 3.92
CA ILE E 372 -19.68 -27.49 2.77
C ILE E 372 -18.55 -27.84 1.81
N VAL E 373 -18.59 -29.06 1.27
CA VAL E 373 -17.69 -29.44 0.19
C VAL E 373 -18.48 -29.86 -1.05
N TYR E 374 -18.17 -29.24 -2.19
CA TYR E 374 -18.86 -29.54 -3.44
C TYR E 374 -18.03 -30.46 -4.33
N ILE E 375 -18.67 -31.49 -4.87
CA ILE E 375 -17.99 -32.44 -5.76
C ILE E 375 -18.35 -32.18 -7.22
N PHE E 376 -17.35 -31.87 -8.04
CA PHE E 376 -17.56 -31.59 -9.45
C PHE E 376 -16.92 -32.66 -10.33
N ASN E 377 -17.69 -33.20 -11.27
CA ASN E 377 -17.19 -34.23 -12.17
C ASN E 377 -16.69 -33.66 -13.49
N GLY E 378 -15.61 -34.24 -14.01
CA GLY E 378 -15.05 -33.81 -15.27
C GLY E 378 -15.64 -34.56 -16.45
N ARG E 379 -15.53 -33.96 -17.63
CA ARG E 379 -16.04 -34.58 -18.85
C ARG E 379 -15.26 -34.09 -20.06
N SER E 380 -15.74 -34.43 -21.25
CA SER E 380 -15.05 -34.08 -22.49
C SER E 380 -14.92 -32.59 -22.67
N THR E 381 -16.04 -31.88 -22.51
CA THR E 381 -16.09 -30.44 -22.73
C THR E 381 -15.31 -29.65 -21.68
N GLY E 382 -15.07 -30.29 -20.53
CA GLY E 382 -14.36 -29.64 -19.44
C GLY E 382 -14.92 -30.08 -18.10
N LEU E 383 -15.10 -29.12 -17.19
CA LEU E 383 -15.66 -29.42 -15.88
C LEU E 383 -17.16 -29.15 -15.83
N ASN E 384 -17.92 -30.19 -15.49
CA ASN E 384 -19.36 -30.03 -15.30
C ASN E 384 -19.64 -29.10 -14.12
N ALA E 385 -20.17 -27.92 -14.42
CA ALA E 385 -20.31 -26.86 -13.43
C ALA E 385 -21.32 -27.16 -12.32
N VAL E 386 -22.17 -28.16 -12.55
CA VAL E 386 -23.13 -28.56 -11.52
C VAL E 386 -22.56 -29.68 -10.65
N PRO E 387 -22.55 -29.45 -9.33
CA PRO E 387 -22.03 -30.43 -8.37
C PRO E 387 -22.92 -31.66 -8.25
N SER E 388 -22.31 -32.84 -8.35
CA SER E 388 -23.05 -34.10 -8.28
C SER E 388 -23.24 -34.57 -6.84
N GLN E 389 -22.57 -33.90 -5.91
CA GLN E 389 -22.68 -34.26 -4.50
C GLN E 389 -22.32 -33.06 -3.62
N ILE E 390 -22.99 -32.98 -2.47
CA ILE E 390 -22.75 -31.89 -1.53
C ILE E 390 -22.45 -32.44 -0.14
N LEU E 391 -21.19 -32.32 0.27
CA LEU E 391 -20.74 -32.83 1.56
C LEU E 391 -20.92 -31.79 2.67
N GLU E 392 -21.63 -32.17 3.72
CA GLU E 392 -21.97 -31.25 4.80
C GLU E 392 -21.20 -31.56 6.07
N GLY E 393 -20.78 -30.50 6.77
CA GLY E 393 -20.20 -30.66 8.09
C GLY E 393 -21.28 -31.06 9.07
N GLN E 394 -20.88 -31.70 10.17
CA GLN E 394 -21.84 -32.18 11.15
C GLN E 394 -21.51 -31.71 12.57
N TRP E 395 -20.60 -30.75 12.69
CA TRP E 395 -20.13 -30.30 13.99
C TRP E 395 -20.29 -28.80 14.20
N ALA E 396 -20.70 -28.41 15.40
CA ALA E 396 -20.95 -27.01 15.73
C ALA E 396 -19.69 -26.28 16.18
N ALA E 397 -19.78 -24.96 16.29
CA ALA E 397 -18.63 -24.11 16.61
C ALA E 397 -18.35 -24.00 18.10
N ARG E 398 -17.13 -23.57 18.43
CA ARG E 398 -16.71 -23.39 19.81
C ARG E 398 -16.19 -21.96 20.02
N SER E 399 -15.21 -21.59 19.19
CA SER E 399 -14.72 -20.21 19.14
C SER E 399 -14.32 -19.88 17.71
N CYS E 400 -13.38 -20.63 17.17
CA CYS E 400 -13.05 -20.58 15.76
C CYS E 400 -13.99 -21.53 15.03
N PRO E 401 -14.61 -21.07 13.93
CA PRO E 401 -15.61 -21.86 13.20
C PRO E 401 -15.03 -23.20 12.74
N PRO E 402 -15.87 -24.26 12.69
CA PRO E 402 -15.48 -25.64 12.39
C PRO E 402 -14.53 -25.75 11.20
N SER E 403 -14.70 -24.90 10.20
CA SER E 403 -13.83 -24.85 9.03
C SER E 403 -13.73 -26.19 8.32
N PHE E 404 -14.87 -26.86 8.20
CA PHE E 404 -14.97 -28.11 7.46
C PHE E 404 -14.71 -27.88 5.97
N GLY E 405 -13.56 -28.33 5.50
CA GLY E 405 -13.21 -28.19 4.10
C GLY E 405 -12.09 -27.20 3.87
N TYR E 406 -11.57 -26.63 4.96
CA TYR E 406 -10.47 -25.67 4.88
C TYR E 406 -9.24 -26.31 4.23
N SER E 407 -9.04 -27.59 4.53
CA SER E 407 -8.00 -28.36 3.85
C SER E 407 -8.58 -29.73 3.50
N MET E 408 -8.17 -30.27 2.36
CA MET E 408 -8.62 -31.59 1.95
C MET E 408 -7.68 -32.25 0.96
N LYS E 409 -7.72 -33.58 0.91
CA LYS E 409 -6.85 -34.34 0.02
C LYS E 409 -7.60 -35.54 -0.55
N GLY E 410 -7.37 -35.82 -1.84
CA GLY E 410 -8.03 -36.93 -2.50
C GLY E 410 -7.10 -37.70 -3.43
N ALA E 411 -7.69 -38.32 -4.45
CA ALA E 411 -6.94 -39.06 -5.48
C ALA E 411 -6.16 -40.27 -4.95
N THR E 412 -6.64 -40.87 -3.87
CA THR E 412 -5.97 -42.03 -3.29
C THR E 412 -6.93 -43.17 -2.97
N ASP E 413 -6.74 -44.30 -3.65
CA ASP E 413 -7.53 -45.49 -3.39
C ASP E 413 -7.01 -46.18 -2.13
N ILE E 414 -7.50 -45.73 -0.97
CA ILE E 414 -6.96 -46.16 0.31
C ILE E 414 -7.53 -47.50 0.77
N ASP E 415 -8.64 -47.92 0.17
CA ASP E 415 -9.29 -49.16 0.57
C ASP E 415 -9.25 -50.21 -0.53
N LYS E 416 -8.55 -49.88 -1.62
CA LYS E 416 -8.39 -50.79 -2.75
C LYS E 416 -9.70 -51.27 -3.35
N ASN E 417 -10.71 -50.40 -3.39
CA ASN E 417 -12.00 -50.75 -4.00
C ASN E 417 -12.08 -50.33 -5.46
N GLY E 418 -10.97 -49.84 -5.99
CA GLY E 418 -10.92 -49.38 -7.37
C GLY E 418 -11.39 -47.95 -7.51
N TYR E 419 -11.76 -47.33 -6.39
CA TYR E 419 -12.27 -45.96 -6.39
C TYR E 419 -11.58 -45.12 -5.32
N PRO E 420 -11.02 -43.97 -5.74
CA PRO E 420 -10.25 -43.05 -4.89
C PRO E 420 -11.12 -42.38 -3.84
N ASP E 421 -10.53 -42.08 -2.68
CA ASP E 421 -11.29 -41.53 -1.57
C ASP E 421 -10.90 -40.09 -1.26
N LEU E 422 -11.47 -39.52 -0.20
CA LEU E 422 -11.27 -38.11 0.13
C LEU E 422 -11.18 -37.85 1.63
N ILE E 423 -10.20 -37.06 2.03
CA ILE E 423 -10.07 -36.63 3.42
C ILE E 423 -10.51 -35.17 3.53
N VAL E 424 -11.35 -34.87 4.51
CA VAL E 424 -11.73 -33.49 4.77
C VAL E 424 -11.38 -33.08 6.20
N GLY E 425 -10.64 -31.99 6.34
CA GLY E 425 -10.23 -31.52 7.64
C GLY E 425 -11.06 -30.38 8.17
N ALA E 426 -11.60 -30.56 9.38
CA ALA E 426 -12.33 -29.50 10.06
C ALA E 426 -11.58 -29.09 11.32
N PHE E 427 -10.57 -28.24 11.16
CA PHE E 427 -9.66 -27.92 12.27
C PHE E 427 -10.32 -27.10 13.38
N GLY E 428 -11.37 -26.36 13.03
CA GLY E 428 -12.07 -25.53 14.00
C GLY E 428 -12.70 -26.35 15.13
N VAL E 429 -12.96 -27.62 14.84
CA VAL E 429 -13.50 -28.54 15.83
C VAL E 429 -12.53 -29.70 16.07
N ASP E 430 -11.32 -29.55 15.54
CA ASP E 430 -10.25 -30.54 15.68
C ASP E 430 -10.64 -31.92 15.17
N ARG E 431 -11.30 -31.96 14.02
CA ARG E 431 -11.72 -33.22 13.43
C ARG E 431 -11.17 -33.41 12.04
N ALA E 432 -11.06 -34.66 11.61
CA ALA E 432 -10.66 -35.00 10.25
C ALA E 432 -11.52 -36.16 9.76
N ILE E 433 -12.05 -36.05 8.55
CA ILE E 433 -13.04 -37.00 8.07
C ILE E 433 -12.64 -37.64 6.75
N LEU E 434 -12.72 -38.97 6.70
CA LEU E 434 -12.42 -39.71 5.48
C LEU E 434 -13.71 -40.24 4.83
N TYR E 435 -13.97 -39.76 3.63
CA TYR E 435 -15.11 -40.26 2.86
C TYR E 435 -14.64 -41.30 1.85
N ARG E 436 -15.27 -42.47 1.86
CA ARG E 436 -14.94 -43.51 0.89
C ARG E 436 -15.82 -43.41 -0.34
N ALA E 437 -15.30 -43.89 -1.47
CA ALA E 437 -16.04 -43.88 -2.72
C ALA E 437 -16.70 -45.23 -2.98
N ARG E 438 -18.02 -45.20 -3.16
CA ARG E 438 -18.78 -46.42 -3.42
C ARG E 438 -18.64 -46.81 -4.88
N PRO E 439 -18.59 -48.13 -5.16
CA PRO E 439 -18.45 -48.65 -6.52
C PRO E 439 -19.61 -48.21 -7.42
N VAL E 440 -19.28 -47.78 -8.64
CA VAL E 440 -20.30 -47.31 -9.58
C VAL E 440 -20.78 -48.43 -10.48
N ILE E 441 -22.10 -48.64 -10.50
CA ILE E 441 -22.70 -49.66 -11.34
C ILE E 441 -23.48 -49.05 -12.50
N THR E 442 -22.98 -49.25 -13.72
CA THR E 442 -23.71 -48.85 -14.90
C THR E 442 -24.69 -49.96 -15.24
N VAL E 443 -25.91 -49.59 -15.60
CA VAL E 443 -26.96 -50.57 -15.86
C VAL E 443 -27.66 -50.34 -17.19
N ASN E 444 -27.63 -51.37 -18.05
CA ASN E 444 -28.32 -51.33 -19.34
C ASN E 444 -29.72 -51.91 -19.25
N ALA E 445 -30.68 -51.10 -18.83
CA ALA E 445 -32.07 -51.54 -18.73
C ALA E 445 -32.76 -51.46 -20.09
N GLY E 446 -33.67 -52.39 -20.34
CA GLY E 446 -34.40 -52.42 -21.60
C GLY E 446 -35.88 -52.68 -21.42
N LEU E 447 -36.68 -52.16 -22.34
CA LEU E 447 -38.12 -52.37 -22.33
C LEU E 447 -38.66 -52.35 -23.76
N GLU E 448 -39.33 -53.43 -24.14
CA GLU E 448 -39.91 -53.53 -25.48
C GLU E 448 -41.40 -53.90 -25.40
N VAL E 449 -42.21 -53.19 -26.19
CA VAL E 449 -43.63 -53.50 -26.29
C VAL E 449 -43.98 -53.84 -27.73
N TYR E 450 -44.33 -55.10 -27.98
CA TYR E 450 -44.62 -55.55 -29.34
C TYR E 450 -45.83 -56.48 -29.38
N PRO E 451 -46.81 -56.15 -30.23
CA PRO E 451 -46.82 -54.93 -31.05
C PRO E 451 -47.18 -53.69 -30.25
N SER E 452 -46.69 -52.53 -30.67
CA SER E 452 -46.96 -51.27 -29.99
C SER E 452 -48.20 -50.58 -30.57
N ILE E 453 -48.64 -51.04 -31.73
CA ILE E 453 -49.89 -50.58 -32.32
C ILE E 453 -50.96 -51.65 -32.17
N LEU E 454 -51.83 -51.48 -31.18
CA LEU E 454 -52.75 -52.53 -30.77
C LEU E 454 -54.09 -52.47 -31.50
N ASN E 455 -54.41 -53.57 -32.18
CA ASN E 455 -55.71 -53.73 -32.81
C ASN E 455 -56.72 -54.23 -31.79
N GLN E 456 -57.73 -53.41 -31.51
CA GLN E 456 -58.68 -53.72 -30.46
C GLN E 456 -59.54 -54.94 -30.81
N ASP E 457 -59.63 -55.23 -32.11
CA ASP E 457 -60.42 -56.36 -32.58
C ASP E 457 -59.56 -57.57 -32.94
N ASN E 458 -58.31 -57.57 -32.48
CA ASN E 458 -57.40 -58.68 -32.76
C ASN E 458 -57.84 -59.95 -32.02
N LYS E 459 -57.94 -59.86 -30.70
CA LYS E 459 -58.49 -60.92 -29.87
C LYS E 459 -57.78 -62.26 -30.03
N THR E 460 -56.45 -62.26 -29.95
CA THR E 460 -55.67 -63.48 -30.15
C THR E 460 -55.54 -64.31 -28.89
N CYS E 461 -54.90 -63.76 -27.87
CA CYS E 461 -54.65 -64.49 -26.63
C CYS E 461 -55.91 -64.83 -25.87
N SER E 462 -56.16 -66.13 -25.70
CA SER E 462 -57.29 -66.61 -24.94
C SER E 462 -57.08 -66.32 -23.45
N LEU E 463 -58.17 -66.34 -22.69
CA LEU E 463 -58.09 -66.06 -21.26
C LEU E 463 -58.76 -67.18 -20.48
N PRO E 464 -57.98 -67.91 -19.68
CA PRO E 464 -58.47 -69.06 -18.90
C PRO E 464 -59.58 -68.65 -17.93
N GLY E 465 -60.65 -69.42 -17.90
CA GLY E 465 -61.80 -69.11 -17.06
C GLY E 465 -63.00 -68.66 -17.88
N THR E 466 -62.72 -68.07 -19.03
CA THR E 466 -63.78 -67.61 -19.93
C THR E 466 -63.53 -68.06 -21.37
N ALA E 467 -64.62 -68.24 -22.11
CA ALA E 467 -64.53 -68.66 -23.52
C ALA E 467 -64.18 -67.46 -24.41
N LEU E 468 -64.28 -66.26 -23.85
CA LEU E 468 -63.96 -65.05 -24.58
C LEU E 468 -62.45 -64.81 -24.63
N LYS E 469 -61.96 -64.41 -25.79
CA LYS E 469 -60.55 -64.14 -25.99
C LYS E 469 -60.31 -62.63 -26.03
N VAL E 470 -59.10 -62.21 -25.68
CA VAL E 470 -58.80 -60.77 -25.58
C VAL E 470 -57.66 -60.35 -26.48
N SER E 471 -57.62 -59.05 -26.79
CA SER E 471 -56.54 -58.48 -27.59
C SER E 471 -55.29 -58.32 -26.75
N CYS E 472 -54.31 -59.19 -26.99
CA CYS E 472 -53.12 -59.22 -26.15
C CYS E 472 -51.87 -58.74 -26.90
N PHE E 473 -50.78 -58.59 -26.14
CA PHE E 473 -49.49 -58.16 -26.67
C PHE E 473 -48.39 -58.54 -25.69
N ASN E 474 -47.14 -58.37 -26.10
CA ASN E 474 -46.01 -58.77 -25.26
C ASN E 474 -45.25 -57.60 -24.65
N VAL E 475 -44.99 -57.70 -23.35
CA VAL E 475 -44.10 -56.78 -22.67
C VAL E 475 -42.84 -57.52 -22.26
N ARG E 476 -41.69 -56.88 -22.45
CA ARG E 476 -40.42 -57.55 -22.23
C ARG E 476 -39.37 -56.58 -21.70
N PHE E 477 -38.82 -56.89 -20.53
CA PHE E 477 -37.79 -56.03 -19.92
C PHE E 477 -36.48 -56.77 -19.69
N CYS E 478 -35.37 -56.05 -19.84
CA CYS E 478 -34.05 -56.65 -19.71
C CYS E 478 -33.13 -55.82 -18.81
N LEU E 479 -32.28 -56.51 -18.06
CA LEU E 479 -31.28 -55.83 -17.23
C LEU E 479 -29.89 -56.38 -17.51
N LYS E 480 -28.90 -55.48 -17.51
CA LYS E 480 -27.50 -55.86 -17.65
C LYS E 480 -26.64 -54.81 -16.97
N ALA E 481 -25.81 -55.24 -16.01
CA ALA E 481 -24.99 -54.31 -15.26
C ALA E 481 -23.54 -54.76 -15.13
N ASP E 482 -22.64 -53.79 -15.06
CA ASP E 482 -21.22 -54.07 -14.88
C ASP E 482 -20.54 -52.83 -14.30
N GLY E 483 -19.44 -53.04 -13.59
CA GLY E 483 -18.71 -51.94 -12.97
C GLY E 483 -17.25 -52.27 -12.72
N LYS E 484 -16.44 -51.23 -12.59
CA LYS E 484 -15.01 -51.39 -12.35
C LYS E 484 -14.74 -51.45 -10.86
N GLY E 485 -13.50 -51.76 -10.50
CA GLY E 485 -13.11 -51.84 -9.10
C GLY E 485 -13.62 -53.08 -8.41
N VAL E 486 -13.68 -53.04 -7.08
CA VAL E 486 -14.12 -54.18 -6.29
C VAL E 486 -15.61 -54.10 -5.97
N LEU E 487 -16.35 -55.12 -6.38
CA LEU E 487 -17.80 -55.16 -6.21
C LEU E 487 -18.33 -56.57 -6.50
N PRO E 488 -19.47 -56.93 -5.89
CA PRO E 488 -20.05 -58.29 -6.03
C PRO E 488 -20.23 -58.72 -7.48
N ARG E 489 -20.13 -60.02 -7.73
CA ARG E 489 -20.34 -60.56 -9.05
C ARG E 489 -21.81 -60.94 -9.26
N LYS E 490 -22.57 -60.95 -8.17
CA LYS E 490 -24.00 -61.17 -8.23
C LYS E 490 -24.74 -59.90 -7.83
N LEU E 491 -25.78 -59.55 -8.58
CA LEU E 491 -26.54 -58.33 -8.32
C LEU E 491 -28.04 -58.57 -8.45
N ASN E 492 -28.75 -58.56 -7.32
CA ASN E 492 -30.19 -58.72 -7.33
C ASN E 492 -30.95 -57.39 -7.35
N PHE E 493 -31.87 -57.26 -8.29
CA PHE E 493 -32.63 -56.03 -8.46
C PHE E 493 -34.11 -56.24 -8.18
N GLN E 494 -34.85 -55.15 -8.00
CA GLN E 494 -36.29 -55.21 -7.81
C GLN E 494 -37.00 -54.45 -8.92
N VAL E 495 -37.54 -55.18 -9.89
CA VAL E 495 -38.14 -54.57 -11.07
C VAL E 495 -39.65 -54.37 -10.89
N GLU E 496 -40.12 -53.19 -11.27
CA GLU E 496 -41.54 -52.86 -11.16
C GLU E 496 -42.14 -52.45 -12.50
N LEU E 497 -43.31 -53.01 -12.82
CA LEU E 497 -43.97 -52.73 -14.09
C LEU E 497 -45.40 -52.22 -13.90
N LEU E 498 -45.72 -51.13 -14.59
CA LEU E 498 -47.08 -50.58 -14.54
C LEU E 498 -47.62 -50.32 -15.93
N LEU E 499 -48.83 -50.84 -16.20
CA LEU E 499 -49.50 -50.61 -17.47
C LEU E 499 -50.44 -49.42 -17.37
N ASP E 500 -50.45 -48.60 -18.42
CA ASP E 500 -51.22 -47.36 -18.44
C ASP E 500 -50.84 -46.47 -17.26
N LYS E 501 -49.54 -46.17 -17.17
CA LYS E 501 -48.98 -45.35 -16.11
C LYS E 501 -49.59 -43.96 -16.07
N LEU E 502 -50.03 -43.49 -17.24
CA LEU E 502 -50.63 -42.16 -17.38
C LEU E 502 -51.90 -41.98 -16.55
N LYS E 503 -52.60 -43.08 -16.29
CA LYS E 503 -53.86 -43.02 -15.56
C LYS E 503 -53.63 -43.09 -14.05
N GLY E 506 -56.67 -42.82 -10.24
CA GLY E 506 -58.10 -42.57 -10.21
C GLY E 506 -58.79 -42.98 -11.50
N ALA E 507 -58.10 -42.81 -12.62
CA ALA E 507 -58.64 -43.17 -13.92
C ALA E 507 -58.53 -44.67 -14.17
N ILE E 508 -59.21 -45.15 -15.20
CA ILE E 508 -59.21 -46.58 -15.52
C ILE E 508 -58.03 -46.97 -16.43
N ARG E 509 -57.33 -48.03 -16.04
CA ARG E 509 -56.21 -48.53 -16.82
C ARG E 509 -56.71 -49.53 -17.86
N ARG E 510 -56.38 -49.29 -19.12
CA ARG E 510 -56.97 -50.03 -20.23
C ARG E 510 -56.20 -51.29 -20.60
N ALA E 511 -55.12 -51.57 -19.87
CA ALA E 511 -54.34 -52.77 -20.13
C ALA E 511 -53.88 -53.41 -18.83
N LEU E 512 -53.89 -54.74 -18.80
CA LEU E 512 -53.42 -55.48 -17.63
C LEU E 512 -52.75 -56.79 -18.05
N PHE E 513 -51.95 -57.35 -17.16
CA PHE E 513 -51.21 -58.57 -17.47
C PHE E 513 -52.12 -59.80 -17.45
N LEU E 514 -51.86 -60.73 -18.37
CA LEU E 514 -52.76 -61.85 -18.59
C LEU E 514 -52.79 -62.85 -17.44
N TYR E 515 -51.63 -63.40 -17.09
CA TYR E 515 -51.56 -64.41 -16.04
C TYR E 515 -51.55 -63.81 -14.64
N SER E 516 -52.38 -62.79 -14.43
CA SER E 516 -52.52 -62.15 -13.13
C SER E 516 -53.76 -61.25 -13.09
N ARG E 517 -54.21 -60.83 -14.26
CA ARG E 517 -55.32 -59.89 -14.39
C ARG E 517 -55.10 -58.61 -13.60
N SER E 518 -53.86 -58.12 -13.61
CA SER E 518 -53.50 -56.92 -12.85
C SER E 518 -52.56 -56.03 -13.64
N PRO E 519 -52.75 -54.70 -13.55
CA PRO E 519 -51.91 -53.72 -14.23
C PRO E 519 -50.53 -53.62 -13.59
N SER E 520 -50.40 -54.12 -12.36
CA SER E 520 -49.14 -54.04 -11.65
C SER E 520 -48.48 -55.41 -11.54
N HIS E 521 -47.17 -55.44 -11.78
CA HIS E 521 -46.41 -56.68 -11.65
C HIS E 521 -44.97 -56.41 -11.23
N SER E 522 -44.52 -57.13 -10.20
CA SER E 522 -43.16 -56.98 -9.71
C SER E 522 -42.37 -58.27 -9.91
N LYS E 523 -41.05 -58.14 -10.09
CA LYS E 523 -40.20 -59.29 -10.35
C LYS E 523 -38.83 -59.16 -9.68
N ASN E 524 -38.61 -59.96 -8.64
CA ASN E 524 -37.29 -60.05 -8.04
C ASN E 524 -36.32 -60.64 -9.05
N MET E 525 -35.45 -59.78 -9.59
CA MET E 525 -34.50 -60.22 -10.61
C MET E 525 -33.08 -60.17 -10.07
N THR E 526 -32.30 -61.20 -10.41
CA THR E 526 -30.94 -61.30 -9.90
C THR E 526 -29.93 -61.52 -11.04
N ILE E 527 -29.29 -60.44 -11.47
CA ILE E 527 -28.33 -60.53 -12.58
C ILE E 527 -26.90 -60.57 -12.07
N SER E 528 -25.97 -60.86 -12.97
CA SER E 528 -24.56 -60.99 -12.59
C SER E 528 -23.72 -59.89 -13.22
N ARG E 529 -22.74 -59.40 -12.46
CA ARG E 529 -21.88 -58.32 -12.93
C ARG E 529 -20.97 -58.77 -14.06
N GLY E 530 -21.09 -58.10 -15.20
CA GLY E 530 -20.29 -58.45 -16.37
C GLY E 530 -20.89 -59.62 -17.13
N GLY E 531 -21.84 -60.30 -16.50
CA GLY E 531 -22.50 -61.44 -17.11
C GLY E 531 -23.49 -61.01 -18.18
N LEU E 532 -24.12 -61.99 -18.82
CA LEU E 532 -25.05 -61.71 -19.91
C LEU E 532 -26.29 -60.96 -19.45
N MET E 533 -27.03 -60.43 -20.42
CA MET E 533 -28.26 -59.69 -20.17
C MET E 533 -29.40 -60.63 -19.81
N GLN E 534 -29.97 -60.45 -18.62
CA GLN E 534 -31.14 -61.23 -18.22
C GLN E 534 -32.42 -60.54 -18.70
N CYS E 535 -33.37 -61.35 -19.15
CA CYS E 535 -34.58 -60.81 -19.77
C CYS E 535 -35.78 -61.72 -19.57
N GLU E 536 -36.77 -61.23 -18.82
CA GLU E 536 -38.01 -61.96 -18.61
C GLU E 536 -39.18 -61.22 -19.25
N GLU E 537 -40.00 -61.93 -20.02
CA GLU E 537 -41.14 -61.31 -20.68
C GLU E 537 -42.47 -61.94 -20.27
N LEU E 538 -43.55 -61.21 -20.48
CA LEU E 538 -44.88 -61.67 -20.13
C LEU E 538 -45.96 -61.04 -21.01
N ILE E 539 -47.18 -61.58 -20.92
CA ILE E 539 -48.25 -61.15 -21.80
C ILE E 539 -49.24 -60.21 -21.10
N ALA E 540 -49.49 -59.07 -21.74
CA ALA E 540 -50.47 -58.12 -21.25
C ALA E 540 -51.59 -58.03 -22.28
N TYR E 541 -52.80 -57.70 -21.82
CA TYR E 541 -53.94 -57.64 -22.73
C TYR E 541 -54.77 -56.38 -22.54
N LEU E 542 -55.44 -55.98 -23.62
CA LEU E 542 -56.29 -54.81 -23.61
C LEU E 542 -57.64 -55.15 -22.99
N ARG E 543 -58.28 -54.16 -22.37
CA ARG E 543 -59.64 -54.35 -21.87
C ARG E 543 -60.61 -54.39 -23.04
N ASP E 544 -61.83 -54.84 -22.77
CA ASP E 544 -62.86 -54.90 -23.80
C ASP E 544 -63.23 -53.50 -24.26
N GLU E 545 -63.60 -53.38 -25.54
CA GLU E 545 -63.89 -52.08 -26.15
C GLU E 545 -64.97 -51.29 -25.39
N SER E 546 -65.94 -52.01 -24.84
CA SER E 546 -67.03 -51.38 -24.09
C SER E 546 -66.76 -51.36 -22.59
N GLU E 547 -65.51 -51.07 -22.21
CA GLU E 547 -65.15 -50.95 -20.80
C GLU E 547 -64.56 -49.58 -20.50
N PHE E 548 -64.28 -48.82 -21.56
CA PHE E 548 -63.71 -47.49 -21.43
C PHE E 548 -63.93 -46.68 -22.71
N ARG E 549 -64.01 -45.37 -22.58
CA ARG E 549 -64.19 -44.50 -23.73
C ARG E 549 -62.86 -43.95 -24.24
N ASP E 550 -61.89 -43.84 -23.34
CA ASP E 550 -60.58 -43.27 -23.68
C ASP E 550 -59.81 -44.20 -24.61
N LYS E 551 -59.80 -43.86 -25.90
CA LYS E 551 -59.12 -44.66 -26.90
C LYS E 551 -58.01 -43.87 -27.60
N LEU E 552 -57.94 -42.58 -27.30
CA LEU E 552 -56.97 -41.70 -27.96
C LEU E 552 -55.68 -41.58 -27.17
N THR E 553 -55.80 -41.54 -25.85
CA THR E 553 -54.63 -41.43 -24.98
C THR E 553 -53.78 -42.70 -25.04
N PRO E 554 -52.49 -42.54 -25.36
CA PRO E 554 -51.55 -43.67 -25.42
C PRO E 554 -51.40 -44.36 -24.08
N ILE E 555 -51.35 -45.69 -24.11
CA ILE E 555 -51.11 -46.48 -22.91
C ILE E 555 -49.61 -46.58 -22.64
N THR E 556 -49.18 -45.93 -21.57
CA THR E 556 -47.76 -45.89 -21.24
C THR E 556 -47.36 -47.07 -20.36
N ILE E 557 -46.34 -47.81 -20.80
CA ILE E 557 -45.81 -48.93 -20.03
C ILE E 557 -44.54 -48.49 -19.30
N PHE E 558 -44.59 -48.54 -17.98
CA PHE E 558 -43.51 -48.00 -17.15
C PHE E 558 -42.71 -49.11 -16.48
N MET E 559 -41.38 -49.04 -16.58
CA MET E 559 -40.51 -49.99 -15.90
C MET E 559 -39.58 -49.28 -14.94
N GLU E 560 -39.51 -49.77 -13.71
CA GLU E 560 -38.68 -49.16 -12.69
C GLU E 560 -37.93 -50.26 -11.92
N TYR E 561 -36.69 -49.98 -11.55
CA TYR E 561 -35.89 -50.97 -10.83
C TYR E 561 -35.12 -50.37 -9.66
N ARG E 562 -34.99 -51.16 -8.60
CA ARG E 562 -34.25 -50.75 -7.41
C ARG E 562 -33.24 -51.83 -7.04
N LEU E 563 -32.02 -51.41 -6.71
CA LEU E 563 -30.97 -52.35 -6.29
C LEU E 563 -31.01 -52.57 -4.79
N ASP E 564 -30.70 -53.79 -4.35
CA ASP E 564 -30.61 -54.10 -2.94
C ASP E 564 -29.23 -53.70 -2.44
N TYR E 565 -29.16 -52.53 -1.80
CA TYR E 565 -27.88 -51.98 -1.33
C TYR E 565 -27.34 -52.71 -0.11
N ARG E 566 -28.24 -53.16 0.76
CA ARG E 566 -27.84 -53.85 1.99
C ARG E 566 -27.08 -55.14 1.70
N THR E 567 -27.52 -55.87 0.69
CA THR E 567 -26.91 -57.15 0.35
C THR E 567 -25.75 -56.98 -0.63
N ALA E 568 -25.60 -55.78 -1.17
CA ALA E 568 -24.53 -55.50 -2.11
C ALA E 568 -23.29 -54.98 -1.38
N ALA E 569 -23.46 -54.68 -0.09
CA ALA E 569 -22.37 -54.17 0.74
C ALA E 569 -21.20 -55.15 0.79
N ASP E 570 -20.02 -54.65 1.18
CA ASP E 570 -18.83 -55.48 1.17
C ASP E 570 -17.92 -55.22 2.37
N THR E 571 -17.65 -56.27 3.13
CA THR E 571 -16.75 -56.24 4.29
C THR E 571 -17.10 -55.15 5.30
N THR E 572 -16.68 -53.92 5.03
CA THR E 572 -16.93 -52.80 5.92
C THR E 572 -18.38 -52.36 5.84
N GLY E 573 -19.05 -52.73 4.75
CA GLY E 573 -20.43 -52.34 4.53
C GLY E 573 -20.53 -51.20 3.55
N LEU E 574 -19.58 -51.13 2.63
CA LEU E 574 -19.58 -50.09 1.61
C LEU E 574 -20.48 -50.50 0.45
N GLN E 575 -21.69 -49.96 0.43
CA GLN E 575 -22.70 -50.30 -0.56
C GLN E 575 -22.48 -49.54 -1.87
N PRO E 576 -22.46 -50.26 -3.00
CA PRO E 576 -22.27 -49.68 -4.33
C PRO E 576 -23.37 -48.66 -4.66
N ILE E 577 -23.20 -47.93 -5.76
CA ILE E 577 -24.20 -46.97 -6.18
C ILE E 577 -24.38 -47.02 -7.70
N LEU E 578 -25.55 -46.61 -8.17
CA LEU E 578 -25.85 -46.59 -9.59
C LEU E 578 -25.35 -45.29 -10.24
N ASN E 579 -24.90 -45.39 -11.48
CA ASN E 579 -24.32 -44.25 -12.19
C ASN E 579 -25.26 -43.05 -12.28
N GLN E 580 -24.70 -41.86 -12.18
CA GLN E 580 -25.48 -40.64 -12.35
C GLN E 580 -25.85 -40.50 -13.82
N PHE E 581 -26.81 -39.62 -14.10
CA PHE E 581 -27.31 -39.41 -15.46
C PHE E 581 -27.86 -40.68 -16.10
N THR E 582 -27.99 -41.74 -15.30
CA THR E 582 -28.56 -43.00 -15.76
C THR E 582 -29.97 -43.14 -15.21
N PRO E 583 -30.96 -43.14 -16.12
CA PRO E 583 -32.37 -43.25 -15.75
C PRO E 583 -32.65 -44.50 -14.92
N ALA E 584 -33.17 -44.31 -13.71
CA ALA E 584 -33.52 -45.43 -12.84
C ALA E 584 -34.81 -46.09 -13.33
N ASN E 585 -35.44 -45.48 -14.32
CA ASN E 585 -36.66 -46.01 -14.91
C ASN E 585 -36.83 -45.57 -16.35
N ILE E 586 -37.39 -46.45 -17.18
CA ILE E 586 -37.69 -46.10 -18.57
C ILE E 586 -39.13 -46.45 -18.91
N SER E 587 -39.68 -45.81 -19.94
CA SER E 587 -41.07 -46.02 -20.31
C SER E 587 -41.31 -46.01 -21.82
N ARG E 588 -42.04 -47.01 -22.28
CA ARG E 588 -42.47 -47.10 -23.67
C ARG E 588 -43.99 -47.01 -23.69
N GLN E 589 -44.57 -46.74 -24.86
CA GLN E 589 -46.02 -46.64 -24.93
C GLN E 589 -46.64 -47.52 -26.01
N ALA E 590 -47.97 -47.54 -26.03
CA ALA E 590 -48.71 -48.30 -27.01
C ALA E 590 -49.98 -47.55 -27.39
N HIS E 591 -50.32 -47.56 -28.66
CA HIS E 591 -51.50 -46.84 -29.14
C HIS E 591 -52.60 -47.80 -29.59
N ILE E 592 -53.81 -47.27 -29.73
CA ILE E 592 -54.91 -48.01 -30.30
C ILE E 592 -55.34 -47.30 -31.58
N LEU E 593 -55.75 -48.07 -32.60
CA LEU E 593 -56.15 -47.47 -33.87
C LEU E 593 -57.65 -47.23 -33.95
N LEU E 594 -58.11 -46.77 -35.12
CA LEU E 594 -59.53 -46.52 -35.35
C LEU E 594 -59.85 -46.54 -36.84
N GLY F 1 -81.24 26.76 12.49
CA GLY F 1 -82.54 26.90 13.14
C GLY F 1 -82.44 26.83 14.65
N CYS F 2 -82.04 27.93 15.27
CA CYS F 2 -81.86 27.98 16.72
C CYS F 2 -83.19 28.04 17.47
N ALA F 3 -84.29 28.17 16.72
CA ALA F 3 -85.62 28.09 17.31
C ALA F 3 -85.84 26.69 17.85
N LEU F 4 -86.84 26.53 18.70
CA LEU F 4 -87.12 25.26 19.37
C LEU F 4 -85.94 24.81 20.23
N GLY F 5 -85.90 25.29 21.47
CA GLY F 5 -84.83 24.97 22.38
C GLY F 5 -85.16 25.31 23.82
N GLY F 6 -86.04 26.29 24.00
CA GLY F 6 -86.44 26.72 25.33
C GLY F 6 -85.64 27.90 25.83
N THR F 9 -84.20 29.61 29.14
CA THR F 9 -82.93 30.06 29.73
C THR F 9 -81.94 30.45 28.65
N CYS F 10 -81.30 31.60 28.82
CA CYS F 10 -80.31 32.10 27.87
C CYS F 10 -79.11 31.17 27.75
N GLU F 11 -78.72 30.57 28.86
CA GLU F 11 -77.59 29.65 28.89
C GLU F 11 -77.87 28.37 28.10
N ASP F 12 -79.07 27.83 28.28
CA ASP F 12 -79.47 26.61 27.59
C ASP F 12 -79.63 26.83 26.09
N CYS F 13 -79.77 28.09 25.69
CA CYS F 13 -79.89 28.46 24.29
C CYS F 13 -78.57 28.31 23.55
N LEU F 14 -77.48 28.71 24.21
CA LEU F 14 -76.15 28.62 23.61
C LEU F 14 -75.72 27.17 23.45
N LEU F 15 -76.27 26.30 24.29
CA LEU F 15 -75.90 24.90 24.31
C LEU F 15 -76.35 24.18 23.04
N ILE F 16 -77.61 24.43 22.64
CA ILE F 16 -78.21 23.70 21.53
C ILE F 16 -77.56 24.00 20.19
N GLY F 17 -76.79 25.09 20.12
CA GLY F 17 -76.14 25.48 18.89
C GLY F 17 -75.17 26.62 19.08
N PRO F 18 -74.04 26.57 18.35
CA PRO F 18 -73.00 27.61 18.40
C PRO F 18 -73.39 28.85 17.61
N GLN F 19 -74.42 28.74 16.80
CA GLN F 19 -74.90 29.87 16.01
C GLN F 19 -76.09 30.53 16.68
N CYS F 20 -76.48 30.01 17.84
CA CYS F 20 -77.67 30.46 18.54
C CYS F 20 -77.48 31.76 19.31
N ALA F 21 -78.59 32.47 19.53
CA ALA F 21 -78.56 33.76 20.21
C ALA F 21 -79.77 33.92 21.13
N TRP F 22 -79.63 34.77 22.14
CA TRP F 22 -80.72 35.03 23.07
C TRP F 22 -80.82 36.52 23.35
N CYS F 23 -82.05 37.03 23.33
CA CYS F 23 -82.31 38.44 23.63
C CYS F 23 -82.86 38.57 25.04
N ALA F 24 -82.28 39.48 25.81
CA ALA F 24 -82.69 39.68 27.20
C ALA F 24 -82.81 41.16 27.55
N ARG F 37 -87.20 34.56 23.66
CA ARG F 37 -87.03 33.94 22.36
C ARG F 37 -85.57 33.64 22.06
N CYS F 38 -85.33 32.53 21.38
CA CYS F 38 -83.97 32.13 21.03
C CYS F 38 -83.87 31.82 19.53
N ASP F 39 -83.20 32.72 18.80
CA ASP F 39 -83.05 32.53 17.36
C ASP F 39 -81.65 32.96 16.92
N THR F 40 -81.51 33.29 15.64
CA THR F 40 -80.22 33.68 15.09
C THR F 40 -80.24 35.16 14.67
N PRO F 41 -79.12 35.87 14.89
CA PRO F 41 -79.00 37.28 14.51
C PRO F 41 -79.11 37.47 13.00
N CYS F 49 -84.43 42.37 18.28
CA CYS F 49 -83.92 42.97 19.50
C CYS F 49 -82.79 43.95 19.21
N GLN F 50 -82.40 44.71 20.23
CA GLN F 50 -81.29 45.65 20.11
C GLN F 50 -79.96 44.92 20.16
N LEU F 51 -78.93 45.53 19.57
CA LEU F 51 -77.61 44.94 19.53
C LEU F 51 -77.00 44.81 20.92
N ASN F 52 -77.39 45.72 21.81
CA ASN F 52 -76.88 45.73 23.18
C ASN F 52 -77.58 44.71 24.06
N PHE F 53 -78.62 44.08 23.53
CA PHE F 53 -79.39 43.08 24.26
C PHE F 53 -79.13 41.68 23.75
N ILE F 54 -78.59 41.57 22.53
CA ILE F 54 -78.24 40.28 21.97
C ILE F 54 -76.95 39.77 22.58
N GLU F 55 -77.01 38.60 23.22
CA GLU F 55 -75.87 38.03 23.91
C GLU F 55 -75.26 36.86 23.15
N ASN F 56 -74.13 37.11 22.49
CA ASN F 56 -73.49 36.11 21.65
C ASN F 56 -72.04 35.84 22.03
N PRO F 57 -71.79 34.81 22.85
CA PRO F 57 -70.43 34.37 23.18
C PRO F 57 -69.81 33.56 22.05
N VAL F 58 -69.17 34.25 21.11
CA VAL F 58 -68.61 33.60 19.92
C VAL F 58 -67.20 33.06 20.18
N SER F 59 -66.85 31.97 19.52
CA SER F 59 -65.50 31.41 19.60
C SER F 59 -64.50 32.36 18.96
N GLN F 60 -63.36 32.54 19.62
CA GLN F 60 -62.36 33.49 19.15
C GLN F 60 -60.98 33.18 19.74
N VAL F 61 -59.93 33.44 18.98
CA VAL F 61 -58.57 33.23 19.47
C VAL F 61 -57.92 34.54 19.85
N GLU F 62 -57.10 34.52 20.91
CA GLU F 62 -56.35 35.68 21.32
C GLU F 62 -54.86 35.36 21.35
N ILE F 63 -54.15 35.75 20.30
CA ILE F 63 -52.71 35.53 20.22
C ILE F 63 -51.97 36.29 21.33
N LEU F 64 -51.19 35.55 22.11
CA LEU F 64 -50.45 36.16 23.22
C LEU F 64 -48.99 36.36 22.86
N LYS F 65 -48.34 35.30 22.42
CA LYS F 65 -46.94 35.37 22.01
C LYS F 65 -46.76 34.82 20.60
N ASN F 66 -46.54 35.71 19.64
CA ASN F 66 -46.34 35.33 18.25
C ASN F 66 -45.09 35.96 17.65
N LYS F 67 -43.93 35.53 18.15
CA LYS F 67 -42.65 36.00 17.64
C LYS F 67 -42.40 35.34 16.28
N PRO F 68 -41.94 36.13 15.30
CA PRO F 68 -41.71 35.62 13.93
C PRO F 68 -40.68 34.49 13.85
N LEU F 69 -40.88 33.59 12.89
CA LEU F 69 -39.99 32.46 12.69
C LEU F 69 -38.58 32.91 12.30
N SER F 70 -37.66 32.81 13.26
CA SER F 70 -36.28 33.18 13.03
C SER F 70 -35.55 32.08 12.27
N VAL F 71 -34.60 32.48 11.42
CA VAL F 71 -33.78 31.53 10.68
C VAL F 71 -32.53 32.22 10.15
N GLY F 72 -31.47 31.44 9.92
CA GLY F 72 -30.24 31.97 9.36
C GLY F 72 -29.03 31.87 10.28
N ARG F 73 -28.81 30.68 10.83
CA ARG F 73 -27.65 30.42 11.70
C ARG F 73 -27.53 31.42 12.85
N GLN F 74 -28.62 31.61 13.59
CA GLN F 74 -28.61 32.58 14.69
C GLN F 74 -27.70 32.12 15.85
N LYS F 75 -26.67 32.92 16.10
CA LYS F 75 -25.64 32.59 17.09
C LYS F 75 -26.22 32.46 18.51
N ASN F 76 -27.20 33.30 18.80
CA ASN F 76 -27.86 33.25 20.11
C ASN F 76 -28.97 32.20 20.11
N SER F 77 -28.81 31.18 20.96
CA SER F 77 -29.76 30.07 21.02
C SER F 77 -31.12 30.52 21.53
N SER F 78 -31.14 31.61 22.30
CA SER F 78 -32.38 32.11 22.89
C SER F 78 -33.13 33.05 21.94
N ASP F 79 -32.71 33.06 20.68
CA ASP F 79 -33.39 33.86 19.67
C ASP F 79 -33.98 32.96 18.58
N ILE F 80 -33.65 31.67 18.65
CA ILE F 80 -34.14 30.71 17.67
C ILE F 80 -35.63 30.44 17.84
N VAL F 81 -36.41 30.76 16.80
CA VAL F 81 -37.85 30.50 16.81
C VAL F 81 -38.21 29.55 15.66
N GLN F 82 -38.64 28.34 16.02
CA GLN F 82 -38.92 27.33 15.02
C GLN F 82 -40.41 27.03 14.84
N ILE F 83 -41.23 27.58 15.73
CA ILE F 83 -42.68 27.43 15.62
C ILE F 83 -43.37 28.78 15.89
N ALA F 84 -44.52 29.00 15.25
CA ALA F 84 -45.25 30.25 15.40
C ALA F 84 -46.75 30.06 15.17
N PRO F 85 -47.58 30.60 16.08
CA PRO F 85 -47.17 31.33 17.28
C PRO F 85 -46.74 30.40 18.41
N GLN F 86 -46.50 30.97 19.60
CA GLN F 86 -45.96 30.21 20.72
C GLN F 86 -46.93 30.15 21.90
N SER F 87 -47.64 31.24 22.14
CA SER F 87 -48.69 31.25 23.15
C SER F 87 -49.99 31.74 22.56
N LEU F 88 -51.09 31.16 23.02
CA LEU F 88 -52.39 31.43 22.42
C LEU F 88 -53.50 30.91 23.32
N ILE F 89 -54.43 31.80 23.70
CA ILE F 89 -55.61 31.37 24.43
C ILE F 89 -56.79 31.22 23.48
N LEU F 90 -57.51 30.11 23.62
CA LEU F 90 -58.54 29.73 22.67
C LEU F 90 -59.90 29.57 23.35
N LYS F 91 -60.73 30.61 23.29
CA LYS F 91 -62.08 30.49 23.81
C LYS F 91 -63.00 29.83 22.77
N LEU F 92 -63.69 28.78 23.18
CA LEU F 92 -64.50 27.99 22.26
C LEU F 92 -65.93 27.79 22.74
N ARG F 93 -66.87 28.22 21.93
CA ARG F 93 -68.28 27.90 22.13
C ARG F 93 -68.44 26.41 21.84
N PRO F 94 -69.21 25.70 22.67
CA PRO F 94 -69.46 24.28 22.43
C PRO F 94 -70.13 24.03 21.08
N GLY F 95 -69.43 23.33 20.19
CA GLY F 95 -69.95 23.04 18.86
C GLY F 95 -69.31 23.93 17.81
N GLY F 96 -68.97 25.15 18.20
CA GLY F 96 -68.32 26.09 17.31
C GLY F 96 -66.82 25.86 17.26
N ALA F 97 -66.34 25.45 16.09
CA ALA F 97 -64.93 25.12 15.92
C ALA F 97 -64.08 26.35 15.67
N GLN F 98 -62.78 26.12 15.54
CA GLN F 98 -61.83 27.20 15.27
C GLN F 98 -60.56 26.59 14.71
N THR F 99 -60.06 27.15 13.61
CA THR F 99 -58.88 26.60 12.96
C THR F 99 -57.64 27.45 13.24
N LEU F 100 -56.62 26.82 13.79
CA LEU F 100 -55.39 27.50 14.14
C LEU F 100 -54.36 27.39 13.02
N GLN F 101 -53.73 28.51 12.68
CA GLN F 101 -52.69 28.51 11.67
C GLN F 101 -51.31 28.43 12.31
N VAL F 102 -50.73 27.24 12.27
CA VAL F 102 -49.44 26.99 12.91
C VAL F 102 -48.34 26.90 11.86
N HIS F 103 -47.23 27.58 12.10
CA HIS F 103 -46.11 27.61 11.17
C HIS F 103 -44.84 27.09 11.83
N VAL F 104 -44.15 26.17 11.16
CA VAL F 104 -42.93 25.58 11.69
C VAL F 104 -41.76 25.76 10.73
N ARG F 105 -40.59 26.09 11.25
CA ARG F 105 -39.40 26.26 10.43
C ARG F 105 -38.13 25.85 11.16
N GLN F 106 -37.43 24.85 10.62
CA GLN F 106 -36.18 24.41 11.20
C GLN F 106 -35.06 25.41 10.92
N THR F 107 -34.15 25.57 11.88
CA THR F 107 -33.02 26.48 11.72
C THR F 107 -31.82 25.77 11.13
N GLU F 108 -30.87 26.53 10.62
CA GLU F 108 -29.69 25.97 9.96
C GLU F 108 -28.77 25.24 10.91
N ASP F 109 -28.35 25.93 11.97
CA ASP F 109 -27.47 25.33 12.97
C ASP F 109 -28.21 25.07 14.28
N TYR F 110 -28.38 19.56 7.51
CA TYR F 110 -28.49 18.19 8.00
C TYR F 110 -27.27 17.87 8.84
N PRO F 111 -27.49 17.34 10.06
CA PRO F 111 -26.42 17.05 11.02
C PRO F 111 -25.36 16.10 10.46
N VAL F 112 -24.10 16.34 10.82
CA VAL F 112 -22.98 15.59 10.26
C VAL F 112 -22.04 15.08 11.35
N ASP F 113 -21.81 13.78 11.37
CA ASP F 113 -20.82 13.19 12.27
C ASP F 113 -19.56 12.82 11.49
N LEU F 114 -18.41 13.16 12.05
CA LEU F 114 -17.13 12.82 11.42
C LEU F 114 -16.24 12.05 12.39
N TYR F 115 -15.77 10.89 11.96
CA TYR F 115 -14.81 10.13 12.73
C TYR F 115 -13.47 10.11 12.01
N TYR F 116 -12.50 10.82 12.56
CA TYR F 116 -11.17 10.92 11.96
C TYR F 116 -10.31 9.74 12.38
N LEU F 117 -10.14 8.79 11.46
CA LEU F 117 -9.37 7.58 11.71
C LEU F 117 -7.98 7.68 11.09
N MET F 118 -6.95 7.82 11.91
CA MET F 118 -5.62 8.11 11.41
C MET F 118 -4.58 6.99 11.59
N ASP F 119 -3.85 6.72 10.51
CA ASP F 119 -2.73 5.80 10.53
C ASP F 119 -1.57 6.41 11.31
N LEU F 120 -1.11 5.71 12.35
CA LEU F 120 0.00 6.19 13.17
C LEU F 120 1.29 5.41 12.97
N SER F 121 1.58 5.06 11.71
CA SER F 121 2.79 4.30 11.39
C SER F 121 4.01 5.22 11.34
N ALA F 122 5.19 4.61 11.24
CA ALA F 122 6.44 5.36 11.23
C ALA F 122 6.68 6.09 9.91
N SER F 123 5.76 6.96 9.54
CA SER F 123 5.88 7.78 8.34
C SER F 123 4.87 8.92 8.38
N MET F 124 4.05 8.92 9.43
CA MET F 124 3.04 9.95 9.61
C MET F 124 3.44 10.91 10.73
N ASP F 125 4.73 10.90 11.08
CA ASP F 125 5.25 11.73 12.15
C ASP F 125 5.19 13.20 11.77
N ASP F 126 5.62 13.51 10.54
CA ASP F 126 5.57 14.87 10.03
C ASP F 126 4.13 15.33 9.84
N ASP F 127 3.22 14.38 9.67
CA ASP F 127 1.80 14.67 9.51
C ASP F 127 1.23 15.24 10.80
N LEU F 128 1.59 14.64 11.93
CA LEU F 128 1.04 15.02 13.24
C LEU F 128 1.48 16.39 13.73
N ASN F 129 2.36 17.05 12.98
CA ASN F 129 2.84 18.38 13.35
C ASN F 129 2.05 19.48 12.67
N THR F 130 1.12 19.10 11.80
CA THR F 130 0.32 20.05 11.04
C THR F 130 -1.16 19.89 11.39
N ILE F 131 -1.45 18.93 12.26
CA ILE F 131 -2.82 18.62 12.64
C ILE F 131 -3.09 19.11 14.07
N LYS F 132 -2.02 19.47 14.77
CA LYS F 132 -2.11 19.84 16.19
C LYS F 132 -3.09 20.98 16.50
N GLU F 133 -3.57 21.64 15.44
CA GLU F 133 -4.66 22.60 15.58
C GLU F 133 -5.57 22.52 14.36
N LEU F 134 -6.04 21.31 14.05
CA LEU F 134 -6.89 21.09 12.88
C LEU F 134 -8.37 21.11 13.21
N GLY F 135 -8.75 20.37 14.25
CA GLY F 135 -10.14 20.22 14.64
C GLY F 135 -10.90 21.52 14.79
N SER F 136 -10.20 22.55 15.26
CA SER F 136 -10.79 23.87 15.38
C SER F 136 -11.01 24.47 13.99
N ARG F 137 -10.02 24.29 13.13
CA ARG F 137 -10.08 24.82 11.76
C ARG F 137 -11.12 24.09 10.93
N LEU F 138 -11.30 22.79 11.22
CA LEU F 138 -12.27 21.98 10.52
C LEU F 138 -13.70 22.34 10.93
N SER F 139 -13.93 22.43 12.23
CA SER F 139 -15.26 22.76 12.75
C SER F 139 -15.66 24.19 12.40
N LYS F 140 -14.67 25.06 12.21
CA LYS F 140 -14.91 26.45 11.85
C LYS F 140 -15.54 26.56 10.46
N GLU F 141 -14.99 25.79 9.52
CA GLU F 141 -15.48 25.82 8.14
C GLU F 141 -16.75 24.99 7.97
N MET F 142 -16.91 23.99 8.83
CA MET F 142 -18.10 23.14 8.79
C MET F 142 -19.28 23.85 9.46
N SER F 143 -18.98 24.90 10.23
CA SER F 143 -20.00 25.67 10.92
C SER F 143 -20.94 26.35 9.92
N LYS F 144 -20.37 26.88 8.85
CA LYS F 144 -21.14 27.59 7.83
C LYS F 144 -21.87 26.63 6.89
N LEU F 145 -21.73 25.34 7.14
CA LEU F 145 -22.38 24.32 6.33
C LEU F 145 -23.43 23.58 7.14
N THR F 146 -23.16 23.38 8.43
CA THR F 146 -24.05 22.64 9.30
C THR F 146 -23.99 23.18 10.74
N SER F 147 -25.15 23.28 11.38
CA SER F 147 -25.21 23.72 12.77
C SER F 147 -24.81 22.60 13.72
N ASN F 148 -24.86 21.37 13.22
CA ASN F 148 -24.48 20.21 14.00
C ASN F 148 -23.30 19.44 13.42
N PHE F 149 -22.11 19.71 13.94
CA PHE F 149 -20.91 19.02 13.49
C PHE F 149 -20.13 18.44 14.65
N ARG F 150 -19.94 17.12 14.64
CA ARG F 150 -19.25 16.44 15.73
C ARG F 150 -18.01 15.68 15.23
N LEU F 151 -16.92 15.77 15.99
CA LEU F 151 -15.66 15.13 15.60
C LEU F 151 -15.25 14.02 16.56
N GLY F 152 -14.98 12.84 16.01
CA GLY F 152 -14.42 11.74 16.78
C GLY F 152 -12.98 11.52 16.40
N PHE F 153 -12.32 10.58 17.05
CA PHE F 153 -10.94 10.25 16.70
C PHE F 153 -10.56 8.82 17.05
N GLY F 154 -9.77 8.21 16.18
CA GLY F 154 -9.25 6.89 16.39
C GLY F 154 -7.90 6.76 15.72
N SER F 155 -7.17 5.70 16.06
CA SER F 155 -5.85 5.49 15.50
C SER F 155 -5.63 4.01 15.19
N PHE F 156 -4.71 3.72 14.29
CA PHE F 156 -4.39 2.33 13.97
C PHE F 156 -2.97 2.20 13.46
N VAL F 157 -2.43 0.99 13.57
CA VAL F 157 -1.15 0.65 12.97
C VAL F 157 -1.23 -0.71 12.29
N GLU F 158 -1.21 -1.76 13.09
CA GLU F 158 -1.11 -3.11 12.56
C GLU F 158 -1.41 -4.14 13.65
N LYS F 159 -1.79 -5.34 13.25
CA LYS F 159 -1.89 -6.46 14.18
C LYS F 159 -0.50 -6.69 14.76
N PRO F 160 -0.37 -6.52 16.09
CA PRO F 160 0.92 -6.66 16.77
C PRO F 160 1.41 -8.11 16.83
N VAL F 161 1.42 -8.78 15.67
CA VAL F 161 1.86 -10.17 15.58
C VAL F 161 2.79 -10.31 14.38
N SER F 162 3.85 -11.09 14.54
CA SER F 162 4.75 -11.35 13.42
C SER F 162 3.98 -12.12 12.35
N PRO F 163 4.39 -12.01 11.08
CA PRO F 163 5.56 -11.31 10.55
C PRO F 163 5.37 -9.81 10.33
N PHE F 164 4.26 -9.26 10.81
CA PHE F 164 3.98 -7.85 10.61
C PHE F 164 4.84 -6.98 11.52
N VAL F 165 5.22 -7.53 12.67
CA VAL F 165 6.08 -6.82 13.61
C VAL F 165 7.23 -7.72 14.05
N LYS F 166 8.40 -7.14 14.22
CA LYS F 166 9.53 -7.87 14.80
C LYS F 166 9.24 -8.18 16.26
N THR F 167 9.70 -9.32 16.74
CA THR F 167 9.27 -9.82 18.04
C THR F 167 10.38 -10.04 19.07
N THR F 168 11.54 -9.42 18.85
CA THR F 168 12.57 -9.41 19.88
C THR F 168 12.14 -8.39 20.93
N PRO F 169 12.46 -8.65 22.21
CA PRO F 169 12.04 -7.80 23.34
C PRO F 169 12.30 -6.32 23.10
N GLU F 170 13.45 -6.01 22.49
CA GLU F 170 13.82 -4.64 22.20
C GLU F 170 12.93 -4.03 21.12
N GLU F 171 12.61 -4.84 20.10
CA GLU F 171 11.74 -4.39 19.02
C GLU F 171 10.28 -4.29 19.47
N ILE F 172 9.88 -5.19 20.35
CA ILE F 172 8.53 -5.15 20.91
C ILE F 172 8.30 -3.89 21.74
N ALA F 173 9.28 -3.55 22.57
CA ALA F 173 9.19 -2.36 23.42
C ALA F 173 9.22 -1.09 22.58
N ASN F 174 10.11 -1.06 21.59
CA ASN F 174 10.22 0.08 20.69
C ASN F 174 10.45 -0.38 19.26
N PRO F 175 9.36 -0.40 18.45
CA PRO F 175 9.41 -0.85 17.06
C PRO F 175 10.30 0.01 16.18
N CYS F 176 10.66 1.18 16.68
CA CYS F 176 11.67 2.01 16.02
C CYS F 176 12.96 1.96 16.82
N SER F 177 13.44 0.77 17.14
CA SER F 177 14.71 0.67 17.85
C SER F 177 15.84 0.44 16.84
N SER F 178 15.50 -0.23 15.74
CA SER F 178 16.43 -0.42 14.64
C SER F 178 16.85 0.93 14.07
N ILE F 179 15.86 1.78 13.84
CA ILE F 179 16.10 3.17 13.51
C ILE F 179 16.19 3.93 14.82
N PRO F 180 17.35 4.53 15.12
CA PRO F 180 17.46 5.27 16.37
C PRO F 180 16.41 6.37 16.47
N TYR F 181 15.22 6.01 16.96
CA TYR F 181 14.09 6.94 17.03
C TYR F 181 13.05 6.45 18.03
N PHE F 182 12.31 7.37 18.66
CA PHE F 182 11.31 6.96 19.66
C PHE F 182 9.95 6.64 19.05
N CYS F 183 9.45 5.44 19.32
CA CYS F 183 8.11 5.04 18.89
C CYS F 183 7.40 4.23 19.96
N LEU F 184 6.08 4.35 20.01
CA LEU F 184 5.27 3.51 20.88
C LEU F 184 5.13 2.12 20.28
N PRO F 185 4.93 1.10 21.12
CA PRO F 185 4.73 -0.27 20.62
C PRO F 185 3.54 -0.38 19.68
N THR F 186 3.57 -1.35 18.79
CA THR F 186 2.54 -1.51 17.78
C THR F 186 1.19 -1.90 18.40
N PHE F 187 0.17 -1.13 18.07
CA PHE F 187 -1.19 -1.43 18.50
C PHE F 187 -2.11 -1.57 17.29
N GLY F 188 -3.20 -2.33 17.45
CA GLY F 188 -4.14 -2.55 16.37
C GLY F 188 -4.99 -1.32 16.09
N PHE F 189 -5.99 -1.10 16.92
CA PHE F 189 -6.87 0.06 16.77
C PHE F 189 -7.33 0.59 18.12
N LYS F 190 -7.11 1.89 18.34
CA LYS F 190 -7.51 2.53 19.58
C LYS F 190 -8.55 3.62 19.33
N HIS F 191 -9.77 3.38 19.78
CA HIS F 191 -10.81 4.39 19.76
C HIS F 191 -10.56 5.38 20.88
N ILE F 192 -10.06 6.56 20.52
CA ILE F 192 -9.67 7.55 21.52
C ILE F 192 -10.82 8.47 21.92
N LEU F 193 -11.25 9.32 21.00
CA LEU F 193 -12.27 10.31 21.31
C LEU F 193 -13.61 10.00 20.64
N PRO F 194 -14.64 9.70 21.45
CA PRO F 194 -16.02 9.62 20.95
C PRO F 194 -16.42 10.99 20.42
N LEU F 195 -17.16 11.03 19.31
CA LEU F 195 -17.46 12.30 18.66
C LEU F 195 -18.34 13.25 19.47
N THR F 196 -17.82 14.44 19.72
CA THR F 196 -18.52 15.44 20.51
C THR F 196 -18.52 16.79 19.80
N ASN F 197 -19.07 17.80 20.47
CA ASN F 197 -19.12 19.16 19.93
C ASN F 197 -17.85 19.95 20.22
N ASP F 198 -17.19 19.62 21.32
CA ASP F 198 -15.98 20.32 21.73
C ASP F 198 -14.83 20.12 20.74
N ALA F 199 -14.79 20.98 19.73
CA ALA F 199 -13.72 20.94 18.74
C ALA F 199 -12.36 21.24 19.36
N GLU F 200 -12.38 21.99 20.46
CA GLU F 200 -11.15 22.30 21.18
C GLU F 200 -10.54 21.03 21.79
N ARG F 201 -11.40 20.10 22.18
CA ARG F 201 -10.96 18.83 22.75
C ARG F 201 -10.20 18.00 21.70
N PHE F 202 -10.63 18.11 20.45
CA PHE F 202 -10.01 17.39 19.35
C PHE F 202 -8.53 17.71 19.21
N ASN F 203 -8.19 18.99 19.23
CA ASN F 203 -6.81 19.43 19.01
C ASN F 203 -5.85 18.99 20.12
N GLU F 204 -6.37 18.79 21.32
CA GLU F 204 -5.54 18.35 22.44
C GLU F 204 -5.18 16.88 22.29
N ILE F 205 -6.11 16.10 21.73
CA ILE F 205 -5.86 14.68 21.48
C ILE F 205 -4.77 14.51 20.42
N VAL F 206 -4.80 15.38 19.42
CA VAL F 206 -3.84 15.33 18.32
C VAL F 206 -2.41 15.55 18.80
N LYS F 207 -2.22 16.56 19.65
CA LYS F 207 -0.90 16.85 20.21
C LYS F 207 -0.39 15.69 21.06
N ASN F 208 -1.32 15.01 21.73
CA ASN F 208 -0.97 13.91 22.62
C ASN F 208 -0.49 12.65 21.89
N GLN F 209 -0.71 12.59 20.58
CA GLN F 209 -0.41 11.39 19.81
C GLN F 209 1.08 11.18 19.53
N LYS F 210 1.52 9.93 19.72
CA LYS F 210 2.87 9.53 19.35
C LYS F 210 2.84 8.59 18.15
N ILE F 211 4.02 8.22 17.65
CA ILE F 211 4.13 7.38 16.47
C ILE F 211 4.46 5.94 16.85
N SER F 212 3.82 4.98 16.18
CA SER F 212 4.21 3.57 16.33
C SER F 212 4.86 3.09 15.04
N ALA F 213 5.15 1.80 14.96
CA ALA F 213 5.78 1.24 13.78
C ALA F 213 5.61 -0.27 13.64
N ASN F 214 6.03 -0.78 12.49
CA ASN F 214 6.05 -2.21 12.22
C ASN F 214 6.90 -2.46 10.97
N ILE F 215 6.76 -3.63 10.37
CA ILE F 215 7.61 -4.00 9.24
C ILE F 215 6.96 -3.73 7.88
N ASP F 216 6.05 -4.60 7.47
CA ASP F 216 5.47 -4.54 6.13
C ASP F 216 4.65 -3.28 5.89
N THR F 217 4.67 -2.80 4.65
CA THR F 217 4.08 -1.51 4.29
C THR F 217 2.55 -1.42 4.41
N PRO F 218 1.81 -2.43 3.93
CA PRO F 218 0.36 -2.37 4.17
C PRO F 218 0.00 -2.49 5.64
N GLU F 219 -0.96 -1.69 6.09
CA GLU F 219 -1.34 -1.64 7.49
C GLU F 219 -2.67 -2.34 7.77
N GLY F 220 -3.14 -2.24 9.02
CA GLY F 220 -4.34 -2.93 9.44
C GLY F 220 -5.57 -2.04 9.53
N GLY F 221 -5.61 -1.02 8.67
CA GLY F 221 -6.69 -0.06 8.67
C GLY F 221 -8.09 -0.64 8.61
N PHE F 222 -8.26 -1.75 7.90
CA PHE F 222 -9.58 -2.34 7.72
C PHE F 222 -10.17 -2.85 9.04
N ASP F 223 -9.32 -3.34 9.93
CA ASP F 223 -9.74 -3.70 11.28
C ASP F 223 -10.34 -2.49 11.97
N ALA F 224 -9.65 -1.37 11.85
CA ALA F 224 -10.10 -0.10 12.43
C ALA F 224 -11.37 0.42 11.79
N ILE F 225 -11.51 0.19 10.48
CA ILE F 225 -12.70 0.65 9.75
C ILE F 225 -13.93 -0.13 10.18
N MET F 226 -13.77 -1.45 10.31
CA MET F 226 -14.86 -2.32 10.73
C MET F 226 -15.37 -1.93 12.11
N GLN F 227 -14.45 -1.68 13.03
CA GLN F 227 -14.81 -1.33 14.40
C GLN F 227 -15.42 0.07 14.51
N ALA F 228 -14.94 1.00 13.68
CA ALA F 228 -15.45 2.37 13.69
C ALA F 228 -16.86 2.45 13.11
N ALA F 229 -17.25 1.42 12.36
CA ALA F 229 -18.57 1.39 11.71
C ALA F 229 -19.60 0.66 12.55
N VAL F 230 -19.20 -0.48 13.12
CA VAL F 230 -20.12 -1.31 13.89
C VAL F 230 -20.35 -0.79 15.31
N CYS F 231 -19.30 -0.32 15.96
CA CYS F 231 -19.41 0.17 17.34
C CYS F 231 -20.10 1.52 17.43
N LYS F 232 -21.42 1.52 17.26
CA LYS F 232 -22.20 2.76 17.24
C LYS F 232 -22.15 3.53 18.56
N GLU F 233 -22.58 2.86 19.63
CA GLU F 233 -22.71 3.52 20.93
C GLU F 233 -21.38 4.02 21.50
N LYS F 234 -20.31 3.28 21.23
CA LYS F 234 -18.99 3.70 21.69
C LYS F 234 -18.39 4.82 20.85
N ILE F 235 -18.62 4.77 19.54
CA ILE F 235 -18.17 5.83 18.65
C ILE F 235 -19.09 7.05 18.77
N GLY F 236 -20.39 6.80 18.82
CA GLY F 236 -21.36 7.84 19.09
C GLY F 236 -22.09 8.38 17.89
N TRP F 237 -22.33 7.53 16.89
CA TRP F 237 -23.05 7.95 15.69
C TRP F 237 -24.48 8.38 16.04
N ARG F 238 -24.80 9.64 15.77
CA ARG F 238 -26.16 10.12 15.94
C ARG F 238 -27.08 9.41 14.95
N ASN F 239 -28.34 9.20 15.35
CA ASN F 239 -29.27 8.43 14.54
C ASN F 239 -29.54 9.00 13.15
N ASP F 240 -30.15 10.18 13.09
CA ASP F 240 -30.50 10.78 11.80
C ASP F 240 -29.49 11.84 11.36
N SER F 241 -28.28 11.40 11.05
CA SER F 241 -27.22 12.32 10.62
C SER F 241 -26.26 11.62 9.65
N LEU F 242 -25.47 12.42 8.93
CA LEU F 242 -24.44 11.87 8.05
C LEU F 242 -23.38 11.15 8.89
N HIS F 243 -22.84 10.07 8.36
CA HIS F 243 -21.81 9.31 9.05
C HIS F 243 -20.52 9.27 8.25
N LEU F 244 -19.72 10.33 8.39
CA LEU F 244 -18.46 10.44 7.66
C LEU F 244 -17.30 9.77 8.40
N LEU F 245 -16.60 8.90 7.70
CA LEU F 245 -15.42 8.23 8.26
C LEU F 245 -14.21 8.58 7.40
N VAL F 246 -13.35 9.45 7.91
CA VAL F 246 -12.17 9.88 7.17
C VAL F 246 -10.99 8.94 7.45
N PHE F 247 -10.71 8.08 6.48
CA PHE F 247 -9.58 7.14 6.57
C PHE F 247 -8.33 7.85 6.10
N VAL F 248 -7.35 8.01 6.99
CA VAL F 248 -6.11 8.72 6.66
C VAL F 248 -4.90 7.80 6.75
N SER F 249 -4.41 7.36 5.59
CA SER F 249 -3.23 6.52 5.55
C SER F 249 -2.37 6.85 4.34
N ASP F 250 -1.13 6.40 4.35
CA ASP F 250 -0.20 6.65 3.26
C ASP F 250 0.25 5.34 2.62
N ALA F 251 -0.49 4.27 2.90
CA ALA F 251 -0.09 2.95 2.44
C ALA F 251 -1.27 2.04 2.10
N ASP F 252 -0.96 0.80 1.74
CA ASP F 252 -1.97 -0.19 1.42
C ASP F 252 -2.70 -0.67 2.67
N SER F 253 -3.65 -1.57 2.48
CA SER F 253 -4.39 -2.15 3.58
C SER F 253 -4.41 -3.67 3.48
N HIS F 254 -4.09 -4.34 4.59
CA HIS F 254 -4.28 -5.78 4.66
C HIS F 254 -5.76 -6.07 4.66
N PHE F 255 -6.13 -7.23 4.11
CA PHE F 255 -7.52 -7.63 4.05
C PHE F 255 -7.63 -9.15 4.13
N GLY F 256 -8.79 -9.63 4.56
CA GLY F 256 -9.11 -11.04 4.54
C GLY F 256 -8.06 -11.96 5.15
N MET F 257 -7.60 -12.91 4.34
CA MET F 257 -6.70 -13.96 4.82
C MET F 257 -5.22 -13.60 4.73
N ASP F 258 -4.90 -12.32 4.85
CA ASP F 258 -3.50 -11.91 4.93
C ASP F 258 -2.91 -12.30 6.28
N SER F 259 -3.79 -12.37 7.27
CA SER F 259 -3.39 -12.72 8.64
C SER F 259 -3.04 -14.22 8.76
N LYS F 260 -3.20 -14.96 7.67
CA LYS F 260 -2.82 -16.37 7.60
C LYS F 260 -1.33 -16.53 7.93
N LEU F 261 -0.53 -15.54 7.52
CA LEU F 261 0.90 -15.54 7.80
C LEU F 261 1.16 -15.41 9.29
N ALA F 262 0.20 -14.82 10.01
CA ALA F 262 0.33 -14.62 11.45
C ALA F 262 -0.36 -15.72 12.25
N GLY F 263 -0.83 -16.74 11.54
CA GLY F 263 -1.53 -17.85 12.17
C GLY F 263 -2.94 -17.50 12.57
N ILE F 264 -3.41 -16.33 12.13
CA ILE F 264 -4.76 -15.87 12.44
C ILE F 264 -5.71 -16.28 11.32
N VAL F 265 -6.42 -17.39 11.54
CA VAL F 265 -7.26 -17.99 10.50
C VAL F 265 -8.73 -18.06 10.90
N CYS F 266 -9.18 -17.11 11.70
CA CYS F 266 -10.57 -17.03 12.11
C CYS F 266 -11.23 -15.76 11.57
N PRO F 267 -12.17 -15.92 10.63
CA PRO F 267 -12.84 -14.83 9.92
C PRO F 267 -13.40 -13.76 10.85
N ASN F 268 -13.25 -12.50 10.47
CA ASN F 268 -13.76 -11.38 11.24
C ASN F 268 -15.28 -11.43 11.31
N ASP F 269 -15.82 -11.45 12.53
CA ASP F 269 -17.26 -11.58 12.73
C ASP F 269 -18.02 -10.28 12.48
N GLY F 270 -17.29 -9.19 12.26
CA GLY F 270 -17.90 -7.90 12.04
C GLY F 270 -18.71 -7.43 13.24
N LEU F 271 -18.18 -7.68 14.43
CA LEU F 271 -18.85 -7.27 15.67
C LEU F 271 -17.98 -6.29 16.45
N CYS F 272 -18.60 -5.57 17.37
CA CYS F 272 -17.88 -4.70 18.29
C CYS F 272 -16.96 -5.50 19.19
N HIS F 273 -15.72 -5.06 19.31
CA HIS F 273 -14.74 -5.73 20.17
C HIS F 273 -13.80 -4.72 20.81
N LEU F 274 -14.36 -3.61 21.26
CA LEU F 274 -13.60 -2.60 22.00
C LEU F 274 -13.69 -2.85 23.50
N ASP F 275 -12.57 -3.22 24.12
CA ASP F 275 -12.55 -3.52 25.55
C ASP F 275 -12.76 -2.28 26.41
N SER F 276 -12.58 -2.44 27.71
CA SER F 276 -12.77 -1.35 28.67
C SER F 276 -11.83 -0.18 28.38
N LYS F 277 -10.67 -0.49 27.83
CA LYS F 277 -9.67 0.53 27.52
C LYS F 277 -9.92 1.16 26.15
N ASN F 278 -11.05 0.84 25.55
CA ASN F 278 -11.39 1.27 24.19
C ASN F 278 -10.35 0.86 23.15
N GLU F 279 -10.00 -0.43 23.14
CA GLU F 279 -9.06 -0.97 22.16
C GLU F 279 -9.66 -2.20 21.50
N TYR F 280 -9.33 -2.40 20.23
CA TYR F 280 -9.78 -3.59 19.51
C TYR F 280 -9.03 -4.81 20.03
N SER F 281 -9.73 -5.64 20.80
CA SER F 281 -9.09 -6.77 21.49
C SER F 281 -8.81 -7.95 20.56
N MET F 282 -9.64 -8.12 19.55
CA MET F 282 -9.53 -9.27 18.65
C MET F 282 -8.54 -9.05 17.53
N SER F 283 -7.67 -8.05 17.67
CA SER F 283 -6.69 -7.74 16.62
C SER F 283 -5.68 -8.87 16.39
N THR F 284 -5.58 -9.78 17.35
CA THR F 284 -4.68 -10.92 17.22
C THR F 284 -5.47 -12.21 17.11
N VAL F 285 -6.79 -12.10 17.17
CA VAL F 285 -7.66 -13.26 17.17
C VAL F 285 -8.35 -13.47 15.82
N LEU F 286 -8.93 -12.39 15.29
CA LEU F 286 -9.70 -12.46 14.05
C LEU F 286 -8.91 -11.93 12.86
N GLU F 287 -9.23 -12.48 11.68
CA GLU F 287 -8.62 -12.04 10.44
C GLU F 287 -9.02 -10.61 10.11
N TYR F 288 -8.30 -9.99 9.19
CA TYR F 288 -8.72 -8.70 8.65
C TYR F 288 -10.05 -8.89 7.95
N PRO F 289 -10.95 -7.90 8.07
CA PRO F 289 -12.23 -7.98 7.35
C PRO F 289 -12.04 -7.96 5.84
N THR F 290 -13.01 -8.54 5.13
CA THR F 290 -12.99 -8.55 3.67
C THR F 290 -13.76 -7.35 3.14
N ILE F 291 -13.56 -7.01 1.87
CA ILE F 291 -14.30 -5.91 1.25
C ILE F 291 -15.80 -6.18 1.32
N GLY F 292 -16.19 -7.42 1.02
CA GLY F 292 -17.58 -7.83 1.14
C GLY F 292 -18.14 -7.58 2.52
N GLN F 293 -17.35 -7.91 3.53
CA GLN F 293 -17.74 -7.68 4.93
C GLN F 293 -17.85 -6.20 5.25
N LEU F 294 -16.84 -5.43 4.84
CA LEU F 294 -16.86 -3.98 5.05
C LEU F 294 -18.08 -3.32 4.40
N ILE F 295 -18.35 -3.67 3.16
CA ILE F 295 -19.51 -3.15 2.42
C ILE F 295 -20.81 -3.45 3.17
N ASP F 296 -20.88 -4.65 3.74
CA ASP F 296 -22.08 -5.08 4.46
C ASP F 296 -22.33 -4.26 5.72
N LYS F 297 -21.25 -3.87 6.41
CA LYS F 297 -21.39 -3.11 7.65
C LYS F 297 -21.45 -1.60 7.44
N LEU F 298 -20.71 -1.11 6.44
CA LEU F 298 -20.77 0.31 6.09
C LEU F 298 -22.17 0.71 5.63
N VAL F 299 -22.82 -0.19 4.89
CA VAL F 299 -24.17 0.04 4.43
C VAL F 299 -25.18 -0.05 5.57
N GLN F 300 -25.09 -1.13 6.34
CA GLN F 300 -26.01 -1.37 7.45
C GLN F 300 -25.95 -0.24 8.48
N ASN F 301 -24.74 0.21 8.79
CA ASN F 301 -24.56 1.31 9.74
C ASN F 301 -24.60 2.67 9.06
N ASN F 302 -24.86 2.65 7.75
CA ASN F 302 -25.02 3.86 6.95
C ASN F 302 -23.83 4.82 7.07
N VAL F 303 -22.63 4.26 7.01
CA VAL F 303 -21.41 5.05 7.12
C VAL F 303 -20.81 5.34 5.74
N LEU F 304 -20.40 6.58 5.53
CA LEU F 304 -19.75 6.98 4.29
C LEU F 304 -18.24 7.03 4.48
N LEU F 305 -17.52 6.33 3.60
CA LEU F 305 -16.08 6.16 3.75
C LEU F 305 -15.27 7.11 2.86
N ILE F 306 -14.46 7.95 3.48
CA ILE F 306 -13.62 8.89 2.74
C ILE F 306 -12.14 8.54 2.85
N PHE F 307 -11.56 8.04 1.77
CA PHE F 307 -10.16 7.67 1.74
C PHE F 307 -9.27 8.88 1.53
N ALA F 308 -8.69 9.40 2.60
CA ALA F 308 -7.69 10.45 2.50
C ALA F 308 -6.31 9.82 2.38
N VAL F 309 -5.97 9.40 1.16
CA VAL F 309 -4.71 8.71 0.93
C VAL F 309 -3.76 9.53 0.05
N THR F 310 -2.47 9.26 0.18
CA THR F 310 -1.46 9.97 -0.61
C THR F 310 -1.40 9.40 -2.01
N GLN F 311 -0.68 10.06 -2.90
CA GLN F 311 -0.45 9.50 -4.23
C GLN F 311 0.38 8.23 -4.07
N GLU F 312 0.55 7.49 -5.16
CA GLU F 312 1.11 6.15 -5.16
C GLU F 312 0.17 5.19 -4.44
N GLN F 313 -1.02 5.68 -4.10
CA GLN F 313 -2.00 4.93 -3.34
C GLN F 313 -3.42 5.34 -3.72
N VAL F 314 -3.54 6.49 -4.35
CA VAL F 314 -4.85 7.02 -4.76
C VAL F 314 -5.54 6.06 -5.73
N HIS F 315 -4.77 5.52 -6.67
CA HIS F 315 -5.30 4.56 -7.64
C HIS F 315 -5.97 3.39 -6.94
N LEU F 316 -5.22 2.76 -6.03
CA LEU F 316 -5.67 1.57 -5.31
C LEU F 316 -6.98 1.79 -4.56
N TYR F 317 -7.06 2.88 -3.80
CA TYR F 317 -8.26 3.14 -3.00
C TYR F 317 -9.42 3.67 -3.84
N GLU F 318 -9.11 4.18 -5.03
CA GLU F 318 -10.15 4.59 -5.97
C GLU F 318 -10.92 3.38 -6.45
N ASN F 319 -10.20 2.31 -6.75
CA ASN F 319 -10.80 1.05 -7.18
C ASN F 319 -11.60 0.38 -6.07
N TYR F 320 -11.09 0.46 -4.84
CA TYR F 320 -11.83 -0.04 -3.69
C TYR F 320 -13.14 0.71 -3.53
N ALA F 321 -13.07 2.04 -3.67
CA ALA F 321 -14.22 2.90 -3.45
C ALA F 321 -15.34 2.69 -4.47
N LYS F 322 -14.99 2.18 -5.65
CA LYS F 322 -15.99 1.85 -6.66
C LYS F 322 -16.90 0.72 -6.18
N LEU F 323 -16.34 -0.18 -5.37
CA LEU F 323 -17.08 -1.33 -4.86
C LEU F 323 -17.91 -0.97 -3.63
N ILE F 324 -17.47 0.06 -2.91
CA ILE F 324 -18.11 0.47 -1.67
C ILE F 324 -19.04 1.67 -1.89
N PRO F 325 -20.35 1.46 -1.74
CA PRO F 325 -21.33 2.52 -1.98
C PRO F 325 -21.19 3.69 -1.01
N GLY F 326 -21.00 4.89 -1.55
CA GLY F 326 -20.87 6.08 -0.74
C GLY F 326 -19.42 6.43 -0.44
N ALA F 327 -18.49 5.68 -1.02
CA ALA F 327 -17.08 5.90 -0.75
C ALA F 327 -16.41 6.81 -1.78
N THR F 328 -15.61 7.74 -1.29
CA THR F 328 -14.85 8.64 -2.15
C THR F 328 -13.38 8.64 -1.72
N VAL F 329 -12.53 9.23 -2.53
CA VAL F 329 -11.11 9.34 -2.20
C VAL F 329 -10.65 10.79 -2.28
N GLY F 330 -9.48 11.07 -1.72
CA GLY F 330 -8.90 12.40 -1.75
C GLY F 330 -7.39 12.36 -1.67
N LEU F 331 -6.74 13.12 -2.55
CA LEU F 331 -5.29 13.15 -2.59
C LEU F 331 -4.69 13.85 -1.37
N LEU F 332 -4.02 13.08 -0.54
CA LEU F 332 -3.38 13.61 0.66
C LEU F 332 -1.89 13.89 0.40
N GLN F 333 -1.34 14.87 1.09
CA GLN F 333 0.07 15.23 0.92
C GLN F 333 0.97 14.51 1.92
N LYS F 334 2.27 14.51 1.65
CA LYS F 334 3.25 13.90 2.55
C LYS F 334 3.25 14.60 3.89
N ASP F 335 2.98 15.90 3.87
CA ASP F 335 2.85 16.68 5.10
C ASP F 335 1.42 16.65 5.59
N SER F 336 0.52 16.20 4.71
CA SER F 336 -0.92 16.23 4.97
C SER F 336 -1.38 17.60 5.41
N GLY F 337 -0.93 18.63 4.69
CA GLY F 337 -1.31 20.00 4.99
C GLY F 337 -2.56 20.39 4.23
N ASN F 338 -3.20 19.42 3.60
CA ASN F 338 -4.41 19.66 2.83
C ASN F 338 -5.60 18.83 3.28
N ILE F 339 -5.54 18.32 4.51
CA ILE F 339 -6.63 17.53 5.08
C ILE F 339 -7.90 18.36 5.15
N LEU F 340 -7.74 19.63 5.51
CA LEU F 340 -8.85 20.56 5.60
C LEU F 340 -9.59 20.64 4.27
N GLN F 341 -8.81 20.81 3.20
CA GLN F 341 -9.35 20.95 1.86
C GLN F 341 -10.03 19.66 1.38
N LEU F 342 -9.38 18.53 1.65
CA LEU F 342 -9.91 17.23 1.23
C LEU F 342 -11.29 16.93 1.81
N ILE F 343 -11.38 16.99 3.14
CA ILE F 343 -12.61 16.63 3.85
C ILE F 343 -13.81 17.44 3.38
N ILE F 344 -13.63 18.75 3.29
CA ILE F 344 -14.72 19.62 2.88
C ILE F 344 -15.10 19.37 1.43
N SER F 345 -14.10 19.16 0.58
CA SER F 345 -14.34 18.85 -0.82
C SER F 345 -15.15 17.57 -0.98
N ALA F 346 -14.76 16.54 -0.23
CA ALA F 346 -15.45 15.26 -0.24
C ALA F 346 -16.88 15.42 0.26
N TYR F 347 -17.05 16.27 1.27
CA TYR F 347 -18.37 16.54 1.85
C TYR F 347 -19.28 17.20 0.82
N GLU F 348 -18.74 18.17 0.10
CA GLU F 348 -19.50 18.86 -0.94
C GLU F 348 -19.86 17.90 -2.05
N GLU F 349 -18.96 16.95 -2.34
CA GLU F 349 -19.20 15.93 -3.34
C GLU F 349 -20.37 15.06 -2.92
N LEU F 350 -20.39 14.69 -1.64
CA LEU F 350 -21.46 13.86 -1.09
C LEU F 350 -22.78 14.62 -1.01
N ARG F 351 -34.12 16.32 8.94
CA ARG F 351 -33.97 17.75 8.69
C ARG F 351 -34.85 18.24 7.54
N SER F 352 -35.45 17.29 6.82
CA SER F 352 -36.34 17.66 5.72
C SER F 352 -37.79 17.33 6.07
N GLU F 353 -38.00 16.77 7.26
CA GLU F 353 -39.33 16.45 7.75
C GLU F 353 -39.79 17.41 8.83
N VAL F 354 -41.08 17.71 8.85
CA VAL F 354 -41.70 18.47 9.93
C VAL F 354 -43.01 17.82 10.32
N GLU F 355 -43.08 17.31 11.54
CA GLU F 355 -44.27 16.62 12.03
C GLU F 355 -44.80 17.27 13.29
N LEU F 356 -46.11 17.49 13.34
CA LEU F 356 -46.73 18.07 14.52
C LEU F 356 -47.18 17.00 15.50
N GLU F 357 -47.31 17.39 16.76
CA GLU F 357 -47.81 16.50 17.80
C GLU F 357 -48.60 17.31 18.83
N VAL F 358 -49.72 16.74 19.27
CA VAL F 358 -50.58 17.40 20.24
C VAL F 358 -50.52 16.68 21.58
N LEU F 359 -50.30 17.43 22.65
CA LEU F 359 -50.09 16.82 23.97
C LEU F 359 -51.00 17.40 25.06
N GLY F 360 -51.45 16.53 25.95
CA GLY F 360 -52.21 16.93 27.13
C GLY F 360 -53.57 17.53 26.87
N ASP F 361 -54.13 17.30 25.69
CA ASP F 361 -55.42 17.87 25.34
C ASP F 361 -56.56 17.23 26.10
N THR F 362 -57.79 17.49 25.67
CA THR F 362 -58.95 16.83 26.22
C THR F 362 -59.20 15.53 25.46
N GLU F 363 -59.54 14.46 26.18
CA GLU F 363 -59.83 13.18 25.55
C GLU F 363 -61.02 13.33 24.60
N GLY F 364 -62.00 14.13 25.00
CA GLY F 364 -63.18 14.35 24.20
C GLY F 364 -63.09 15.64 23.40
N LEU F 365 -61.93 15.87 22.81
CA LEU F 365 -61.70 17.07 22.02
C LEU F 365 -61.59 16.71 20.54
N ASN F 366 -62.28 17.46 19.69
CA ASN F 366 -62.18 17.26 18.25
C ASN F 366 -60.97 17.95 17.64
N LEU F 367 -60.13 17.19 16.96
CA LEU F 367 -58.96 17.73 16.30
C LEU F 367 -58.82 17.22 14.87
N SER F 368 -58.41 18.10 13.96
CA SER F 368 -58.17 17.74 12.57
C SER F 368 -57.02 18.56 12.00
N PHE F 369 -56.28 17.97 11.08
CA PHE F 369 -55.07 18.59 10.57
C PHE F 369 -55.00 18.56 9.05
N THR F 370 -54.66 19.70 8.45
CA THR F 370 -54.31 19.75 7.04
C THR F 370 -52.90 20.35 6.92
N ALA F 371 -52.09 19.79 6.03
CA ALA F 371 -50.70 20.21 5.92
C ALA F 371 -50.44 21.02 4.65
N ILE F 372 -49.64 22.08 4.79
CA ILE F 372 -49.24 22.90 3.65
C ILE F 372 -47.72 22.85 3.51
N CYS F 373 -47.24 22.09 2.52
CA CYS F 373 -45.82 21.80 2.41
C CYS F 373 -45.09 22.56 1.31
N ASN F 374 -44.59 21.81 0.32
CA ASN F 374 -43.73 22.36 -0.72
C ASN F 374 -44.38 23.45 -1.57
N ASN F 375 -45.04 23.04 -2.65
CA ASN F 375 -45.63 23.98 -3.59
C ASN F 375 -46.96 24.55 -3.11
N GLY F 376 -47.10 24.71 -1.80
CA GLY F 376 -48.33 25.21 -1.22
C GLY F 376 -49.48 24.22 -1.35
N THR F 377 -49.15 22.99 -1.75
CA THR F 377 -50.15 21.94 -1.88
C THR F 377 -50.67 21.55 -0.51
N LEU F 378 -51.96 21.26 -0.43
CA LEU F 378 -52.58 20.94 0.85
C LEU F 378 -52.86 19.45 1.01
N PHE F 379 -52.50 18.92 2.18
CA PHE F 379 -52.72 17.51 2.48
C PHE F 379 -53.71 17.36 3.62
N GLN F 380 -54.95 16.98 3.28
CA GLN F 380 -55.98 16.79 4.29
C GLN F 380 -55.66 15.58 5.16
N HIS F 381 -56.12 15.61 6.41
CA HIS F 381 -55.86 14.55 7.37
C HIS F 381 -54.37 14.25 7.48
N GLN F 382 -53.56 15.29 7.58
CA GLN F 382 -52.12 15.13 7.65
C GLN F 382 -51.45 16.27 8.45
N LYS F 383 -50.56 15.89 9.36
CA LYS F 383 -49.83 16.87 10.16
C LYS F 383 -48.32 16.69 9.97
N LYS F 384 -47.94 16.24 8.80
CA LYS F 384 -46.55 15.93 8.50
C LYS F 384 -46.13 16.49 7.15
N CYS F 385 -44.98 17.18 7.12
CA CYS F 385 -44.44 17.70 5.87
C CYS F 385 -43.07 17.08 5.58
N SER F 386 -42.82 16.81 4.30
CA SER F 386 -41.58 16.14 3.90
C SER F 386 -40.88 16.86 2.75
N HIS F 387 -39.66 16.43 2.45
CA HIS F 387 -38.85 17.00 1.37
C HIS F 387 -38.69 18.51 1.50
N MET F 388 -38.05 18.94 2.59
CA MET F 388 -37.88 20.35 2.86
C MET F 388 -36.41 20.73 3.03
N LYS F 389 -35.94 21.66 2.21
CA LYS F 389 -34.62 22.21 2.41
C LYS F 389 -34.62 22.99 3.72
N VAL F 390 -33.60 22.77 4.54
CA VAL F 390 -33.55 23.37 5.87
C VAL F 390 -33.64 24.90 5.78
N GLY F 391 -34.83 25.42 6.02
CA GLY F 391 -35.11 26.83 5.88
C GLY F 391 -36.52 27.04 5.35
N ASP F 392 -37.03 26.04 4.64
CA ASP F 392 -38.40 26.05 4.15
C ASP F 392 -39.38 26.04 5.32
N THR F 393 -40.52 26.69 5.14
CA THR F 393 -41.51 26.75 6.20
C THR F 393 -42.66 25.78 5.94
N ALA F 394 -43.23 25.24 7.03
CA ALA F 394 -44.33 24.30 6.94
C ALA F 394 -45.51 24.83 7.75
N SER F 395 -46.65 25.00 7.09
CA SER F 395 -47.85 25.52 7.75
C SER F 395 -48.91 24.44 7.94
N PHE F 396 -49.50 24.42 9.12
CA PHE F 396 -50.54 23.44 9.44
C PHE F 396 -51.80 24.12 9.93
N SER F 397 -52.95 23.68 9.42
CA SER F 397 -54.23 24.19 9.88
C SER F 397 -54.87 23.23 10.87
N VAL F 398 -54.74 23.54 12.16
CA VAL F 398 -55.27 22.70 13.22
C VAL F 398 -56.66 23.18 13.66
N THR F 399 -57.66 22.34 13.45
CA THR F 399 -59.03 22.68 13.79
C THR F 399 -59.41 22.09 15.14
N VAL F 400 -59.71 22.96 16.10
CA VAL F 400 -60.06 22.52 17.45
C VAL F 400 -61.54 22.75 17.75
N ASN F 401 -62.17 21.78 18.39
CA ASN F 401 -63.57 21.89 18.75
C ASN F 401 -63.94 21.07 19.97
N ILE F 402 -64.77 21.64 20.83
CA ILE F 402 -65.31 20.91 21.97
C ILE F 402 -66.81 20.71 21.75
N PRO F 403 -67.27 19.45 21.80
CA PRO F 403 -68.66 19.10 21.52
C PRO F 403 -69.64 19.59 22.59
N HIS F 404 -69.24 19.55 23.85
CA HIS F 404 -70.13 19.96 24.93
C HIS F 404 -69.45 20.93 25.89
N CYS F 405 -70.25 21.60 26.70
CA CYS F 405 -69.74 22.58 27.65
C CYS F 405 -68.90 21.92 28.75
N GLU F 406 -67.63 22.34 28.85
CA GLU F 406 -66.75 21.83 29.90
C GLU F 406 -66.66 22.84 31.03
N ARG F 407 -66.34 22.38 32.22
CA ARG F 407 -66.26 23.25 33.38
C ARG F 407 -64.98 24.08 33.42
N ARG F 408 -63.84 23.45 33.16
CA ARG F 408 -62.55 24.14 33.25
C ARG F 408 -61.72 24.01 31.98
N SER F 409 -60.79 24.94 31.82
CA SER F 409 -59.96 25.00 30.61
C SER F 409 -58.98 23.83 30.52
N ARG F 410 -58.52 23.54 29.30
CA ARG F 410 -57.56 22.47 29.09
C ARG F 410 -56.23 23.01 28.59
N HIS F 411 -55.14 22.54 29.20
CA HIS F 411 -53.79 22.96 28.82
C HIS F 411 -53.22 22.03 27.76
N ILE F 412 -53.10 22.54 26.53
CA ILE F 412 -52.66 21.74 25.40
C ILE F 412 -51.34 22.29 24.84
N ILE F 413 -50.52 21.39 24.30
CA ILE F 413 -49.23 21.78 23.71
C ILE F 413 -49.09 21.24 22.28
N ILE F 414 -48.94 22.14 21.32
CA ILE F 414 -48.64 21.75 19.95
C ILE F 414 -47.19 22.05 19.64
N LYS F 415 -46.43 21.02 19.33
CA LYS F 415 -45.00 21.18 19.06
C LYS F 415 -44.56 20.35 17.86
N PRO F 416 -43.43 20.74 17.24
CA PRO F 416 -42.84 19.89 16.20
C PRO F 416 -42.08 18.73 16.83
N VAL F 417 -42.16 17.56 16.21
CA VAL F 417 -41.53 16.37 16.75
C VAL F 417 -40.00 16.49 16.77
N GLY F 418 -39.42 16.30 17.95
CA GLY F 418 -37.97 16.33 18.09
C GLY F 418 -37.42 17.69 18.48
N LEU F 419 -38.16 18.75 18.14
CA LEU F 419 -37.73 20.11 18.44
C LEU F 419 -38.29 20.61 19.76
N GLY F 420 -37.53 21.46 20.45
CA GLY F 420 -37.89 21.93 21.77
C GLY F 420 -39.02 22.94 21.79
N ASP F 421 -39.09 23.77 20.77
CA ASP F 421 -40.11 24.83 20.69
C ASP F 421 -41.52 24.25 20.70
N ALA F 422 -42.46 25.02 21.25
CA ALA F 422 -43.84 24.55 21.42
C ALA F 422 -44.87 25.66 21.44
N LEU F 423 -46.07 25.34 20.97
CA LEU F 423 -47.19 26.27 20.99
C LEU F 423 -48.16 25.89 22.11
N GLU F 424 -48.22 26.73 23.14
CA GLU F 424 -49.09 26.47 24.28
C GLU F 424 -50.51 26.95 24.00
N LEU F 425 -51.49 26.10 24.31
CA LEU F 425 -52.89 26.44 24.08
C LEU F 425 -53.70 26.41 25.35
N LEU F 426 -54.27 27.55 25.71
CA LEU F 426 -55.23 27.61 26.81
C LEU F 426 -56.63 27.58 26.21
N VAL F 427 -57.26 26.41 26.22
CA VAL F 427 -58.59 26.26 25.65
C VAL F 427 -59.66 26.31 26.73
N SER F 428 -60.32 27.46 26.84
CA SER F 428 -61.37 27.65 27.83
C SER F 428 -62.73 27.73 27.14
N PRO F 429 -63.75 27.08 27.72
CA PRO F 429 -65.09 27.05 27.13
C PRO F 429 -65.95 28.25 27.51
N GLU F 430 -66.92 28.58 26.67
CA GLU F 430 -67.88 29.64 26.96
C GLU F 430 -69.31 29.12 26.90
N CYS F 431 -69.94 28.99 28.06
CA CYS F 431 -71.27 28.38 28.11
C CYS F 431 -72.28 29.24 28.87
N ASN F 432 -71.84 30.39 29.38
CA ASN F 432 -72.70 31.23 30.20
C ASN F 432 -73.11 32.55 29.56
N CYS F 433 -74.30 33.02 29.92
CA CYS F 433 -74.78 34.32 29.49
C CYS F 433 -74.54 35.37 30.57
N ASP F 434 -74.33 36.61 30.16
CA ASP F 434 -74.03 37.70 31.08
C ASP F 434 -75.25 38.10 31.91
N CYS F 435 -76.44 37.78 31.42
CA CYS F 435 -77.67 38.15 32.10
C CYS F 435 -77.92 37.27 33.32
N GLN F 436 -77.06 36.27 33.51
CA GLN F 436 -77.15 35.38 34.66
C GLN F 436 -76.16 35.82 35.75
N LYS F 437 -75.88 37.11 35.81
CA LYS F 437 -74.98 37.65 36.81
C LYS F 437 -75.71 38.64 37.73
N VAL F 439 -78.77 38.92 38.05
CA VAL F 439 -79.80 38.19 38.78
C VAL F 439 -80.25 38.92 40.03
N GLU F 440 -81.45 39.48 39.97
CA GLU F 440 -82.02 40.19 41.11
C GLU F 440 -82.99 39.28 41.87
N VAL F 441 -82.48 38.64 42.93
CA VAL F 441 -83.30 37.74 43.73
C VAL F 441 -84.37 38.52 44.49
N ASN F 442 -85.62 38.09 44.34
CA ASN F 442 -86.77 38.76 44.94
C ASN F 442 -86.85 40.23 44.57
N SER F 443 -86.73 40.52 43.28
CA SER F 443 -86.77 41.89 42.78
C SER F 443 -88.20 42.43 42.79
N SER F 444 -88.32 43.75 42.76
CA SER F 444 -89.63 44.40 42.78
C SER F 444 -90.27 44.41 41.38
N LYS F 445 -89.57 43.84 40.42
CA LYS F 445 -90.07 43.77 39.05
C LYS F 445 -91.11 42.67 38.88
N CYS F 446 -91.15 41.74 39.84
CA CYS F 446 -92.07 40.61 39.76
C CYS F 446 -92.94 40.46 41.00
N HIS F 447 -93.99 41.26 41.07
CA HIS F 447 -94.97 41.19 42.15
C HIS F 447 -94.36 41.33 43.54
N ASN F 448 -93.73 42.47 43.80
CA ASN F 448 -93.19 42.81 45.12
C ASN F 448 -92.21 41.80 45.70
N GLY F 449 -91.51 41.07 44.83
CA GLY F 449 -90.48 40.15 45.28
C GLY F 449 -90.91 38.70 45.36
N ASN F 450 -91.92 38.34 44.58
CA ASN F 450 -92.38 36.95 44.54
C ASN F 450 -91.54 36.07 43.63
N GLY F 451 -90.61 36.68 42.91
CA GLY F 451 -89.73 35.96 42.00
C GLY F 451 -88.45 36.69 41.69
N SER F 452 -87.48 35.98 41.14
CA SER F 452 -86.19 36.58 40.79
C SER F 452 -86.16 37.01 39.33
N PHE F 453 -85.57 38.16 39.06
CA PHE F 453 -85.49 38.68 37.70
C PHE F 453 -84.10 38.45 37.09
N GLN F 454 -84.07 37.65 36.03
CA GLN F 454 -82.83 37.35 35.34
C GLN F 454 -83.07 37.09 33.85
N CYS F 455 -82.18 37.60 33.01
CA CYS F 455 -82.26 37.44 31.56
C CYS F 455 -83.52 38.02 30.92
N GLY F 456 -83.99 39.13 31.47
CA GLY F 456 -85.16 39.81 30.93
C GLY F 456 -86.43 39.00 31.05
N VAL F 457 -86.41 37.97 31.90
CA VAL F 457 -87.56 37.12 32.11
C VAL F 457 -87.70 36.74 33.59
N CYS F 458 -88.84 37.08 34.18
CA CYS F 458 -89.06 36.82 35.60
C CYS F 458 -89.24 35.33 35.91
N ALA F 459 -88.29 34.77 36.64
CA ALA F 459 -88.39 33.37 37.07
C ALA F 459 -89.10 33.30 38.42
N CYS F 460 -90.42 33.10 38.36
CA CYS F 460 -91.25 33.12 39.57
C CYS F 460 -91.01 31.92 40.49
N HIS F 461 -91.42 32.08 41.74
CA HIS F 461 -91.34 31.02 42.73
C HIS F 461 -92.72 30.39 42.90
N PRO F 462 -92.78 29.12 43.32
CA PRO F 462 -94.02 28.34 43.46
C PRO F 462 -95.18 29.12 44.08
N GLY F 463 -96.33 29.08 43.42
CA GLY F 463 -97.51 29.80 43.87
C GLY F 463 -98.12 30.63 42.77
N HIS F 464 -97.32 30.93 41.75
CA HIS F 464 -97.77 31.73 40.62
C HIS F 464 -97.28 31.12 39.31
N MET F 465 -98.20 30.94 38.37
CA MET F 465 -97.90 30.24 37.12
C MET F 465 -97.72 31.19 35.94
N GLY F 466 -98.25 32.40 36.05
CA GLY F 466 -98.20 33.37 34.97
C GLY F 466 -96.80 33.79 34.56
N PRO F 467 -96.70 34.58 33.48
CA PRO F 467 -95.42 35.10 32.97
C PRO F 467 -94.69 35.88 34.04
N ARG F 468 -95.44 36.69 34.79
CA ARG F 468 -94.94 37.29 36.02
C ARG F 468 -95.75 36.75 37.17
N CYS F 469 -95.28 36.98 38.39
CA CYS F 469 -95.90 36.38 39.57
C CYS F 469 -97.21 37.07 39.98
N GLU F 470 -97.88 37.68 39.00
CA GLU F 470 -99.13 38.36 39.24
C GLU F 470 -100.26 37.37 39.46
C1 NAG G . 12.44 -21.87 -20.62
C2 NAG G . 12.22 -20.67 -21.54
C3 NAG G . 10.94 -20.80 -22.36
C4 NAG G . 10.78 -22.19 -22.97
C5 NAG G . 11.10 -23.28 -21.95
C6 NAG G . 11.07 -24.67 -22.58
C7 NAG G . 13.14 -18.53 -20.86
C8 NAG G . 12.74 -17.11 -20.61
N2 NAG G . 12.19 -19.46 -20.75
O3 NAG G . 10.96 -19.80 -23.35
O4 NAG G . 9.46 -22.38 -23.43
O5 NAG G . 12.36 -23.07 -21.36
O6 NAG G . 12.06 -24.77 -23.58
O7 NAG G . 14.30 -18.82 -21.15
C1 NAG G . 9.30 -21.95 -24.80
C2 NAG G . 8.58 -23.04 -25.59
C3 NAG G . 8.29 -22.59 -27.02
C4 NAG G . 7.64 -21.21 -27.03
C5 NAG G . 8.46 -20.22 -26.21
C6 NAG G . 7.79 -18.85 -26.18
C7 NAG G . 8.84 -25.39 -25.10
C8 NAG G . 9.50 -26.67 -25.53
N2 NAG G . 9.34 -24.27 -25.59
O3 NAG G . 7.43 -23.52 -27.64
O4 NAG G . 7.53 -20.75 -28.36
O5 NAG G . 8.62 -20.71 -24.89
O6 NAG G . 8.51 -17.99 -25.35
O7 NAG G . 7.88 -25.42 -24.32
C1 MAN G . 8.59 -20.15 -29.12
C2 MAN G . 8.00 -20.14 -30.52
C3 MAN G . 9.11 -19.98 -31.56
C4 MAN G . 9.98 -18.77 -31.23
C5 MAN G . 10.45 -18.84 -29.78
C6 MAN G . 11.26 -17.59 -29.42
O1 MAN G . 9.50 -21.24 -29.01
O2 MAN G . 7.08 -19.04 -30.65
O3 MAN G . 8.53 -19.82 -32.85
O4 MAN G . 11.12 -18.75 -32.10
O5 MAN G . 9.32 -18.93 -28.91
O6 MAN G . 11.70 -17.69 -28.06
C1 NAG H . 5.93 -13.07 -15.97
C2 NAG H . 7.05 -12.33 -16.68
C3 NAG H . 8.22 -12.05 -15.75
C4 NAG H . 7.68 -11.31 -14.53
C5 NAG H . 6.37 -11.88 -14.02
C6 NAG H . 5.67 -10.93 -13.03
C7 NAG H . 6.99 -12.55 -19.11
C8 NAG H . 7.45 -13.39 -20.29
N2 NAG H . 7.35 -13.02 -17.91
O3 NAG H . 9.12 -11.20 -16.45
O4 NAG H . 8.57 -11.27 -13.42
O5 NAG H . 5.47 -12.03 -15.10
O6 NAG H . 4.41 -11.45 -12.69
O7 NAG H . 6.72 -11.38 -19.33
C1 NAG H . 9.47 -10.25 -13.51
C2 NAG H . 10.39 -10.22 -12.29
C3 NAG H . 10.99 -8.83 -12.28
C4 NAG H . 11.85 -8.68 -13.53
C5 NAG H . 11.04 -9.01 -14.79
C6 NAG H . 11.90 -9.30 -16.01
C7 NAG H . 9.90 -11.32 -10.16
C8 NAG H . 8.78 -11.66 -9.20
N2 NAG H . 9.59 -10.42 -11.10
O3 NAG H . 11.74 -8.63 -11.10
O4 NAG H . 12.18 -7.28 -13.65
O5 NAG H . 10.29 -10.19 -14.68
O6 NAG H . 12.75 -10.42 -15.85
O7 NAG H . 10.89 -12.02 -10.27
C1 MAN H . 13.53 -7.17 -13.35
C2 MAN H . 14.18 -6.88 -12.01
C3 MAN H . 14.95 -5.56 -12.04
C4 MAN H . 15.95 -5.57 -13.20
C5 MAN H . 15.21 -5.95 -14.48
C6 MAN H . 16.25 -6.19 -15.56
O2 MAN H . 14.93 -8.03 -11.65
O3 MAN H . 15.68 -5.35 -10.83
O4 MAN H . 16.42 -4.27 -13.48
O5 MAN H . 14.49 -7.15 -14.39
O6 MAN H . 16.87 -7.48 -15.50
C1 MAN I . 20.27 -8.73 -11.73
C2 MAN I . 21.65 -9.07 -11.19
C3 MAN I . 21.86 -10.58 -11.33
C4 MAN I . 20.75 -11.36 -10.61
C5 MAN I . 19.41 -10.90 -11.20
C6 MAN I . 18.28 -11.42 -10.34
O2 MAN I . 21.80 -8.67 -9.81
O3 MAN I . 23.16 -10.83 -10.85
O4 MAN I . 21.15 -12.70 -10.89
O5 MAN I . 19.23 -9.50 -11.16
O6 MAN I . 17.03 -11.39 -11.00
C1 MAN I . 22.45 -8.51 -8.70
C2 MAN I . 23.32 -7.46 -9.42
C3 MAN I . 24.67 -8.11 -9.70
C4 MAN I . 25.27 -8.94 -8.57
C5 MAN I . 24.25 -9.94 -8.06
C6 MAN I . 24.74 -10.52 -6.73
O2 MAN I . 23.54 -6.38 -8.55
O3 MAN I . 25.68 -7.20 -10.12
O4 MAN I . 26.36 -9.58 -9.22
O5 MAN I . 23.10 -9.22 -7.67
O6 MAN I . 23.93 -11.59 -6.27
C1 NAG J . -52.77 -59.60 -33.13
C2 NAG J . -51.51 -58.91 -33.65
C3 NAG J . -50.32 -59.85 -33.62
C4 NAG J . -50.17 -60.47 -32.24
C5 NAG J . -51.49 -61.14 -31.83
C6 NAG J . -51.37 -61.75 -30.43
C7 NAG J . -52.35 -57.27 -35.22
C8 NAG J . -53.73 -57.39 -35.81
N2 NAG J . -51.73 -58.42 -34.99
O3 NAG J . -49.12 -59.14 -33.95
O4 NAG J . -49.13 -61.45 -32.25
O5 NAG J . -52.55 -60.18 -31.84
O6 NAG J . -51.22 -60.70 -29.47
O7 NAG J . -51.83 -56.19 -34.98
C1 NAG J . -47.91 -61.01 -32.52
C2 NAG J . -46.98 -61.61 -31.46
C3 NAG J . -45.59 -61.00 -31.53
C4 NAG J . -45.06 -61.07 -32.95
C5 NAG J . -46.05 -60.41 -33.90
C6 NAG J . -45.54 -60.50 -35.34
C7 NAG J . -48.47 -62.27 -29.67
C8 NAG J . -48.93 -61.99 -28.27
N2 NAG J . -47.55 -61.44 -30.14
O3 NAG J . -44.71 -61.72 -30.64
O4 NAG J . -43.80 -60.39 -33.02
O5 NAG J . -47.32 -61.07 -33.81
O6 NAG J . -45.51 -61.86 -35.76
O7 NAG J . -48.92 -63.19 -30.33
C1 MAN J . -42.78 -61.24 -32.46
C2 MAN J . -41.41 -60.59 -32.69
C3 MAN J . -41.07 -60.55 -34.17
C4 MAN J . -41.23 -61.93 -34.79
C5 MAN J . -42.61 -62.50 -34.46
C6 MAN J . -42.77 -63.91 -35.02
O2 MAN J . -40.42 -61.34 -31.99
O3 MAN J . -39.72 -60.11 -34.34
O4 MAN J . -41.09 -61.84 -36.21
O5 MAN J . -42.79 -62.53 -33.05
O6 MAN J . -44.08 -64.40 -34.72
C1 MAN J . -39.68 -58.99 -35.26
C2 MAN J . -39.65 -58.15 -36.53
C3 MAN J . -39.53 -56.68 -36.18
C4 MAN J . -40.59 -56.28 -35.16
C5 MAN J . -40.58 -57.22 -33.97
C6 MAN J . -41.68 -56.87 -32.98
O2 MAN J . -40.87 -58.36 -37.26
O3 MAN J . -39.67 -55.89 -37.36
O4 MAN J . -40.36 -54.93 -34.72
O5 MAN J . -40.75 -58.57 -34.41
O6 MAN J . -41.50 -55.51 -32.53
C1 NAG K . -37.45 -42.28 -13.95
C2 NAG K . -38.06 -40.98 -14.51
C3 NAG K . -36.99 -40.06 -15.07
C4 NAG K . -35.88 -39.87 -14.05
C5 NAG K . -35.35 -41.22 -13.59
C6 NAG K . -34.24 -41.05 -12.56
C7 NAG K . -40.26 -41.71 -15.21
C8 NAG K . -41.14 -42.07 -16.37
N2 NAG K . -39.03 -41.29 -15.53
O3 NAG K . -37.57 -38.79 -15.39
O4 NAG K . -34.81 -39.12 -14.63
O5 NAG K . -36.40 -42.00 -13.03
O6 NAG K . -33.64 -42.32 -12.30
O7 NAG K . -40.64 -41.80 -14.06
C1 NAG K . -35.09 -37.71 -14.49
C2 NAG K . -33.84 -36.90 -14.82
C3 NAG K . -34.11 -35.41 -14.73
C4 NAG K . -35.35 -35.05 -15.54
C5 NAG K . -36.53 -35.91 -15.12
C6 NAG K . -37.76 -35.59 -15.96
C7 NAG K . -32.02 -38.35 -14.16
C8 NAG K . -31.76 -39.23 -12.97
N2 NAG K . -32.76 -37.27 -13.94
O3 NAG K . -32.97 -34.69 -15.22
O4 NAG K . -35.68 -33.65 -15.45
O5 NAG K . -36.21 -37.29 -15.27
O6 NAG K . -38.02 -34.18 -15.90
O7 NAG K . -31.57 -38.62 -15.27
C1 MAN K . -35.72 -33.14 -14.10
C2 MAN K . -34.29 -32.74 -13.72
C3 MAN K . -34.26 -32.14 -12.32
C4 MAN K . -35.29 -31.02 -12.20
C5 MAN K . -36.66 -31.48 -12.68
C6 MAN K . -37.67 -30.34 -12.66
O1 MAN K . -36.18 -34.11 -13.15
O2 MAN K . -33.81 -31.78 -14.66
O3 MAN K . -32.96 -31.63 -12.04
O4 MAN K . -35.33 -30.49 -10.86
O5 MAN K . -36.55 -31.98 -14.02
O6 MAN K . -38.94 -30.81 -13.11
C1 MAN K . -36.00 -31.37 -9.92
C2 MAN K . -35.67 -30.88 -8.51
C3 MAN K . -36.38 -31.72 -7.47
C4 MAN K . -37.87 -31.79 -7.78
C5 MAN K . -38.10 -32.22 -9.22
C6 MAN K . -39.58 -32.21 -9.56
O1 MAN K . -35.56 -32.73 -10.02
O2 MAN K . -36.07 -29.51 -8.38
O3 MAN K . -36.18 -31.15 -6.17
O4 MAN K . -38.50 -32.74 -6.90
O5 MAN K . -37.41 -31.32 -10.09
O6 MAN K . -39.76 -32.63 -10.92
C1 MAN L . 18.53 -2.23 -15.39
C2 MAN L . 17.14 -1.60 -15.54
C3 MAN L . 16.19 -2.66 -16.11
C4 MAN L . 16.65 -3.29 -17.41
C5 MAN L . 18.07 -3.75 -17.14
C6 MAN L . 18.49 -4.26 -18.51
O2 MAN L . 17.08 -0.53 -16.48
O3 MAN L . 14.91 -2.10 -16.33
O4 MAN L . 15.77 -4.39 -17.53
O5 MAN L . 18.94 -2.76 -16.64
O6 MAN L . 19.82 -4.75 -18.60
C1 MAN M . 16.35 1.11 -16.86
C2 MAN M . 15.85 0.06 -17.85
C3 MAN M . 15.99 0.66 -19.25
C4 MAN M . 15.27 2.01 -19.30
C5 MAN M . 15.69 3.02 -18.23
C6 MAN M . 14.70 4.17 -18.01
O2 MAN M . 14.50 -0.32 -17.69
O3 MAN M . 15.50 -0.18 -20.27
O4 MAN M . 15.36 2.44 -20.64
O5 MAN M . 15.69 2.35 -17.00
O6 MAN M . 14.99 4.91 -16.84
C1 MAN N . 17.84 -7.50 -15.41
C2 MAN N . 18.67 -8.70 -14.97
C3 MAN N . 19.51 -8.58 -13.70
C4 MAN N . 20.40 -7.39 -13.96
C5 MAN N . 19.52 -6.21 -14.37
C6 MAN N . 20.22 -4.88 -14.63
O2 MAN N . 19.44 -9.23 -16.03
O3 MAN N . 20.27 -9.79 -13.54
O4 MAN N . 21.07 -7.10 -12.75
O5 MAN N . 18.76 -6.43 -15.53
O6 MAN N . 19.19 -3.94 -14.95
C1 NAG O . -40.10 -59.04 -3.92
C2 NAG O . -41.54 -58.56 -4.08
C3 NAG O . -41.66 -57.06 -3.89
C4 NAG O . -41.01 -56.67 -2.57
C5 NAG O . -39.58 -57.17 -2.53
C6 NAG O . -38.91 -56.80 -1.21
C7 NAG O . -42.50 -60.16 -5.64
C8 NAG O . -42.55 -60.55 -7.09
N2 NAG O . -42.04 -58.94 -5.39
O3 NAG O . -43.04 -56.68 -3.87
O4 NAG O . -41.02 -55.23 -2.44
O5 NAG O . -39.56 -58.60 -2.68
O6 NAG O . -37.52 -57.16 -1.26
O7 NAG O . -42.87 -60.91 -4.76
CA CA P . -12.53 -46.34 -2.08
CA CA Q . -14.67 -38.71 -13.13
CA CA R . 7.63 -28.72 -17.76
CA CA S . -6.76 -30.69 -19.96
C1 NAG T . -28.76 36.04 23.66
C2 NAG T . -28.40 36.48 25.07
C3 NAG T . -29.47 37.34 25.72
C4 NAG T . -30.03 38.38 24.76
C5 NAG T . -30.40 37.74 23.43
C6 NAG T . -30.92 38.76 22.44
C7 NAG T . -26.96 35.08 26.46
C8 NAG T . -26.84 33.82 27.26
N2 NAG T . -28.14 35.31 25.89
O3 NAG T . -28.92 37.99 26.86
O4 NAG T . -31.17 38.98 25.33
O5 NAG T . -29.25 37.12 22.89
O6 NAG T . -29.85 39.37 21.77
O7 NAG T . -26.00 35.84 26.36
C1 NAG U . -34.28 22.12 30.63
C2 NAG U . -34.44 22.81 31.98
C3 NAG U . -35.77 22.44 32.61
C4 NAG U . -36.91 22.66 31.62
C5 NAG U . -36.62 21.96 30.29
C6 NAG U . -37.70 22.26 29.27
C7 NAG U . -32.36 23.28 33.09
C8 NAG U . -32.35 23.99 34.42
N2 NAG U . -33.35 22.45 32.87
O3 NAG U . -36.00 23.23 33.76
O4 NAG U . -38.11 22.15 32.16
O5 NAG U . -35.37 22.37 29.78
O6 NAG U . -37.73 23.65 29.01
O7 NAG U . -31.47 23.50 32.26
#